data_4F35
#
_entry.id   4F35
#
_cell.length_a   101.330
_cell.length_b   100.870
_cell.length_c   164.568
_cell.angle_alpha   90.00
_cell.angle_beta   101.74
_cell.angle_gamma   90.00
#
_symmetry.space_group_name_H-M   'P 1 21 1'
#
loop_
_entity.id
_entity.type
_entity.pdbx_description
1 polymer 'Transporter, NadC family'
2 non-polymer 'SODIUM ION'
3 non-polymer 'nonyl beta-D-glucopyranoside'
4 non-polymer 'CITRIC ACID'
5 water water
#
_entity_poly.entity_id   1
_entity_poly.type   'polypeptide(L)'
_entity_poly.pdbx_seq_one_letter_code
;REWFLHRNSLIVLADVALFLALYHFLPFEHNVVLGIS(MSE)LAFIAVLWLTEALHVTVTAILVPV(MSE)AVFFGIFET
QAALNNFANSIIFLFLGGFALAAA(MSE)HHQGLDKVIADKVLA(MSE)AQGK(MSE)SVAVF(MSE)LFGVTALLS
(MSE)WISNTATAA(MSE)(MSE)LPLVLGVLSKVDADKQRSTYVFVLLGVAYSASIGGIATLVGSPPNAIAAAEVGLSF
TDW(MSE)KFGLPTA(MSE)(MSE)(MSE)LP(MSE)AIAILYFLLKPTLNG(MSE)FELDRAPVNWDKGKVVTLGIFGL
TVFLWIFSSPINAALGGFKSFDTLVALGAIL(MSE)LSFARVVHWKEIQKTADWGVLLLFGGGLCLSNVLKQTGTSVFLA
NALSD(MSE)VSH(MSE)GIFVVILVVATFVVFLTEFASNTASAALLIPVFATVAEAFG(MSE)SPVLLSVLIAVAASCA
F(MSE)LPVATPPNAIVFASGHIKQSE(MSE)(MSE)RVGLYLNIACIGLLTAIA(MSE)LFWQ
;
_entity_poly.pdbx_strand_id   D,B,A,C
#
loop_
_chem_comp.id
_chem_comp.type
_chem_comp.name
_chem_comp.formula
BNG D-saccharide 'nonyl beta-D-glucopyranoside' 'C15 H30 O6'
CIT non-polymer 'CITRIC ACID' 'C6 H8 O7'
NA non-polymer 'SODIUM ION' 'Na 1'
#
# COMPACT_ATOMS: atom_id res chain seq x y z
N HIS A 6 43.38 -27.05 -9.73
CA HIS A 6 43.01 -25.79 -9.08
C HIS A 6 42.32 -24.79 -10.04
N ARG A 7 42.25 -25.17 -11.32
CA ARG A 7 41.52 -24.43 -12.34
C ARG A 7 41.93 -22.97 -12.50
N ASN A 8 40.99 -22.06 -12.27
CA ASN A 8 41.17 -20.64 -12.57
C ASN A 8 42.45 -20.02 -12.00
N SER A 9 42.68 -20.20 -10.71
CA SER A 9 43.80 -19.53 -10.05
C SER A 9 45.09 -19.70 -10.84
N LEU A 10 45.30 -20.90 -11.39
CA LEU A 10 46.48 -21.17 -12.21
C LEU A 10 46.49 -20.28 -13.47
N ILE A 11 45.36 -20.22 -14.16
CA ILE A 11 45.27 -19.32 -15.31
C ILE A 11 45.69 -17.93 -14.94
N VAL A 12 45.46 -17.56 -13.69
CA VAL A 12 45.85 -16.23 -13.24
C VAL A 12 47.36 -16.17 -13.16
N LEU A 13 47.96 -17.14 -12.47
CA LEU A 13 49.41 -17.23 -12.39
C LEU A 13 50.06 -17.15 -13.77
N ALA A 14 49.56 -17.93 -14.72
CA ALA A 14 50.05 -17.80 -16.09
C ALA A 14 49.94 -16.34 -16.51
N ASP A 15 48.81 -15.71 -16.21
CA ASP A 15 48.60 -14.35 -16.65
C ASP A 15 49.68 -13.44 -16.06
N VAL A 16 50.04 -13.69 -14.80
CA VAL A 16 51.14 -12.97 -14.15
C VAL A 16 52.48 -13.33 -14.78
N ALA A 17 52.67 -14.61 -15.07
CA ALA A 17 53.89 -15.09 -15.73
C ALA A 17 54.06 -14.43 -17.09
N LEU A 18 52.97 -14.37 -17.86
CA LEU A 18 52.98 -13.66 -19.13
C LEU A 18 53.35 -12.18 -18.98
N PHE A 19 52.78 -11.51 -17.97
CA PHE A 19 53.08 -10.10 -17.73
C PHE A 19 54.57 -9.84 -17.49
N LEU A 20 55.14 -10.59 -16.56
CA LEU A 20 56.54 -10.47 -16.20
C LEU A 20 57.40 -10.76 -17.40
N ALA A 21 56.99 -11.74 -18.19
CA ALA A 21 57.66 -12.00 -19.44
C ALA A 21 57.65 -10.70 -20.22
N LEU A 22 56.48 -10.30 -20.70
CA LEU A 22 56.35 -9.14 -21.56
C LEU A 22 57.05 -7.90 -21.03
N TYR A 23 57.05 -7.74 -19.72
CA TYR A 23 57.50 -6.50 -19.09
C TYR A 23 58.99 -6.39 -19.22
N HIS A 24 59.65 -7.52 -18.97
CA HIS A 24 61.12 -7.63 -19.03
C HIS A 24 61.70 -7.85 -20.44
N PHE A 25 61.00 -8.62 -21.27
CA PHE A 25 61.48 -8.96 -22.62
C PHE A 25 60.98 -8.12 -23.79
N LEU A 26 59.96 -7.29 -23.60
CA LEU A 26 59.48 -6.54 -24.74
C LEU A 26 60.46 -5.39 -25.04
N PRO A 27 60.97 -5.35 -26.28
CA PRO A 27 61.99 -4.46 -26.80
C PRO A 27 61.50 -3.14 -27.40
N PHE A 28 60.67 -2.37 -26.69
CA PHE A 28 60.35 -1.01 -27.12
C PHE A 28 60.16 -0.04 -25.97
N GLU A 29 60.84 1.09 -26.02
CA GLU A 29 60.62 2.18 -25.08
C GLU A 29 60.40 1.64 -23.66
N HIS A 30 59.47 2.25 -22.93
CA HIS A 30 59.00 1.71 -21.67
C HIS A 30 57.48 1.77 -21.57
N ASN A 31 56.96 2.99 -21.72
CA ASN A 31 55.52 3.22 -21.70
C ASN A 31 54.78 2.18 -22.54
N VAL A 32 55.35 1.82 -23.69
CA VAL A 32 54.76 0.75 -24.50
C VAL A 32 54.94 -0.62 -23.87
N VAL A 33 56.12 -0.91 -23.35
CA VAL A 33 56.28 -2.16 -22.61
C VAL A 33 55.15 -2.34 -21.59
N LEU A 34 54.81 -1.27 -20.89
CA LEU A 34 53.76 -1.27 -19.85
C LEU A 34 52.39 -1.41 -20.49
N GLY A 35 52.12 -0.54 -21.45
CA GLY A 35 50.83 -0.50 -22.13
C GLY A 35 50.47 -1.84 -22.72
N ILE A 36 51.35 -2.36 -23.56
CA ILE A 36 51.18 -3.70 -24.12
C ILE A 36 51.08 -4.68 -22.98
N SER A 37 52.07 -4.67 -22.11
CA SER A 37 52.09 -5.64 -21.02
C SER A 37 50.74 -5.71 -20.32
N MSE A 38 50.16 -4.54 -20.07
CA MSE A 38 48.87 -4.42 -19.43
C MSE A 38 47.68 -4.84 -20.31
O MSE A 38 46.77 -5.54 -19.85
CB MSE A 38 48.67 -3.01 -18.91
CG MSE A 38 48.09 -2.97 -17.53
SE MSE A 38 48.60 -1.34 -16.74
CE MSE A 38 48.08 -0.18 -18.17
N LEU A 39 47.70 -4.41 -21.59
CA LEU A 39 46.64 -4.81 -22.51
C LEU A 39 46.60 -6.33 -22.65
N ALA A 40 47.73 -6.98 -22.46
CA ALA A 40 47.75 -8.45 -22.54
C ALA A 40 47.14 -9.15 -21.32
N PHE A 41 47.69 -8.85 -20.14
CA PHE A 41 47.30 -9.46 -18.88
C PHE A 41 45.81 -9.24 -18.67
N ILE A 42 45.44 -7.97 -18.75
CA ILE A 42 44.04 -7.60 -18.79
C ILE A 42 43.26 -8.51 -19.75
N ALA A 43 43.55 -8.46 -21.06
CA ALA A 43 42.73 -9.15 -22.02
C ALA A 43 42.57 -10.61 -21.62
N VAL A 44 43.67 -11.26 -21.25
CA VAL A 44 43.65 -12.66 -20.86
C VAL A 44 42.64 -12.95 -19.75
N LEU A 45 42.54 -12.01 -18.81
CA LEU A 45 41.73 -12.15 -17.61
C LEU A 45 40.24 -11.85 -17.87
N TRP A 46 39.98 -10.98 -18.84
CA TRP A 46 38.62 -10.65 -19.19
C TRP A 46 38.02 -11.69 -20.08
N LEU A 47 38.77 -12.06 -21.12
CA LEU A 47 38.53 -13.29 -21.83
C LEU A 47 38.95 -14.33 -20.80
N THR A 48 38.56 -15.57 -20.97
CA THR A 48 38.37 -16.49 -19.85
C THR A 48 37.50 -15.67 -18.94
N GLU A 49 37.41 -16.03 -17.67
CA GLU A 49 37.28 -15.07 -16.61
C GLU A 49 37.88 -15.85 -15.48
N ALA A 50 39.08 -15.53 -15.04
CA ALA A 50 39.58 -16.23 -13.88
C ALA A 50 39.37 -15.40 -12.62
N LEU A 51 39.08 -14.11 -12.84
CA LEU A 51 38.99 -13.14 -11.74
C LEU A 51 37.58 -12.71 -11.28
N HIS A 52 36.57 -13.24 -11.94
CA HIS A 52 35.37 -12.48 -12.26
C HIS A 52 35.82 -11.39 -13.23
N VAL A 53 35.15 -10.26 -13.17
CA VAL A 53 35.13 -9.33 -14.30
C VAL A 53 35.30 -7.96 -13.71
N THR A 54 34.30 -7.64 -12.90
CA THR A 54 34.32 -6.51 -12.00
C THR A 54 35.63 -6.50 -11.21
N VAL A 55 36.10 -7.65 -10.74
CA VAL A 55 37.41 -7.68 -10.08
C VAL A 55 38.54 -7.23 -11.03
N THR A 56 38.54 -7.83 -12.21
CA THR A 56 39.38 -7.36 -13.29
C THR A 56 39.29 -5.84 -13.55
N ALA A 57 38.08 -5.28 -13.54
CA ALA A 57 37.91 -3.86 -13.90
C ALA A 57 38.51 -2.91 -12.86
N ILE A 58 38.52 -3.34 -11.61
CA ILE A 58 39.07 -2.54 -10.52
C ILE A 58 40.57 -2.53 -10.70
N LEU A 59 41.08 -3.68 -11.12
CA LEU A 59 42.48 -3.90 -11.38
C LEU A 59 43.05 -2.93 -12.40
N VAL A 60 42.26 -2.56 -13.40
CA VAL A 60 42.75 -1.64 -14.42
C VAL A 60 43.28 -0.35 -13.77
N PRO A 61 42.41 0.38 -13.05
CA PRO A 61 42.89 1.52 -12.29
C PRO A 61 44.05 1.20 -11.36
N VAL A 62 43.99 0.14 -10.55
CA VAL A 62 45.04 -0.04 -9.56
C VAL A 62 46.45 -0.16 -10.15
N MSE A 63 46.60 -0.99 -11.18
CA MSE A 63 47.88 -1.08 -11.89
C MSE A 63 48.25 0.33 -12.40
O MSE A 63 49.29 0.90 -12.06
CB MSE A 63 47.82 -2.06 -13.08
CG MSE A 63 47.78 -3.59 -12.75
SE MSE A 63 47.72 -4.89 -14.29
CE MSE A 63 46.15 -4.23 -15.23
N ALA A 64 47.34 0.92 -13.19
CA ALA A 64 47.58 2.22 -13.78
C ALA A 64 48.15 3.23 -12.81
N VAL A 65 47.69 3.24 -11.55
CA VAL A 65 48.28 4.20 -10.59
C VAL A 65 49.57 3.72 -9.96
N PHE A 66 49.73 2.42 -9.78
CA PHE A 66 50.98 1.97 -9.22
C PHE A 66 52.13 2.05 -10.21
N PHE A 67 51.83 1.88 -11.50
CA PHE A 67 52.84 2.05 -12.55
C PHE A 67 52.90 3.52 -12.97
N GLY A 68 52.19 4.35 -12.21
CA GLY A 68 52.32 5.77 -12.36
C GLY A 68 51.65 6.38 -13.57
N ILE A 69 50.94 5.60 -14.35
CA ILE A 69 50.40 6.16 -15.57
C ILE A 69 49.51 7.35 -15.30
N PHE A 70 48.63 7.17 -14.31
CA PHE A 70 47.69 8.17 -13.88
C PHE A 70 47.83 8.32 -12.40
N GLU A 71 47.24 9.39 -11.91
CA GLU A 71 47.12 9.62 -10.48
C GLU A 71 45.78 9.07 -9.99
N THR A 72 45.76 8.63 -8.74
CA THR A 72 44.63 7.88 -8.21
C THR A 72 43.25 8.44 -8.62
N GLN A 73 42.90 9.64 -8.18
CA GLN A 73 41.60 10.18 -8.54
C GLN A 73 41.40 10.09 -10.05
N ALA A 74 42.22 10.79 -10.81
CA ALA A 74 41.96 10.93 -12.24
C ALA A 74 41.67 9.61 -12.91
N ALA A 75 42.24 8.54 -12.32
CA ALA A 75 41.95 7.17 -12.75
C ALA A 75 40.53 6.75 -12.35
N LEU A 76 40.27 6.93 -11.06
CA LEU A 76 38.97 6.64 -10.47
C LEU A 76 37.84 7.44 -11.09
N ASN A 77 38.15 8.61 -11.64
CA ASN A 77 37.15 9.52 -12.17
C ASN A 77 36.43 8.95 -13.37
N ASN A 78 36.96 7.83 -13.85
CA ASN A 78 36.48 7.16 -15.04
C ASN A 78 35.23 6.39 -14.70
N PHE A 79 35.28 5.82 -13.50
CA PHE A 79 34.15 5.14 -12.92
C PHE A 79 32.86 5.96 -12.93
N ALA A 80 32.98 7.26 -12.73
CA ALA A 80 31.82 8.15 -12.73
C ALA A 80 31.44 8.72 -14.10
N ASN A 81 32.01 8.21 -15.18
CA ASN A 81 31.64 8.72 -16.50
C ASN A 81 30.12 8.75 -16.71
N SER A 82 29.64 9.79 -17.39
CA SER A 82 28.19 10.07 -17.48
C SER A 82 27.33 8.94 -18.09
N ILE A 83 27.96 8.03 -18.81
CA ILE A 83 27.23 6.94 -19.42
C ILE A 83 26.87 5.85 -18.40
N ILE A 84 27.74 5.60 -17.43
CA ILE A 84 27.39 4.70 -16.33
C ILE A 84 26.08 5.16 -15.73
N PHE A 85 25.94 6.45 -15.53
CA PHE A 85 24.74 6.94 -14.89
C PHE A 85 23.54 6.71 -15.78
N LEU A 86 23.64 7.06 -17.05
CA LEU A 86 22.59 6.71 -18.01
C LEU A 86 22.18 5.21 -17.96
N PHE A 87 23.16 4.31 -17.81
CA PHE A 87 22.84 2.90 -17.64
C PHE A 87 22.21 2.58 -16.28
N LEU A 88 22.58 3.33 -15.23
CA LEU A 88 21.87 3.21 -13.95
C LEU A 88 20.46 3.63 -14.19
N GLY A 89 20.29 4.66 -15.00
CA GLY A 89 18.97 5.15 -15.35
C GLY A 89 18.13 4.01 -15.88
N GLY A 90 18.67 3.35 -16.89
CA GLY A 90 18.02 2.21 -17.48
C GLY A 90 17.61 1.24 -16.42
N PHE A 91 18.54 0.91 -15.52
CA PHE A 91 18.30 -0.14 -14.56
C PHE A 91 17.08 0.13 -13.69
N ALA A 92 16.89 1.39 -13.31
CA ALA A 92 15.73 1.75 -12.47
C ALA A 92 14.40 1.73 -13.25
N LEU A 93 14.41 2.28 -14.46
CA LEU A 93 13.26 2.23 -15.36
C LEU A 93 12.75 0.80 -15.42
N ALA A 94 13.66 -0.15 -15.54
CA ALA A 94 13.28 -1.55 -15.56
C ALA A 94 13.05 -2.09 -14.19
N ALA A 95 13.82 -1.63 -13.20
CA ALA A 95 13.55 -2.05 -11.82
C ALA A 95 12.05 -1.85 -11.54
N ALA A 96 11.53 -0.71 -11.99
CA ALA A 96 10.14 -0.30 -11.78
C ALA A 96 9.17 -1.08 -12.63
N MSE A 97 9.36 -1.09 -13.95
CA MSE A 97 8.35 -1.73 -14.79
C MSE A 97 8.20 -3.21 -14.45
O MSE A 97 7.16 -3.80 -14.73
CB MSE A 97 8.51 -1.46 -16.30
CG MSE A 97 9.80 -1.92 -16.98
SE MSE A 97 10.00 -1.04 -18.76
CE MSE A 97 11.93 -1.15 -18.96
N HIS A 98 9.21 -3.81 -13.85
CA HIS A 98 9.07 -5.16 -13.35
C HIS A 98 8.33 -5.21 -12.05
N HIS A 99 8.75 -4.39 -11.09
CA HIS A 99 8.16 -4.43 -9.75
C HIS A 99 6.63 -4.28 -9.81
N GLN A 100 6.18 -3.43 -10.73
CA GLN A 100 4.75 -3.16 -11.01
C GLN A 100 4.03 -4.30 -11.77
N GLY A 101 4.76 -4.95 -12.67
CA GLY A 101 4.19 -5.97 -13.52
C GLY A 101 3.94 -5.47 -14.93
N LEU A 102 4.43 -4.27 -15.24
CA LEU A 102 4.31 -3.71 -16.58
C LEU A 102 4.93 -4.64 -17.64
N ASP A 103 5.90 -5.45 -17.23
CA ASP A 103 6.45 -6.46 -18.15
C ASP A 103 5.46 -7.60 -18.42
N LYS A 104 4.96 -8.21 -17.34
CA LYS A 104 3.98 -9.28 -17.42
C LYS A 104 2.74 -8.82 -18.18
N VAL A 105 2.22 -7.65 -17.84
CA VAL A 105 1.07 -7.13 -18.57
C VAL A 105 1.37 -6.95 -20.06
N ILE A 106 2.40 -6.18 -20.41
CA ILE A 106 2.72 -6.00 -21.83
C ILE A 106 2.85 -7.36 -22.49
N ALA A 107 3.38 -8.34 -21.75
CA ALA A 107 3.57 -9.70 -22.26
C ALA A 107 2.23 -10.41 -22.37
N ASP A 108 1.57 -10.60 -21.24
CA ASP A 108 0.28 -11.28 -21.20
C ASP A 108 -0.71 -10.72 -22.23
N LYS A 109 -0.93 -9.41 -22.20
CA LYS A 109 -1.96 -8.79 -23.04
C LYS A 109 -1.64 -8.80 -24.54
N VAL A 110 -0.36 -8.68 -24.89
CA VAL A 110 0.06 -8.84 -26.28
C VAL A 110 -0.09 -10.29 -26.71
N LEU A 111 0.52 -11.18 -25.94
CA LEU A 111 0.46 -12.61 -26.23
C LEU A 111 -0.98 -13.06 -26.35
N ALA A 112 -1.74 -13.00 -25.26
CA ALA A 112 -3.09 -13.53 -25.25
C ALA A 112 -3.95 -12.95 -26.39
N MSE A 113 -3.53 -11.78 -26.84
CA MSE A 113 -4.21 -11.03 -27.89
C MSE A 113 -4.40 -11.86 -29.16
O MSE A 113 -5.28 -11.60 -29.98
CB MSE A 113 -3.38 -9.77 -28.19
CG MSE A 113 -3.76 -9.00 -29.41
SE MSE A 113 -2.21 -8.11 -30.13
CE MSE A 113 -3.13 -6.91 -31.36
N ALA A 114 -3.57 -12.88 -29.31
CA ALA A 114 -3.55 -13.69 -30.51
C ALA A 114 -4.65 -14.71 -30.41
N GLN A 115 -5.43 -14.65 -29.33
CA GLN A 115 -6.63 -15.48 -29.21
C GLN A 115 -6.28 -16.96 -29.39
N GLY A 116 -6.78 -17.55 -30.47
CA GLY A 116 -6.39 -18.91 -30.79
C GLY A 116 -4.88 -19.03 -30.69
N LYS A 117 -4.43 -20.14 -30.14
CA LYS A 117 -3.06 -20.31 -29.68
C LYS A 117 -1.99 -20.54 -30.77
N MSE A 118 -0.79 -20.90 -30.31
CA MSE A 118 0.36 -21.36 -31.13
C MSE A 118 0.89 -20.44 -32.23
O MSE A 118 1.47 -19.39 -31.94
CB MSE A 118 0.14 -22.79 -31.66
CG MSE A 118 0.18 -23.89 -30.58
SE MSE A 118 1.96 -24.40 -29.88
CE MSE A 118 3.04 -23.71 -31.33
N SER A 119 0.70 -20.83 -33.48
CA SER A 119 1.46 -20.27 -34.60
C SER A 119 1.64 -18.77 -34.48
N VAL A 120 0.56 -18.01 -34.51
CA VAL A 120 0.63 -16.59 -34.23
C VAL A 120 1.18 -16.34 -32.82
N ALA A 121 0.85 -17.24 -31.90
CA ALA A 121 1.19 -17.07 -30.49
C ALA A 121 2.67 -17.21 -30.15
N VAL A 122 3.40 -18.05 -30.88
CA VAL A 122 4.84 -18.12 -30.66
C VAL A 122 5.51 -16.88 -31.22
N PHE A 123 5.20 -16.53 -32.48
CA PHE A 123 5.74 -15.32 -33.06
C PHE A 123 5.33 -14.13 -32.20
N MSE A 124 4.15 -14.23 -31.61
CA MSE A 124 3.72 -13.26 -30.61
C MSE A 124 4.84 -13.18 -29.60
O MSE A 124 5.29 -12.09 -29.25
CB MSE A 124 2.42 -13.72 -29.91
CG MSE A 124 1.24 -12.75 -30.02
SE MSE A 124 0.90 -12.23 -31.87
CE MSE A 124 0.20 -10.43 -31.59
N LEU A 125 5.29 -14.34 -29.15
CA LEU A 125 6.32 -14.41 -28.12
C LEU A 125 7.63 -13.74 -28.50
N PHE A 126 8.08 -13.89 -29.74
CA PHE A 126 9.34 -13.30 -30.17
C PHE A 126 9.29 -11.77 -30.11
N GLY A 127 8.33 -11.18 -30.82
CA GLY A 127 8.16 -9.74 -30.79
C GLY A 127 8.17 -9.23 -29.36
N VAL A 128 7.42 -9.89 -28.47
CA VAL A 128 7.35 -9.43 -27.08
C VAL A 128 8.71 -9.42 -26.42
N THR A 129 9.44 -10.53 -26.57
CA THR A 129 10.72 -10.71 -25.90
C THR A 129 11.74 -9.67 -26.36
N ALA A 130 11.69 -9.35 -27.65
CA ALA A 130 12.50 -8.28 -28.25
C ALA A 130 12.12 -6.90 -27.71
N LEU A 131 10.83 -6.60 -27.70
CA LEU A 131 10.33 -5.36 -27.13
C LEU A 131 10.79 -5.24 -25.69
N LEU A 132 10.50 -6.27 -24.90
CA LEU A 132 10.87 -6.27 -23.49
C LEU A 132 12.37 -6.12 -23.28
N SER A 133 13.17 -6.56 -24.25
CA SER A 133 14.64 -6.46 -24.16
C SER A 133 15.19 -5.04 -24.40
N MSE A 134 14.70 -4.37 -25.44
CA MSE A 134 15.24 -3.07 -25.82
C MSE A 134 15.47 -2.19 -24.58
O MSE A 134 16.38 -1.38 -24.54
CB MSE A 134 14.25 -2.33 -26.72
CG MSE A 134 13.78 -3.06 -27.94
SE MSE A 134 12.84 -1.86 -29.17
CE MSE A 134 12.45 -3.17 -30.62
N TRP A 135 14.63 -2.38 -23.56
CA TRP A 135 14.64 -1.58 -22.36
C TRP A 135 15.23 -2.34 -21.18
N ILE A 136 14.69 -3.51 -20.87
CA ILE A 136 15.02 -4.16 -19.60
C ILE A 136 16.42 -4.76 -19.50
N SER A 137 16.69 -5.80 -20.27
CA SER A 137 17.90 -6.58 -20.11
C SER A 137 17.75 -7.75 -21.02
N ASN A 138 18.76 -8.61 -21.09
CA ASN A 138 18.57 -9.87 -21.80
C ASN A 138 18.40 -11.05 -20.86
N THR A 139 19.44 -11.36 -20.08
CA THR A 139 19.40 -12.44 -19.13
C THR A 139 18.08 -12.34 -18.38
N ALA A 140 17.79 -11.14 -17.89
CA ALA A 140 16.54 -10.90 -17.18
C ALA A 140 15.37 -11.22 -18.10
N THR A 141 15.32 -10.55 -19.25
CA THR A 141 14.24 -10.74 -20.19
C THR A 141 14.07 -12.19 -20.59
N ALA A 142 15.16 -12.94 -20.60
CA ALA A 142 15.08 -14.34 -21.02
C ALA A 142 14.43 -15.19 -19.94
N ALA A 143 15.10 -15.26 -18.79
CA ALA A 143 14.61 -16.08 -17.69
C ALA A 143 13.14 -15.80 -17.45
N MSE A 144 12.70 -14.59 -17.81
CA MSE A 144 11.32 -14.22 -17.64
C MSE A 144 10.47 -14.89 -18.72
O MSE A 144 9.44 -15.49 -18.42
CB MSE A 144 11.14 -12.71 -17.73
CG MSE A 144 10.00 -12.19 -16.89
SE MSE A 144 9.41 -10.45 -17.52
CE MSE A 144 7.81 -10.99 -18.51
N MSE A 145 10.91 -14.83 -19.97
CA MSE A 145 10.15 -15.46 -21.04
C MSE A 145 10.02 -17.02 -20.94
O MSE A 145 9.11 -17.60 -21.54
CB MSE A 145 10.72 -15.05 -22.41
CG MSE A 145 10.45 -13.59 -22.80
SE MSE A 145 8.66 -12.95 -22.37
CE MSE A 145 7.97 -12.67 -24.15
N LEU A 146 10.92 -17.65 -20.19
CA LEU A 146 11.04 -19.10 -20.17
C LEU A 146 9.77 -19.82 -19.74
N PRO A 147 9.29 -19.51 -18.53
CA PRO A 147 8.07 -20.16 -18.00
C PRO A 147 6.90 -19.90 -18.92
N LEU A 148 6.69 -18.62 -19.24
CA LEU A 148 5.66 -18.21 -20.17
C LEU A 148 5.79 -19.02 -21.46
N VAL A 149 7.03 -19.33 -21.85
CA VAL A 149 7.23 -20.13 -23.04
C VAL A 149 6.80 -21.58 -22.78
N LEU A 150 7.35 -22.20 -21.74
CA LEU A 150 7.08 -23.61 -21.46
C LEU A 150 5.62 -23.86 -21.11
N GLY A 151 4.91 -22.80 -20.74
CA GLY A 151 3.46 -22.89 -20.59
C GLY A 151 2.74 -22.88 -21.93
N VAL A 152 3.06 -21.89 -22.76
CA VAL A 152 2.44 -21.77 -24.07
C VAL A 152 2.54 -23.10 -24.76
N LEU A 153 3.69 -23.76 -24.62
CA LEU A 153 3.85 -25.11 -25.13
C LEU A 153 3.72 -26.07 -23.95
N SER A 154 2.53 -26.64 -23.83
CA SER A 154 2.21 -27.63 -22.80
C SER A 154 1.47 -28.76 -23.50
N LYS A 155 0.33 -28.39 -24.11
CA LYS A 155 -0.53 -29.30 -24.87
C LYS A 155 0.30 -30.17 -25.83
N VAL A 156 1.36 -29.59 -26.41
CA VAL A 156 2.33 -30.41 -27.11
C VAL A 156 3.52 -30.57 -26.19
N ASP A 157 3.61 -31.73 -25.54
CA ASP A 157 4.75 -32.07 -24.68
C ASP A 157 5.72 -32.95 -25.46
N ALA A 158 5.38 -33.15 -26.73
CA ALA A 158 5.84 -34.29 -27.50
C ALA A 158 7.35 -34.51 -27.54
N ASP A 159 7.70 -35.80 -27.62
CA ASP A 159 9.04 -36.23 -28.00
C ASP A 159 9.17 -35.94 -29.48
N LYS A 160 8.06 -35.58 -30.11
CA LYS A 160 8.08 -35.12 -31.49
C LYS A 160 7.65 -33.66 -31.70
N GLN A 161 8.63 -32.79 -31.98
CA GLN A 161 10.04 -32.96 -31.54
C GLN A 161 10.65 -31.61 -31.14
N ARG A 162 10.81 -30.82 -32.20
CA ARG A 162 11.19 -29.44 -32.15
C ARG A 162 9.90 -28.72 -31.85
N SER A 163 9.91 -27.41 -32.05
CA SER A 163 8.77 -26.55 -31.74
C SER A 163 8.85 -26.16 -30.28
N THR A 164 9.72 -26.83 -29.54
CA THR A 164 10.17 -26.28 -28.27
C THR A 164 11.63 -25.87 -28.47
N TYR A 165 12.49 -26.86 -28.66
CA TYR A 165 13.93 -26.64 -28.80
C TYR A 165 14.31 -25.93 -30.10
N VAL A 166 13.36 -25.76 -31.00
CA VAL A 166 13.65 -25.11 -32.26
C VAL A 166 13.08 -23.71 -32.32
N PHE A 167 11.78 -23.59 -32.51
CA PHE A 167 11.16 -22.27 -32.64
C PHE A 167 11.05 -21.55 -31.28
N VAL A 168 10.53 -22.23 -30.26
CA VAL A 168 10.34 -21.58 -28.97
C VAL A 168 11.62 -21.06 -28.30
N LEU A 169 12.43 -21.97 -27.79
CA LEU A 169 13.50 -21.63 -26.84
C LEU A 169 14.71 -20.91 -27.44
N LEU A 170 15.13 -21.27 -28.65
CA LEU A 170 16.13 -20.46 -29.34
C LEU A 170 15.47 -19.16 -29.82
N GLY A 171 14.37 -19.26 -30.56
CA GLY A 171 13.67 -18.08 -31.06
C GLY A 171 13.46 -17.08 -29.94
N VAL A 172 13.25 -17.61 -28.73
CA VAL A 172 13.14 -16.76 -27.55
C VAL A 172 14.53 -16.21 -27.18
N ALA A 173 15.45 -17.07 -26.78
CA ALA A 173 16.77 -16.66 -26.32
C ALA A 173 17.42 -15.71 -27.32
N TYR A 174 17.20 -15.93 -28.61
CA TYR A 174 17.83 -15.12 -29.66
C TYR A 174 17.16 -13.76 -29.80
N SER A 175 15.86 -13.73 -29.56
CA SER A 175 15.12 -12.48 -29.67
C SER A 175 15.54 -11.54 -28.55
N ALA A 176 15.82 -12.10 -27.37
CA ALA A 176 16.41 -11.30 -26.32
C ALA A 176 17.64 -10.59 -26.87
N SER A 177 18.56 -11.37 -27.42
CA SER A 177 19.84 -10.85 -27.89
C SER A 177 19.74 -9.81 -28.99
N ILE A 178 18.90 -10.07 -29.99
CA ILE A 178 18.70 -9.12 -31.08
C ILE A 178 18.06 -7.81 -30.59
N GLY A 179 17.17 -7.92 -29.60
CA GLY A 179 16.61 -6.75 -28.96
C GLY A 179 17.61 -6.15 -27.97
N GLY A 180 18.65 -6.93 -27.67
CA GLY A 180 19.77 -6.47 -26.87
C GLY A 180 20.36 -5.20 -27.45
N ILE A 181 20.44 -5.18 -28.77
CA ILE A 181 20.90 -4.01 -29.49
C ILE A 181 19.73 -3.02 -29.59
N ALA A 182 19.84 -2.01 -30.44
CA ALA A 182 18.69 -1.15 -30.78
C ALA A 182 18.38 -0.03 -29.80
N THR A 183 18.92 -0.11 -28.58
CA THR A 183 18.85 0.99 -27.62
C THR A 183 20.05 0.97 -26.69
N LEU A 184 20.51 2.16 -26.35
CA LEU A 184 21.66 2.34 -25.49
C LEU A 184 21.55 1.52 -24.19
N VAL A 185 20.34 1.16 -23.81
CA VAL A 185 20.11 0.53 -22.50
C VAL A 185 19.71 -0.94 -22.54
N GLY A 186 20.64 -1.77 -22.08
CA GLY A 186 20.59 -3.22 -22.14
C GLY A 186 20.95 -3.57 -23.57
N SER A 187 21.83 -4.55 -23.80
CA SER A 187 22.84 -4.95 -22.80
C SER A 187 24.05 -3.96 -22.80
N PRO A 188 25.10 -4.22 -21.98
CA PRO A 188 26.09 -3.16 -21.71
C PRO A 188 26.99 -2.79 -22.90
N PRO A 189 27.36 -3.75 -23.75
CA PRO A 189 28.27 -3.33 -24.81
C PRO A 189 27.80 -2.06 -25.49
N ASN A 190 26.54 -1.98 -25.90
CA ASN A 190 26.06 -0.79 -26.58
C ASN A 190 26.43 0.46 -25.79
N ALA A 191 26.38 0.37 -24.46
CA ALA A 191 26.74 1.50 -23.62
C ALA A 191 28.22 1.72 -23.84
N ILE A 192 28.99 0.67 -23.63
CA ILE A 192 30.43 0.77 -23.69
C ILE A 192 30.86 1.54 -24.93
N ALA A 193 30.25 1.23 -26.06
CA ALA A 193 30.58 1.93 -27.30
C ALA A 193 30.30 3.43 -27.22
N ALA A 194 29.03 3.78 -26.99
CA ALA A 194 28.60 5.16 -26.95
C ALA A 194 29.45 5.90 -25.92
N ALA A 195 29.97 5.14 -24.97
CA ALA A 195 30.75 5.66 -23.87
C ALA A 195 32.05 6.21 -24.40
N GLU A 196 32.74 5.38 -25.19
CA GLU A 196 34.05 5.71 -25.72
C GLU A 196 34.05 6.64 -26.92
N VAL A 197 33.11 6.48 -27.85
CA VAL A 197 33.09 7.35 -29.03
C VAL A 197 32.15 8.54 -28.91
N GLY A 198 31.52 8.69 -27.75
CA GLY A 198 30.61 9.80 -27.50
C GLY A 198 29.30 9.80 -28.26
N LEU A 199 28.52 8.73 -28.07
CA LEU A 199 27.21 8.58 -28.73
C LEU A 199 26.02 8.94 -27.82
N SER A 200 25.00 9.55 -28.42
CA SER A 200 23.78 9.81 -27.67
C SER A 200 22.81 8.63 -27.78
N PHE A 201 21.71 8.68 -27.05
CA PHE A 201 20.77 7.60 -27.11
C PHE A 201 20.27 7.51 -28.53
N THR A 202 19.97 8.68 -29.09
CA THR A 202 19.30 8.75 -30.38
C THR A 202 20.23 8.43 -31.56
N ASP A 203 21.54 8.56 -31.33
CA ASP A 203 22.58 8.20 -32.31
C ASP A 203 22.68 6.69 -32.44
N TRP A 204 22.81 6.04 -31.28
CA TRP A 204 23.05 4.61 -31.22
C TRP A 204 21.86 3.84 -31.72
N MSE A 205 20.70 4.47 -31.69
CA MSE A 205 19.52 3.84 -32.23
C MSE A 205 19.49 4.02 -33.73
O MSE A 205 19.00 3.16 -34.44
CB MSE A 205 18.26 4.43 -31.60
CG MSE A 205 16.99 3.57 -31.71
SE MSE A 205 15.58 4.34 -30.60
CE MSE A 205 15.21 5.87 -31.73
N LYS A 206 20.05 5.13 -34.21
CA LYS A 206 20.13 5.36 -35.63
C LYS A 206 20.73 4.15 -36.31
N PHE A 207 21.61 3.45 -35.59
CA PHE A 207 22.28 2.25 -36.09
C PHE A 207 21.64 0.96 -35.56
N GLY A 208 21.69 0.82 -34.23
CA GLY A 208 21.21 -0.36 -33.53
C GLY A 208 19.79 -0.79 -33.83
N LEU A 209 18.85 0.15 -33.86
CA LEU A 209 17.45 -0.18 -34.11
C LEU A 209 17.20 -0.85 -35.47
N PRO A 210 17.47 -0.13 -36.57
CA PRO A 210 17.20 -0.73 -37.88
C PRO A 210 18.06 -1.97 -38.09
N THR A 211 19.08 -2.13 -37.25
CA THR A 211 19.91 -3.32 -37.28
C THR A 211 19.21 -4.52 -36.65
N ALA A 212 18.54 -4.28 -35.52
CA ALA A 212 17.82 -5.34 -34.83
C ALA A 212 16.49 -5.70 -35.55
N MSE A 213 16.01 -4.80 -36.40
CA MSE A 213 14.80 -5.02 -37.17
C MSE A 213 15.03 -5.90 -38.38
O MSE A 213 14.22 -6.79 -38.69
CB MSE A 213 14.19 -3.70 -37.63
CG MSE A 213 13.20 -3.07 -36.64
SE MSE A 213 12.61 -1.34 -37.34
CE MSE A 213 11.83 -1.96 -39.03
N MSE A 214 16.13 -5.67 -39.09
CA MSE A 214 16.57 -6.63 -40.11
C MSE A 214 16.77 -7.96 -39.40
O MSE A 214 16.18 -8.98 -39.74
CB MSE A 214 17.91 -6.25 -40.72
CG MSE A 214 17.99 -4.89 -41.37
SE MSE A 214 16.96 -4.68 -43.00
CE MSE A 214 17.72 -2.94 -43.49
N MSE A 215 17.62 -7.91 -38.39
CA MSE A 215 18.20 -9.10 -37.81
C MSE A 215 17.23 -10.12 -37.18
O MSE A 215 17.50 -11.31 -37.24
CB MSE A 215 19.28 -8.69 -36.82
CG MSE A 215 19.78 -9.83 -35.97
SE MSE A 215 21.61 -9.57 -35.47
CE MSE A 215 21.65 -10.84 -33.97
N LEU A 216 16.14 -9.64 -36.57
CA LEU A 216 15.21 -10.55 -35.89
C LEU A 216 14.50 -11.50 -36.84
N PRO A 217 13.82 -10.95 -37.86
CA PRO A 217 13.20 -11.85 -38.83
C PRO A 217 14.23 -12.88 -39.36
N MSE A 218 15.42 -12.39 -39.72
CA MSE A 218 16.49 -13.24 -40.24
C MSE A 218 16.87 -14.37 -39.29
O MSE A 218 17.20 -15.48 -39.71
CB MSE A 218 17.74 -12.38 -40.54
CG MSE A 218 18.22 -12.42 -42.00
SE MSE A 218 20.16 -12.19 -42.22
CE MSE A 218 20.72 -12.65 -40.41
N ALA A 219 16.87 -14.09 -38.00
CA ALA A 219 17.24 -15.10 -37.03
C ALA A 219 16.06 -16.03 -36.83
N ILE A 220 14.87 -15.49 -37.08
CA ILE A 220 13.66 -16.30 -36.97
C ILE A 220 13.49 -17.18 -38.20
N ALA A 221 13.60 -16.60 -39.40
CA ALA A 221 13.51 -17.35 -40.65
C ALA A 221 14.43 -18.58 -40.63
N ILE A 222 15.72 -18.31 -40.54
CA ILE A 222 16.77 -19.34 -40.49
C ILE A 222 16.53 -20.38 -39.39
N LEU A 223 15.77 -20.00 -38.37
CA LEU A 223 15.49 -20.91 -37.27
C LEU A 223 14.37 -21.89 -37.62
N TYR A 224 13.44 -21.44 -38.48
CA TYR A 224 12.31 -22.25 -38.93
C TYR A 224 12.76 -23.26 -39.95
N PHE A 225 13.19 -22.75 -41.10
CA PHE A 225 13.46 -23.57 -42.28
C PHE A 225 14.55 -24.60 -41.98
N LEU A 226 15.27 -24.38 -40.90
CA LEU A 226 16.38 -25.24 -40.53
C LEU A 226 15.95 -26.27 -39.49
N LEU A 227 15.54 -25.77 -38.33
CA LEU A 227 15.19 -26.61 -37.18
C LEU A 227 13.85 -27.37 -37.34
N VAL A 242 -4.52 -14.45 -14.70
CA VAL A 242 -4.93 -13.55 -15.79
C VAL A 242 -4.21 -12.19 -15.86
N ASN A 243 -4.81 -11.23 -16.58
CA ASN A 243 -4.12 -10.03 -17.09
C ASN A 243 -3.85 -8.74 -16.26
N TRP A 244 -4.77 -8.32 -15.38
CA TRP A 244 -4.69 -7.00 -14.70
C TRP A 244 -4.86 -5.68 -15.53
N ASP A 245 -3.80 -4.85 -15.61
CA ASP A 245 -3.79 -3.35 -15.80
C ASP A 245 -4.28 -2.46 -14.63
N LYS A 246 -3.48 -2.48 -13.56
CA LYS A 246 -3.53 -1.62 -12.35
C LYS A 246 -2.93 -0.20 -12.53
N GLY A 247 -2.61 0.48 -11.42
CA GLY A 247 -1.90 1.77 -11.43
C GLY A 247 -0.43 1.76 -11.92
N LYS A 248 0.01 0.58 -12.36
CA LYS A 248 1.23 0.40 -13.10
C LYS A 248 1.18 1.18 -14.42
N VAL A 249 0.04 1.82 -14.67
CA VAL A 249 -0.13 2.54 -15.92
C VAL A 249 0.71 3.81 -15.88
N VAL A 250 0.86 4.39 -14.69
CA VAL A 250 1.72 5.59 -14.55
C VAL A 250 3.16 5.27 -14.92
N THR A 251 3.65 4.15 -14.40
CA THR A 251 4.95 3.65 -14.75
C THR A 251 5.11 3.73 -16.28
N LEU A 252 4.14 3.23 -17.01
CA LEU A 252 4.21 3.29 -18.46
C LEU A 252 4.27 4.73 -18.95
N GLY A 253 3.60 5.61 -18.22
CA GLY A 253 3.57 7.01 -18.60
C GLY A 253 4.93 7.64 -18.40
N ILE A 254 5.47 7.43 -17.21
CA ILE A 254 6.83 7.81 -16.90
C ILE A 254 7.78 7.26 -17.97
N PHE A 255 7.73 5.94 -18.18
CA PHE A 255 8.54 5.25 -19.18
C PHE A 255 8.41 5.89 -20.55
N GLY A 256 7.18 6.11 -20.99
CA GLY A 256 6.97 6.71 -22.29
C GLY A 256 7.63 8.06 -22.34
N LEU A 257 7.36 8.87 -21.32
CA LEU A 257 7.90 10.22 -21.24
C LEU A 257 9.42 10.26 -21.32
N THR A 258 10.07 9.47 -20.47
CA THR A 258 11.50 9.25 -20.53
C THR A 258 11.95 8.96 -21.96
N VAL A 259 11.27 8.03 -22.63
CA VAL A 259 11.66 7.67 -23.98
C VAL A 259 11.33 8.79 -24.95
N PHE A 260 10.42 9.68 -24.59
CA PHE A 260 10.15 10.81 -25.47
C PHE A 260 11.28 11.84 -25.46
N LEU A 261 11.79 12.12 -24.27
CA LEU A 261 12.89 13.07 -24.14
C LEU A 261 14.17 12.48 -24.74
N TRP A 262 14.39 11.19 -24.49
CA TRP A 262 15.53 10.46 -25.03
C TRP A 262 15.54 10.55 -26.53
N ILE A 263 14.41 10.32 -27.18
CA ILE A 263 14.39 10.35 -28.62
C ILE A 263 14.62 11.78 -29.08
N PHE A 264 13.85 12.69 -28.52
CA PHE A 264 13.84 14.07 -28.97
C PHE A 264 14.89 14.93 -28.26
N SER A 265 15.77 14.27 -27.50
CA SER A 265 16.82 14.94 -26.74
C SER A 265 17.54 16.02 -27.53
N SER A 266 17.78 15.77 -28.81
CA SER A 266 18.53 16.71 -29.64
C SER A 266 17.91 18.13 -29.71
N PRO A 267 16.68 18.26 -30.25
CA PRO A 267 16.07 19.59 -30.39
C PRO A 267 15.62 20.17 -29.06
N ILE A 268 15.28 19.31 -28.10
CA ILE A 268 14.89 19.77 -26.78
C ILE A 268 16.08 20.46 -26.11
N ASN A 269 17.17 19.71 -26.01
CA ASN A 269 18.37 20.19 -25.31
C ASN A 269 18.77 21.60 -25.77
N ALA A 270 18.84 21.80 -27.08
CA ALA A 270 19.28 23.07 -27.65
C ALA A 270 18.22 24.17 -27.56
N ALA A 271 16.97 23.77 -27.34
CA ALA A 271 15.93 24.75 -27.12
C ALA A 271 16.06 25.18 -25.67
N LEU A 272 17.05 24.59 -25.00
CA LEU A 272 17.45 24.97 -23.65
C LEU A 272 18.82 25.63 -23.74
N GLY A 273 19.77 24.92 -24.34
CA GLY A 273 21.18 25.26 -24.27
C GLY A 273 21.91 24.20 -23.47
N GLY A 274 23.22 24.34 -23.32
CA GLY A 274 23.99 23.22 -22.82
C GLY A 274 23.57 22.06 -23.72
N PHE A 275 23.12 20.99 -23.10
CA PHE A 275 23.25 20.87 -21.68
C PHE A 275 24.37 19.93 -21.26
N LYS A 276 25.11 19.36 -22.21
CA LYS A 276 26.12 18.39 -21.79
C LYS A 276 25.58 17.07 -21.21
N SER A 277 25.38 16.09 -22.08
CA SER A 277 24.98 14.75 -21.66
C SER A 277 23.56 14.78 -21.16
N PHE A 278 22.74 15.45 -21.95
CA PHE A 278 21.34 15.60 -21.68
C PHE A 278 20.66 14.27 -21.40
N ASP A 279 21.05 13.24 -22.15
CA ASP A 279 20.42 11.93 -22.00
C ASP A 279 20.70 11.33 -20.64
N THR A 280 21.81 11.72 -20.03
CA THR A 280 22.12 11.25 -18.69
C THR A 280 21.19 11.93 -17.73
N LEU A 281 21.04 13.23 -17.93
CA LEU A 281 20.14 14.02 -17.11
C LEU A 281 18.78 13.35 -17.27
N VAL A 282 18.29 13.21 -18.51
CA VAL A 282 16.99 12.57 -18.77
C VAL A 282 16.83 11.25 -18.00
N ALA A 283 17.81 10.37 -18.12
CA ALA A 283 17.83 9.12 -17.35
C ALA A 283 17.78 9.37 -15.85
N LEU A 284 18.64 10.28 -15.41
CA LEU A 284 18.73 10.56 -14.00
C LEU A 284 17.39 11.06 -13.50
N GLY A 285 16.80 12.00 -14.24
CA GLY A 285 15.47 12.52 -13.92
C GLY A 285 14.43 11.42 -13.85
N ALA A 286 14.56 10.43 -14.73
CA ALA A 286 13.71 9.27 -14.63
C ALA A 286 13.77 8.69 -13.21
N ILE A 287 14.95 8.65 -12.61
CA ILE A 287 15.05 8.00 -11.32
C ILE A 287 14.27 8.80 -10.32
N LEU A 288 14.14 10.09 -10.60
CA LEU A 288 13.38 10.99 -9.75
C LEU A 288 11.89 10.72 -9.95
N MSE A 289 11.42 11.01 -11.17
CA MSE A 289 10.00 10.82 -11.49
C MSE A 289 9.51 9.48 -10.95
O MSE A 289 8.54 9.44 -10.20
CB MSE A 289 9.80 10.83 -13.01
CG MSE A 289 9.40 12.15 -13.63
SE MSE A 289 9.48 12.05 -15.59
CE MSE A 289 11.35 12.50 -15.89
N LEU A 290 10.20 8.40 -11.29
CA LEU A 290 9.84 7.10 -10.72
C LEU A 290 9.68 7.13 -9.20
N SER A 291 10.74 7.46 -8.46
CA SER A 291 10.70 7.38 -7.01
C SER A 291 9.89 8.48 -6.32
N PHE A 292 9.56 9.55 -7.05
CA PHE A 292 8.62 10.58 -6.54
C PHE A 292 7.18 10.06 -6.62
N ALA A 293 6.93 9.29 -7.68
CA ALA A 293 5.62 8.78 -8.01
C ALA A 293 5.39 7.53 -7.18
N ARG A 294 6.31 7.28 -6.26
CA ARG A 294 6.11 6.28 -5.21
C ARG A 294 5.82 4.92 -5.88
N VAL A 295 6.23 4.83 -7.15
CA VAL A 295 6.06 3.65 -7.98
C VAL A 295 7.14 2.55 -7.74
N VAL A 296 8.35 2.97 -7.36
CA VAL A 296 9.44 2.02 -7.09
C VAL A 296 10.42 2.48 -5.99
N HIS A 297 10.87 1.57 -5.13
CA HIS A 297 11.74 1.98 -4.03
C HIS A 297 13.19 1.94 -4.43
N TRP A 298 14.08 2.37 -3.55
CA TRP A 298 15.50 2.19 -3.82
C TRP A 298 15.81 0.75 -3.59
N LYS A 299 15.21 0.15 -2.56
CA LYS A 299 15.47 -1.25 -2.27
C LYS A 299 15.39 -2.02 -3.57
N GLU A 300 14.42 -1.68 -4.41
CA GLU A 300 14.28 -2.35 -5.70
C GLU A 300 15.30 -1.92 -6.77
N ILE A 301 15.50 -0.63 -6.96
CA ILE A 301 16.50 -0.22 -7.96
C ILE A 301 17.85 -0.86 -7.63
N GLN A 302 18.19 -0.87 -6.34
CA GLN A 302 19.45 -1.43 -5.91
C GLN A 302 19.50 -2.91 -6.24
N LYS A 303 18.48 -3.66 -5.82
CA LYS A 303 18.47 -5.10 -6.10
C LYS A 303 18.46 -5.40 -7.61
N THR A 304 17.87 -4.53 -8.40
CA THR A 304 17.78 -4.72 -9.85
C THR A 304 19.09 -4.41 -10.57
N ALA A 305 19.66 -3.25 -10.28
CA ALA A 305 20.83 -2.75 -11.02
C ALA A 305 22.00 -3.71 -10.95
N ASP A 306 22.76 -3.81 -12.04
CA ASP A 306 23.95 -4.62 -12.00
C ASP A 306 25.11 -3.71 -11.81
N TRP A 307 25.58 -3.69 -10.58
CA TRP A 307 26.56 -2.73 -10.15
C TRP A 307 27.93 -3.08 -10.76
N GLY A 308 28.25 -4.37 -10.79
CA GLY A 308 29.46 -4.88 -11.39
C GLY A 308 29.65 -4.51 -12.85
N VAL A 309 28.55 -4.30 -13.58
CA VAL A 309 28.63 -3.80 -14.96
C VAL A 309 28.96 -2.32 -14.95
N LEU A 310 28.16 -1.57 -14.20
CA LEU A 310 28.44 -0.17 -13.98
C LEU A 310 29.92 0.01 -13.59
N LEU A 311 30.39 -0.82 -12.67
CA LEU A 311 31.80 -0.82 -12.26
C LEU A 311 32.72 -1.13 -13.44
N LEU A 312 32.45 -2.27 -14.09
CA LEU A 312 33.15 -2.72 -15.30
C LEU A 312 33.25 -1.61 -16.36
N PHE A 313 32.12 -0.92 -16.59
CA PHE A 313 32.06 0.22 -17.49
C PHE A 313 33.24 1.15 -17.28
N GLY A 314 33.44 1.52 -16.00
CA GLY A 314 34.44 2.51 -15.65
C GLY A 314 35.84 2.01 -15.81
N GLY A 315 36.20 0.95 -15.08
CA GLY A 315 37.53 0.37 -15.17
C GLY A 315 37.95 0.03 -16.61
N GLY A 316 36.96 -0.34 -17.41
CA GLY A 316 37.18 -0.53 -18.82
C GLY A 316 37.60 0.77 -19.44
N LEU A 317 36.84 1.82 -19.20
CA LEU A 317 37.22 3.16 -19.67
C LEU A 317 38.64 3.56 -19.22
N CYS A 318 38.96 3.36 -17.95
CA CYS A 318 40.30 3.59 -17.43
C CYS A 318 41.35 2.96 -18.34
N LEU A 319 41.03 1.80 -18.89
CA LEU A 319 41.89 1.10 -19.84
C LEU A 319 42.06 1.76 -21.21
N SER A 320 40.98 2.28 -21.80
CA SER A 320 41.11 3.00 -23.07
C SER A 320 42.05 4.18 -22.88
N ASN A 321 42.05 4.68 -21.66
CA ASN A 321 42.85 5.83 -21.34
C ASN A 321 44.27 5.43 -21.12
N VAL A 322 44.47 4.21 -20.63
CA VAL A 322 45.83 3.73 -20.45
C VAL A 322 46.47 3.55 -21.80
N LEU A 323 45.72 3.00 -22.74
CA LEU A 323 46.28 2.87 -24.08
C LEU A 323 46.68 4.23 -24.60
N LYS A 324 45.74 5.17 -24.64
CA LYS A 324 46.00 6.44 -25.30
C LYS A 324 47.31 7.02 -24.79
N GLN A 325 47.40 7.14 -23.46
CA GLN A 325 48.54 7.76 -22.79
C GLN A 325 49.84 7.09 -23.15
N THR A 326 49.97 5.82 -22.76
CA THR A 326 51.24 5.11 -22.87
C THR A 326 51.68 5.03 -24.34
N GLY A 327 50.80 5.48 -25.25
CA GLY A 327 51.07 5.51 -26.67
C GLY A 327 51.06 4.12 -27.28
N THR A 328 50.50 3.16 -26.56
CA THR A 328 50.40 1.79 -27.07
C THR A 328 49.44 1.82 -28.26
N SER A 329 48.55 2.80 -28.27
CA SER A 329 47.53 2.95 -29.32
C SER A 329 48.15 3.21 -30.68
N VAL A 330 49.09 4.15 -30.71
CA VAL A 330 49.79 4.42 -31.95
C VAL A 330 50.86 3.37 -32.24
N PHE A 331 51.35 2.71 -31.20
CA PHE A 331 52.30 1.62 -31.39
C PHE A 331 51.61 0.57 -32.23
N LEU A 332 50.47 0.11 -31.75
CA LEU A 332 49.68 -0.89 -32.45
C LEU A 332 49.25 -0.34 -33.80
N ALA A 333 48.90 0.94 -33.84
CA ALA A 333 48.41 1.54 -35.07
C ALA A 333 49.48 1.49 -36.13
N ASN A 334 50.62 2.10 -35.83
CA ASN A 334 51.81 2.01 -36.67
C ASN A 334 52.14 0.55 -36.99
N ALA A 335 52.00 -0.33 -35.99
CA ALA A 335 52.28 -1.75 -36.20
C ALA A 335 51.45 -2.35 -37.31
N LEU A 336 50.15 -2.07 -37.29
CA LEU A 336 49.23 -2.66 -38.25
C LEU A 336 49.12 -1.80 -39.53
N SER A 337 49.82 -0.66 -39.53
CA SER A 337 49.71 0.34 -40.59
C SER A 337 49.77 -0.26 -41.99
N ASP A 338 50.78 -1.10 -42.24
CA ASP A 338 50.94 -1.76 -43.55
C ASP A 338 49.84 -2.76 -43.84
N MSE A 339 49.53 -3.59 -42.84
CA MSE A 339 48.58 -4.67 -43.06
C MSE A 339 47.22 -4.12 -43.49
O MSE A 339 46.63 -4.61 -44.44
CB MSE A 339 48.45 -5.57 -41.83
CG MSE A 339 47.74 -6.89 -42.12
SE MSE A 339 47.66 -8.17 -40.63
CE MSE A 339 49.42 -7.84 -39.87
N VAL A 340 46.74 -3.10 -42.78
CA VAL A 340 45.39 -2.56 -43.00
C VAL A 340 45.26 -1.57 -44.17
N SER A 341 46.32 -0.80 -44.41
CA SER A 341 46.29 0.24 -45.43
C SER A 341 46.15 -0.35 -46.84
N HIS A 342 46.71 -1.54 -47.02
CA HIS A 342 46.62 -2.26 -48.28
C HIS A 342 45.48 -3.29 -48.25
N MSE A 343 44.83 -3.39 -47.10
CA MSE A 343 43.83 -4.42 -46.85
C MSE A 343 42.42 -3.88 -47.00
O MSE A 343 41.75 -4.16 -47.99
CB MSE A 343 44.03 -5.00 -45.44
CG MSE A 343 42.92 -5.89 -44.93
SE MSE A 343 43.22 -6.42 -43.07
CE MSE A 343 44.58 -7.80 -43.36
N GLY A 344 41.96 -3.10 -46.02
CA GLY A 344 40.58 -2.65 -45.95
C GLY A 344 40.22 -1.50 -46.87
N ILE A 345 39.12 -0.80 -46.58
CA ILE A 345 38.33 -0.97 -45.35
C ILE A 345 37.47 -2.23 -45.31
N PHE A 346 36.87 -2.55 -46.46
CA PHE A 346 35.90 -3.63 -46.52
C PHE A 346 36.41 -4.81 -45.70
N VAL A 347 37.54 -5.37 -46.12
CA VAL A 347 38.11 -6.54 -45.48
C VAL A 347 38.20 -6.36 -43.97
N VAL A 348 38.55 -5.16 -43.53
CA VAL A 348 38.61 -4.89 -42.10
C VAL A 348 37.26 -5.20 -41.42
N ILE A 349 36.22 -4.52 -41.88
CA ILE A 349 34.89 -4.64 -41.28
C ILE A 349 34.37 -6.08 -41.36
N LEU A 350 34.46 -6.68 -42.55
CA LEU A 350 34.13 -8.08 -42.68
C LEU A 350 34.91 -8.87 -41.62
N VAL A 351 36.22 -8.63 -41.54
CA VAL A 351 37.07 -9.35 -40.59
C VAL A 351 36.73 -9.03 -39.14
N VAL A 352 36.57 -7.74 -38.85
CA VAL A 352 36.28 -7.33 -37.47
C VAL A 352 34.98 -8.00 -37.03
N ALA A 353 33.98 -7.91 -37.89
CA ALA A 353 32.72 -8.59 -37.64
C ALA A 353 32.93 -10.09 -37.47
N THR A 354 33.66 -10.72 -38.37
CA THR A 354 33.74 -12.17 -38.39
C THR A 354 34.34 -12.69 -37.10
N PHE A 355 34.84 -11.76 -36.30
CA PHE A 355 35.35 -12.08 -35.00
C PHE A 355 34.14 -12.07 -34.06
N VAL A 356 32.96 -12.04 -34.68
CA VAL A 356 31.67 -12.35 -34.05
C VAL A 356 31.41 -13.85 -33.86
N VAL A 357 32.23 -14.69 -34.50
CA VAL A 357 32.22 -16.12 -34.19
C VAL A 357 32.76 -16.14 -32.76
N PHE A 358 33.68 -15.21 -32.51
CA PHE A 358 34.13 -14.88 -31.16
C PHE A 358 32.96 -14.27 -30.41
N LEU A 359 33.08 -14.18 -29.09
CA LEU A 359 31.95 -14.42 -28.17
C LEU A 359 31.75 -15.90 -28.30
N THR A 360 30.50 -16.34 -28.35
CA THR A 360 30.22 -17.70 -28.77
C THR A 360 31.20 -18.57 -27.97
N GLU A 361 32.20 -19.15 -28.65
CA GLU A 361 33.24 -19.93 -27.94
C GLU A 361 33.90 -19.08 -26.85
N PHE A 362 33.75 -19.57 -25.62
CA PHE A 362 34.27 -18.97 -24.40
C PHE A 362 33.60 -17.62 -24.15
N ALA A 363 33.06 -17.02 -25.22
CA ALA A 363 32.12 -15.89 -25.15
C ALA A 363 32.38 -14.72 -24.19
N SER A 364 31.42 -14.54 -23.28
CA SER A 364 31.28 -13.38 -22.38
C SER A 364 31.00 -12.06 -23.09
N ASN A 365 29.82 -11.98 -23.71
CA ASN A 365 29.49 -10.89 -24.61
C ASN A 365 29.95 -9.47 -24.09
N THR A 366 29.67 -9.15 -22.83
CA THR A 366 30.14 -7.86 -22.28
C THR A 366 31.66 -7.76 -22.32
N ALA A 367 32.29 -8.57 -21.46
CA ALA A 367 33.74 -8.55 -21.24
C ALA A 367 34.53 -8.55 -22.57
N SER A 368 33.96 -9.21 -23.58
CA SER A 368 34.51 -9.10 -24.90
C SER A 368 34.60 -7.67 -25.37
N ALA A 369 33.45 -7.07 -25.64
CA ALA A 369 33.37 -5.67 -26.04
C ALA A 369 34.16 -4.73 -25.09
N ALA A 370 34.30 -5.13 -23.84
CA ALA A 370 34.99 -4.33 -22.84
C ALA A 370 36.50 -4.26 -23.11
N LEU A 371 37.05 -5.31 -23.72
CA LEU A 371 38.43 -5.32 -24.20
C LEU A 371 38.59 -4.61 -25.56
N LEU A 372 37.73 -4.99 -26.49
CA LEU A 372 37.92 -4.69 -27.90
C LEU A 372 37.68 -3.25 -28.34
N ILE A 373 36.67 -2.60 -27.75
CA ILE A 373 36.36 -1.22 -28.13
C ILE A 373 37.52 -0.29 -27.79
N PRO A 374 37.97 -0.31 -26.52
CA PRO A 374 39.08 0.55 -26.19
C PRO A 374 40.11 0.35 -27.26
N VAL A 375 40.44 -0.91 -27.55
CA VAL A 375 41.56 -1.20 -28.43
C VAL A 375 41.35 -0.71 -29.85
N PHE A 376 40.27 -1.19 -30.46
CA PHE A 376 39.99 -0.87 -31.84
C PHE A 376 39.66 0.61 -31.95
N ALA A 377 38.94 1.13 -30.96
CA ALA A 377 38.52 2.53 -30.99
C ALA A 377 39.73 3.43 -31.07
N THR A 378 40.67 3.23 -30.13
CA THR A 378 41.84 4.09 -29.96
C THR A 378 42.87 3.93 -31.08
N VAL A 379 43.00 2.73 -31.63
CA VAL A 379 43.82 2.63 -32.81
C VAL A 379 43.14 3.46 -33.90
N ALA A 380 41.91 3.13 -34.23
CA ALA A 380 41.25 3.76 -35.38
C ALA A 380 41.44 5.27 -35.31
N GLU A 381 41.53 5.80 -34.09
CA GLU A 381 41.88 7.20 -33.88
C GLU A 381 43.31 7.44 -34.33
N ALA A 382 44.21 6.58 -33.88
CA ALA A 382 45.63 6.67 -34.23
C ALA A 382 45.80 6.73 -35.74
N PHE A 383 44.87 6.10 -36.47
CA PHE A 383 44.93 6.10 -37.91
C PHE A 383 44.32 7.34 -38.55
N GLY A 384 43.77 8.24 -37.73
CA GLY A 384 43.10 9.43 -38.22
C GLY A 384 41.68 9.17 -38.71
N MSE A 385 40.93 8.38 -37.95
CA MSE A 385 39.65 7.83 -38.36
C MSE A 385 38.61 7.94 -37.23
O MSE A 385 38.95 7.76 -36.05
CB MSE A 385 39.86 6.37 -38.77
CG MSE A 385 38.69 5.66 -39.46
SE MSE A 385 39.04 3.73 -39.70
CE MSE A 385 40.75 3.80 -40.67
N SER A 386 37.35 8.23 -37.56
CA SER A 386 36.32 8.36 -36.52
C SER A 386 36.07 7.03 -35.80
N PRO A 387 36.32 7.04 -34.48
CA PRO A 387 36.28 5.84 -33.64
C PRO A 387 35.00 5.04 -33.87
N VAL A 388 33.93 5.76 -34.20
CA VAL A 388 32.55 5.26 -34.13
C VAL A 388 32.35 3.91 -34.80
N LEU A 389 32.42 3.93 -36.13
CA LEU A 389 31.91 2.84 -36.94
C LEU A 389 32.39 1.50 -36.41
N LEU A 390 33.69 1.35 -36.27
CA LEU A 390 34.23 0.13 -35.70
C LEU A 390 33.61 -0.24 -34.35
N SER A 391 33.59 0.71 -33.42
CA SER A 391 33.22 0.42 -32.04
C SER A 391 31.77 -0.03 -31.97
N VAL A 392 30.93 0.62 -32.79
CA VAL A 392 29.55 0.20 -32.94
C VAL A 392 29.54 -1.27 -33.34
N LEU A 393 30.17 -1.54 -34.48
CA LEU A 393 30.24 -2.87 -35.07
C LEU A 393 30.65 -3.88 -34.01
N ILE A 394 31.67 -3.55 -33.23
CA ILE A 394 32.20 -4.48 -32.25
C ILE A 394 31.16 -4.85 -31.20
N ALA A 395 30.39 -3.86 -30.75
CA ALA A 395 29.31 -4.10 -29.79
C ALA A 395 28.19 -4.94 -30.38
N VAL A 396 27.61 -4.46 -31.48
CA VAL A 396 26.51 -5.19 -32.11
C VAL A 396 26.97 -6.64 -32.25
N ALA A 397 28.11 -6.83 -32.91
CA ALA A 397 28.69 -8.15 -33.01
C ALA A 397 28.76 -8.84 -31.65
N ALA A 398 29.21 -8.15 -30.62
CA ALA A 398 29.34 -8.77 -29.30
C ALA A 398 28.04 -9.46 -28.84
N SER A 399 26.89 -8.95 -29.31
CA SER A 399 25.58 -9.49 -28.91
C SER A 399 25.15 -10.70 -29.78
N CYS A 400 25.93 -11.00 -30.80
CA CYS A 400 25.56 -11.97 -31.83
C CYS A 400 25.81 -13.40 -31.39
N ALA A 401 25.87 -13.60 -30.08
CA ALA A 401 26.10 -14.92 -29.51
C ALA A 401 24.90 -15.86 -29.63
N PHE A 402 25.14 -16.91 -30.41
CA PHE A 402 24.23 -18.00 -30.67
C PHE A 402 25.29 -19.11 -30.78
N MSE A 403 24.90 -20.27 -31.29
CA MSE A 403 25.65 -21.50 -31.08
C MSE A 403 25.71 -21.70 -29.55
O MSE A 403 24.79 -21.30 -28.84
CB MSE A 403 27.08 -21.42 -31.64
CG MSE A 403 27.22 -21.40 -33.19
SE MSE A 403 29.05 -21.66 -33.91
CE MSE A 403 29.77 -22.75 -32.49
N LEU A 404 26.83 -22.21 -29.05
CA LEU A 404 26.89 -22.74 -27.68
C LEU A 404 26.55 -21.74 -26.58
N PRO A 405 25.98 -22.23 -25.46
CA PRO A 405 26.03 -21.41 -24.23
C PRO A 405 27.19 -21.86 -23.33
N VAL A 406 27.51 -21.09 -22.30
CA VAL A 406 27.31 -19.66 -22.34
C VAL A 406 28.55 -19.20 -23.10
N ALA A 407 28.77 -17.89 -23.25
CA ALA A 407 27.73 -16.87 -23.04
C ALA A 407 26.99 -16.95 -24.35
N THR A 408 25.89 -16.21 -24.50
CA THR A 408 25.26 -15.36 -23.47
C THR A 408 24.49 -16.23 -22.44
N PRO A 409 24.03 -15.65 -21.31
CA PRO A 409 23.22 -16.55 -20.45
C PRO A 409 21.83 -16.97 -21.00
N PRO A 410 21.17 -16.14 -21.83
CA PRO A 410 19.92 -16.49 -22.53
C PRO A 410 20.01 -17.86 -23.19
N ASN A 411 21.11 -18.06 -23.89
CA ASN A 411 21.43 -19.39 -24.34
C ASN A 411 21.31 -20.24 -23.08
N ALA A 412 22.25 -20.12 -22.16
CA ALA A 412 22.33 -21.07 -21.05
C ALA A 412 21.04 -21.22 -20.24
N ILE A 413 20.17 -20.21 -20.28
CA ILE A 413 18.83 -20.33 -19.67
C ILE A 413 18.03 -21.43 -20.38
N VAL A 414 17.84 -21.24 -21.68
CA VAL A 414 16.87 -22.04 -22.42
C VAL A 414 17.25 -23.49 -22.38
N PHE A 415 18.37 -23.84 -21.76
CA PHE A 415 18.62 -25.27 -21.61
C PHE A 415 17.95 -25.77 -20.33
N ALA A 416 16.79 -26.37 -20.54
CA ALA A 416 16.09 -27.29 -19.66
C ALA A 416 15.21 -27.98 -20.68
N SER A 417 14.90 -29.27 -20.51
CA SER A 417 14.12 -30.02 -21.51
C SER A 417 14.84 -30.16 -22.87
N GLY A 418 14.26 -29.57 -23.92
CA GLY A 418 14.73 -29.82 -25.27
C GLY A 418 16.13 -29.30 -25.41
N HIS A 419 16.71 -28.99 -24.25
CA HIS A 419 18.09 -28.55 -24.12
C HIS A 419 19.05 -29.55 -24.75
N ILE A 420 18.57 -30.76 -25.01
CA ILE A 420 19.39 -31.78 -25.61
C ILE A 420 19.85 -31.21 -26.95
N LYS A 421 19.33 -30.02 -27.24
CA LYS A 421 19.70 -29.28 -28.44
C LYS A 421 21.22 -29.39 -28.61
N GLN A 422 21.99 -28.86 -27.68
CA GLN A 422 23.43 -29.07 -27.72
C GLN A 422 23.94 -28.69 -29.10
N SER A 423 24.37 -29.69 -29.84
CA SER A 423 24.70 -29.53 -31.26
C SER A 423 23.65 -28.72 -32.02
N GLU A 424 22.37 -28.93 -31.71
CA GLU A 424 21.28 -28.35 -32.49
C GLU A 424 21.45 -26.84 -32.59
N MSE A 425 21.85 -26.26 -31.46
CA MSE A 425 22.16 -24.84 -31.34
C MSE A 425 23.36 -24.58 -32.22
O MSE A 425 23.33 -23.78 -33.16
CB MSE A 425 22.49 -24.52 -29.89
CG MSE A 425 22.16 -23.10 -29.41
SE MSE A 425 22.71 -22.82 -27.54
CE MSE A 425 21.58 -24.14 -26.66
N MSE A 426 24.43 -25.33 -31.93
CA MSE A 426 25.67 -25.19 -32.65
C MSE A 426 25.36 -25.15 -34.14
O MSE A 426 25.88 -24.31 -34.88
CB MSE A 426 26.60 -26.35 -32.31
CG MSE A 426 28.10 -26.05 -32.42
SE MSE A 426 29.24 -27.46 -31.66
CE MSE A 426 30.09 -28.09 -33.32
N ARG A 427 24.49 -26.05 -34.58
CA ARG A 427 24.15 -26.15 -35.99
C ARG A 427 23.32 -24.96 -36.41
N VAL A 428 22.21 -24.74 -35.72
CA VAL A 428 21.32 -23.71 -36.17
C VAL A 428 22.05 -22.39 -36.11
N GLY A 429 22.87 -22.24 -35.07
CA GLY A 429 23.53 -20.98 -34.77
C GLY A 429 24.66 -20.57 -35.71
N LEU A 430 25.27 -21.55 -36.36
CA LEU A 430 26.37 -21.29 -37.26
C LEU A 430 25.90 -20.43 -38.41
N TYR A 431 24.76 -20.77 -38.98
CA TYR A 431 24.26 -19.99 -40.09
C TYR A 431 23.96 -18.59 -39.61
N LEU A 432 23.26 -18.52 -38.48
CA LEU A 432 22.94 -17.25 -37.88
C LEU A 432 24.20 -16.40 -37.75
N ASN A 433 25.23 -16.95 -37.11
CA ASN A 433 26.49 -16.21 -36.91
C ASN A 433 26.95 -15.59 -38.22
N ILE A 434 27.16 -16.44 -39.23
CA ILE A 434 27.56 -15.99 -40.57
C ILE A 434 26.52 -15.09 -41.19
N ALA A 435 25.25 -15.48 -41.08
CA ALA A 435 24.17 -14.70 -41.66
C ALA A 435 24.43 -13.26 -41.30
N CYS A 436 24.80 -13.05 -40.02
CA CYS A 436 25.09 -11.74 -39.48
C CYS A 436 26.42 -11.16 -39.99
N ILE A 437 27.45 -12.00 -40.07
CA ILE A 437 28.74 -11.53 -40.58
C ILE A 437 28.55 -10.85 -41.95
N GLY A 438 27.56 -11.30 -42.71
CA GLY A 438 27.19 -10.61 -43.93
C GLY A 438 26.37 -9.36 -43.65
N LEU A 439 25.44 -9.44 -42.70
CA LEU A 439 24.47 -8.38 -42.45
C LEU A 439 25.08 -7.14 -41.81
N LEU A 440 25.91 -7.35 -40.80
CA LEU A 440 26.57 -6.22 -40.16
C LEU A 440 27.48 -5.58 -41.20
N THR A 441 28.16 -6.40 -41.99
CA THR A 441 29.10 -5.91 -42.99
C THR A 441 28.41 -5.12 -44.08
N ALA A 442 27.16 -5.46 -44.33
CA ALA A 442 26.36 -4.75 -45.33
C ALA A 442 25.97 -3.36 -44.78
N ILE A 443 25.17 -3.36 -43.71
CA ILE A 443 24.74 -2.12 -43.06
C ILE A 443 25.93 -1.20 -42.82
N ALA A 444 26.98 -1.75 -42.23
CA ALA A 444 28.14 -0.96 -41.86
C ALA A 444 28.73 -0.23 -43.06
N MSE A 445 28.74 -0.89 -44.21
CA MSE A 445 29.28 -0.29 -45.44
C MSE A 445 28.32 0.77 -45.99
O MSE A 445 28.74 1.80 -46.50
CB MSE A 445 29.55 -1.39 -46.49
CG MSE A 445 30.74 -1.13 -47.43
SE MSE A 445 32.44 -1.89 -46.82
CE MSE A 445 32.66 -0.89 -45.16
N LEU A 446 27.02 0.51 -45.88
CA LEU A 446 26.01 1.45 -46.35
C LEU A 446 26.01 2.67 -45.46
N PHE A 447 26.48 2.50 -44.24
CA PHE A 447 26.56 3.58 -43.27
C PHE A 447 27.81 4.40 -43.50
N TRP A 448 28.59 4.00 -44.51
CA TRP A 448 29.86 4.66 -44.81
C TRP A 448 29.62 6.12 -45.23
N GLN A 449 28.35 6.48 -45.41
CA GLN A 449 27.97 7.83 -45.87
C GLN A 449 27.80 8.85 -44.74
N HIS B 6 -12.35 14.59 24.58
CA HIS B 6 -12.28 14.63 26.05
C HIS B 6 -13.18 15.73 26.61
N ARG B 7 -13.39 16.79 25.82
CA ARG B 7 -14.52 17.69 26.05
C ARG B 7 -15.72 16.78 26.07
N ASN B 8 -15.81 15.98 25.02
CA ASN B 8 -16.92 15.06 24.83
C ASN B 8 -16.96 13.96 25.87
N SER B 9 -15.80 13.55 26.35
CA SER B 9 -15.75 12.44 27.30
C SER B 9 -16.33 12.82 28.67
N LEU B 10 -15.86 13.94 29.23
CA LEU B 10 -16.41 14.41 30.50
C LEU B 10 -17.92 14.63 30.38
N ILE B 11 -18.33 15.30 29.29
CA ILE B 11 -19.75 15.58 29.05
C ILE B 11 -20.62 14.35 29.28
N VAL B 12 -20.18 13.22 28.77
CA VAL B 12 -20.91 11.99 28.97
C VAL B 12 -21.09 11.69 30.44
N LEU B 13 -20.01 11.29 31.11
CA LEU B 13 -20.12 10.87 32.50
C LEU B 13 -20.74 11.98 33.33
N ALA B 14 -20.60 13.21 32.83
CA ALA B 14 -21.39 14.33 33.33
C ALA B 14 -22.86 13.99 33.23
N ASP B 15 -23.32 13.79 32.01
CA ASP B 15 -24.71 13.42 31.75
C ASP B 15 -25.10 12.16 32.50
N VAL B 16 -24.26 11.14 32.47
CA VAL B 16 -24.52 9.95 33.27
C VAL B 16 -24.82 10.33 34.71
N ALA B 17 -24.01 11.22 35.26
CA ALA B 17 -24.27 11.67 36.62
C ALA B 17 -25.71 12.22 36.76
N LEU B 18 -26.17 13.03 35.80
CA LEU B 18 -27.51 13.60 35.84
C LEU B 18 -28.59 12.51 35.88
N PHE B 19 -28.44 11.52 35.01
CA PHE B 19 -29.37 10.41 34.97
C PHE B 19 -29.43 9.74 36.34
N LEU B 20 -28.28 9.30 36.84
CA LEU B 20 -28.22 8.71 38.16
C LEU B 20 -28.95 9.58 39.17
N ALA B 21 -28.79 10.90 39.04
CA ALA B 21 -29.40 11.84 39.99
C ALA B 21 -30.92 11.78 39.92
N LEU B 22 -31.46 11.97 38.72
CA LEU B 22 -32.90 12.00 38.52
C LEU B 22 -33.55 10.65 38.81
N TYR B 23 -32.81 9.56 38.64
CA TYR B 23 -33.40 8.21 38.79
C TYR B 23 -33.57 7.79 40.23
N HIS B 24 -32.58 8.09 41.07
CA HIS B 24 -32.64 7.67 42.46
C HIS B 24 -33.50 8.56 43.36
N PHE B 25 -33.47 9.86 43.12
CA PHE B 25 -34.32 10.76 43.88
C PHE B 25 -35.10 11.65 42.94
N LEU B 26 -36.39 11.38 42.89
CA LEU B 26 -37.32 12.09 42.03
C LEU B 26 -38.62 11.37 42.38
N PRO B 27 -39.65 12.15 42.74
CA PRO B 27 -40.76 11.51 43.43
C PRO B 27 -41.98 11.21 42.55
N PHE B 28 -41.83 10.44 41.50
CA PHE B 28 -42.99 10.09 40.69
C PHE B 28 -42.98 8.59 40.65
N GLU B 29 -44.05 7.98 40.15
CA GLU B 29 -44.08 6.54 39.95
C GLU B 29 -42.88 6.08 39.10
N HIS B 30 -42.33 4.91 39.43
CA HIS B 30 -41.08 4.48 38.83
C HIS B 30 -41.05 4.70 37.33
N ASN B 31 -41.99 4.07 36.62
CA ASN B 31 -42.03 4.16 35.16
C ASN B 31 -41.86 5.58 34.64
N VAL B 32 -42.35 6.56 35.38
CA VAL B 32 -42.23 7.94 34.95
C VAL B 32 -40.87 8.53 35.25
N VAL B 33 -40.38 8.28 36.47
CA VAL B 33 -39.00 8.61 36.80
C VAL B 33 -38.16 8.12 35.65
N LEU B 34 -38.15 6.80 35.49
CA LEU B 34 -37.34 6.13 34.47
C LEU B 34 -37.46 6.87 33.13
N GLY B 35 -38.66 6.93 32.57
CA GLY B 35 -38.84 7.65 31.32
C GLY B 35 -38.28 9.06 31.30
N ILE B 36 -38.65 9.89 32.28
CA ILE B 36 -38.11 11.25 32.30
C ILE B 36 -36.58 11.19 32.33
N SER B 37 -36.04 10.30 33.16
CA SER B 37 -34.58 10.13 33.30
C SER B 37 -33.90 9.78 31.97
N MSE B 38 -34.42 8.77 31.28
CA MSE B 38 -33.92 8.45 29.96
C MSE B 38 -34.06 9.67 29.06
O MSE B 38 -33.15 10.00 28.30
CB MSE B 38 -34.65 7.26 29.34
CG MSE B 38 -34.03 5.90 29.59
SE MSE B 38 -34.88 4.39 28.63
CE MSE B 38 -34.40 4.97 26.82
N LEU B 39 -35.21 10.34 29.15
CA LEU B 39 -35.50 11.42 28.23
C LEU B 39 -34.42 12.50 28.28
N ALA B 40 -34.07 12.90 29.51
CA ALA B 40 -33.03 13.88 29.76
C ALA B 40 -31.70 13.37 29.23
N PHE B 41 -31.28 12.21 29.74
CA PHE B 41 -29.99 11.62 29.34
C PHE B 41 -29.77 11.65 27.82
N ILE B 42 -30.66 11.00 27.08
CA ILE B 42 -30.66 11.02 25.62
C ILE B 42 -30.66 12.44 25.04
N ALA B 43 -31.37 13.35 25.69
CA ALA B 43 -31.51 14.70 25.16
C ALA B 43 -30.16 15.42 25.24
N VAL B 44 -29.52 15.29 26.40
CA VAL B 44 -28.17 15.80 26.60
C VAL B 44 -27.23 15.22 25.56
N LEU B 45 -27.38 13.92 25.30
CA LEU B 45 -26.46 13.22 24.41
C LEU B 45 -26.67 13.59 22.96
N TRP B 46 -27.91 13.85 22.59
CA TRP B 46 -28.26 14.19 21.21
C TRP B 46 -27.95 15.62 20.83
N LEU B 47 -28.32 16.54 21.71
CA LEU B 47 -27.80 17.89 21.59
C LEU B 47 -26.38 17.74 22.10
N THR B 48 -25.45 18.53 21.59
CA THR B 48 -24.03 18.41 22.00
C THR B 48 -23.21 17.26 21.38
N GLU B 49 -23.87 16.26 20.80
CA GLU B 49 -23.14 15.22 20.07
C GLU B 49 -21.90 14.73 20.80
N ALA B 50 -21.95 14.65 22.13
CA ALA B 50 -20.84 14.08 22.90
C ALA B 50 -20.52 12.64 22.46
N LEU B 51 -21.54 11.93 22.00
CA LEU B 51 -21.37 10.67 21.29
C LEU B 51 -21.98 10.84 19.91
N HIS B 52 -21.45 10.16 18.91
CA HIS B 52 -21.96 10.30 17.55
C HIS B 52 -23.47 10.10 17.54
N VAL B 53 -24.15 10.97 16.81
CA VAL B 53 -25.61 11.00 16.79
C VAL B 53 -26.15 9.58 16.71
N THR B 54 -25.45 8.72 15.96
CA THR B 54 -25.92 7.35 15.80
C THR B 54 -25.72 6.50 17.05
N VAL B 55 -24.54 6.54 17.65
CA VAL B 55 -24.33 5.73 18.83
C VAL B 55 -25.44 5.93 19.87
N THR B 56 -25.74 7.19 20.18
CA THR B 56 -26.80 7.50 21.14
C THR B 56 -28.11 6.80 20.76
N ALA B 57 -28.40 6.73 19.45
CA ALA B 57 -29.59 6.04 18.93
C ALA B 57 -29.57 4.57 19.26
N ILE B 58 -28.43 3.91 19.03
CA ILE B 58 -28.25 2.49 19.37
C ILE B 58 -28.44 2.31 20.87
N LEU B 59 -28.11 3.38 21.59
CA LEU B 59 -28.14 3.38 23.05
C LEU B 59 -29.55 3.29 23.58
N VAL B 60 -30.51 3.82 22.82
CA VAL B 60 -31.92 3.85 23.25
C VAL B 60 -32.54 2.46 23.43
N PRO B 61 -32.48 1.60 22.39
CA PRO B 61 -32.96 0.22 22.42
C PRO B 61 -32.29 -0.54 23.55
N VAL B 62 -30.98 -0.42 23.63
CA VAL B 62 -30.20 -1.03 24.70
C VAL B 62 -30.66 -0.60 26.09
N MSE B 63 -31.11 0.64 26.18
CA MSE B 63 -31.56 1.19 27.46
C MSE B 63 -32.98 0.82 27.85
O MSE B 63 -33.29 0.77 29.03
CB MSE B 63 -31.38 2.71 27.52
CG MSE B 63 -29.95 3.21 27.58
SE MSE B 63 -30.07 5.09 28.05
CE MSE B 63 -30.91 4.83 29.77
N ALA B 64 -33.85 0.57 26.85
CA ALA B 64 -35.06 -0.22 27.06
C ALA B 64 -34.48 -1.61 27.15
N VAL B 65 -35.29 -2.66 27.14
CA VAL B 65 -34.65 -3.96 27.35
C VAL B 65 -34.07 -3.93 28.75
N PHE B 66 -32.74 -3.87 28.91
CA PHE B 66 -32.17 -3.62 30.24
C PHE B 66 -33.02 -2.47 30.75
N PHE B 67 -33.42 -2.49 32.02
CA PHE B 67 -34.39 -1.50 32.54
C PHE B 67 -35.84 -1.94 32.30
N GLY B 68 -36.02 -3.00 31.53
CA GLY B 68 -37.31 -3.62 31.36
C GLY B 68 -38.41 -2.93 30.56
N ILE B 69 -38.16 -1.76 29.99
CA ILE B 69 -39.23 -1.13 29.24
C ILE B 69 -39.76 -2.05 28.14
N PHE B 70 -39.03 -2.23 27.05
CA PHE B 70 -39.44 -3.19 26.03
C PHE B 70 -38.61 -4.45 26.07
N GLU B 71 -38.95 -5.39 25.22
CA GLU B 71 -38.19 -6.63 25.10
C GLU B 71 -37.36 -6.53 23.84
N THR B 72 -36.22 -7.17 23.86
CA THR B 72 -35.23 -6.94 22.83
C THR B 72 -35.79 -6.93 21.39
N GLN B 73 -36.28 -8.05 20.90
CA GLN B 73 -36.66 -8.07 19.51
C GLN B 73 -37.70 -6.97 19.27
N ALA B 74 -38.57 -6.78 20.25
CA ALA B 74 -39.61 -5.78 20.13
C ALA B 74 -38.99 -4.40 19.90
N ALA B 75 -38.12 -4.00 20.84
CA ALA B 75 -37.37 -2.73 20.81
C ALA B 75 -36.69 -2.49 19.46
N LEU B 76 -35.98 -3.51 18.99
CA LEU B 76 -35.16 -3.41 17.78
C LEU B 76 -36.03 -3.15 16.57
N ASN B 77 -37.25 -3.63 16.64
CA ASN B 77 -38.08 -3.67 15.44
C ASN B 77 -38.31 -2.28 14.93
N ASN B 78 -38.08 -1.31 15.80
CA ASN B 78 -38.30 0.08 15.46
C ASN B 78 -37.37 0.46 14.32
N PHE B 79 -36.20 -0.17 14.32
CA PHE B 79 -35.19 0.14 13.33
C PHE B 79 -35.65 -0.19 11.94
N ALA B 80 -36.66 -1.04 11.85
CA ALA B 80 -37.15 -1.53 10.58
C ALA B 80 -38.23 -0.69 9.93
N ASN B 81 -38.68 0.35 10.61
CA ASN B 81 -39.84 1.08 10.14
C ASN B 81 -39.77 1.39 8.64
N SER B 82 -40.92 1.28 7.99
CA SER B 82 -41.01 1.45 6.55
C SER B 82 -40.56 2.83 6.04
N ILE B 83 -40.80 3.88 6.81
CA ILE B 83 -40.39 5.23 6.39
C ILE B 83 -38.89 5.31 6.16
N ILE B 84 -38.15 4.61 7.01
CA ILE B 84 -36.72 4.37 6.82
C ILE B 84 -36.40 3.87 5.40
N PHE B 85 -37.15 2.88 4.94
CA PHE B 85 -37.00 2.37 3.58
C PHE B 85 -37.37 3.39 2.51
N LEU B 86 -38.46 4.12 2.71
CA LEU B 86 -38.77 5.24 1.83
C LEU B 86 -37.52 6.12 1.66
N PHE B 87 -36.72 6.19 2.72
CA PHE B 87 -35.50 6.98 2.71
C PHE B 87 -34.34 6.26 1.97
N LEU B 88 -34.15 4.96 2.24
CA LEU B 88 -33.09 4.24 1.55
C LEU B 88 -33.34 4.24 0.04
N GLY B 89 -34.61 4.23 -0.32
CA GLY B 89 -35.00 4.35 -1.72
C GLY B 89 -34.52 5.68 -2.25
N GLY B 90 -34.88 6.75 -1.55
CA GLY B 90 -34.52 8.08 -2.00
C GLY B 90 -33.06 8.13 -2.34
N PHE B 91 -32.22 7.52 -1.48
CA PHE B 91 -30.77 7.50 -1.67
C PHE B 91 -30.42 6.91 -3.03
N ALA B 92 -30.79 5.65 -3.25
CA ALA B 92 -30.46 4.98 -4.49
C ALA B 92 -30.76 5.94 -5.65
N LEU B 93 -31.98 6.50 -5.62
CA LEU B 93 -32.40 7.47 -6.62
C LEU B 93 -31.26 8.46 -6.81
N ALA B 94 -30.81 9.01 -5.70
CA ALA B 94 -29.72 9.98 -5.68
C ALA B 94 -28.40 9.39 -6.17
N ALA B 95 -27.97 8.26 -5.60
CA ALA B 95 -26.76 7.59 -6.06
C ALA B 95 -26.82 7.46 -7.58
N ALA B 96 -28.00 7.18 -8.10
CA ALA B 96 -28.19 7.07 -9.54
C ALA B 96 -27.70 8.33 -10.23
N MSE B 97 -28.40 9.41 -9.98
CA MSE B 97 -28.17 10.64 -10.72
C MSE B 97 -26.79 11.22 -10.49
O MSE B 97 -26.38 12.13 -11.20
CB MSE B 97 -29.24 11.67 -10.37
CG MSE B 97 -30.61 11.31 -10.86
SE MSE B 97 -31.86 12.25 -9.74
CE MSE B 97 -31.35 11.45 -8.03
N HIS B 98 -26.09 10.70 -9.49
CA HIS B 98 -24.71 11.13 -9.30
C HIS B 98 -23.81 10.30 -10.23
N HIS B 99 -23.79 8.99 -10.00
CA HIS B 99 -22.97 8.07 -10.79
C HIS B 99 -23.15 8.31 -12.29
N GLN B 100 -24.39 8.50 -12.72
CA GLN B 100 -24.69 8.63 -14.15
C GLN B 100 -24.47 10.02 -14.70
N GLY B 101 -24.06 10.93 -13.83
CA GLY B 101 -23.82 12.30 -14.24
C GLY B 101 -25.07 13.05 -14.69
N LEU B 102 -26.06 13.12 -13.80
CA LEU B 102 -27.32 13.82 -14.08
C LEU B 102 -27.29 15.23 -13.51
N ASP B 103 -27.10 15.33 -12.20
CA ASP B 103 -26.96 16.60 -11.49
C ASP B 103 -26.01 17.59 -12.19
N LYS B 104 -24.86 17.10 -12.65
CA LYS B 104 -23.87 17.93 -13.32
C LYS B 104 -24.50 18.70 -14.46
N VAL B 105 -25.15 17.98 -15.37
CA VAL B 105 -25.84 18.62 -16.50
C VAL B 105 -26.97 19.55 -16.03
N ILE B 106 -27.82 19.09 -15.13
CA ILE B 106 -28.88 19.96 -14.65
C ILE B 106 -28.24 21.27 -14.22
N ALA B 107 -27.10 21.14 -13.55
CA ALA B 107 -26.42 22.29 -13.00
C ALA B 107 -25.82 23.13 -14.12
N ASP B 108 -25.27 22.45 -15.12
CA ASP B 108 -24.71 23.11 -16.30
C ASP B 108 -25.86 23.59 -17.19
N LYS B 109 -26.68 22.65 -17.65
CA LYS B 109 -27.78 22.94 -18.58
C LYS B 109 -28.60 24.16 -18.16
N VAL B 110 -28.82 24.31 -16.86
CA VAL B 110 -29.54 25.48 -16.36
C VAL B 110 -28.63 26.72 -16.32
N LEU B 111 -27.39 26.53 -15.86
CA LEU B 111 -26.43 27.63 -15.78
C LEU B 111 -26.31 28.35 -17.11
N ALA B 112 -26.18 27.59 -18.18
CA ALA B 112 -25.92 28.15 -19.51
C ALA B 112 -26.97 29.17 -19.93
N MSE B 113 -28.24 28.80 -19.84
CA MSE B 113 -29.33 29.67 -20.26
C MSE B 113 -29.42 30.95 -19.42
O MSE B 113 -28.77 31.95 -19.70
CB MSE B 113 -30.67 28.90 -20.25
CG MSE B 113 -30.94 28.13 -18.96
SE MSE B 113 -32.53 27.00 -19.02
CE MSE B 113 -32.11 25.95 -20.62
N VAL B 120 -27.22 37.46 -13.63
CA VAL B 120 -28.41 36.63 -13.83
C VAL B 120 -28.18 35.20 -13.37
N ALA B 121 -26.92 34.81 -13.24
CA ALA B 121 -26.57 33.41 -12.94
C ALA B 121 -26.63 33.02 -11.46
N VAL B 122 -26.56 34.00 -10.56
CA VAL B 122 -26.65 33.70 -9.14
C VAL B 122 -28.06 33.24 -8.77
N PHE B 123 -29.05 34.04 -9.13
CA PHE B 123 -30.46 33.72 -8.88
C PHE B 123 -30.82 32.35 -9.46
N MSE B 124 -30.16 31.99 -10.57
CA MSE B 124 -30.46 30.72 -11.24
C MSE B 124 -29.81 29.55 -10.51
O MSE B 124 -30.43 28.49 -10.36
CB MSE B 124 -30.01 30.76 -12.70
CG MSE B 124 -30.63 29.68 -13.57
SE MSE B 124 -32.09 30.32 -14.73
CE MSE B 124 -32.94 28.62 -15.22
N LEU B 125 -28.58 29.73 -10.06
CA LEU B 125 -27.88 28.68 -9.33
C LEU B 125 -28.70 28.31 -8.10
N PHE B 126 -29.17 29.35 -7.40
CA PHE B 126 -30.04 29.18 -6.24
C PHE B 126 -31.21 28.26 -6.59
N GLY B 127 -31.89 28.58 -7.69
CA GLY B 127 -33.03 27.81 -8.15
C GLY B 127 -32.68 26.35 -8.33
N VAL B 128 -31.64 26.09 -9.11
CA VAL B 128 -31.18 24.73 -9.33
C VAL B 128 -30.68 24.11 -8.05
N THR B 129 -29.89 24.86 -7.28
CA THR B 129 -29.34 24.31 -6.04
C THR B 129 -30.44 23.75 -5.12
N ALA B 130 -31.48 24.55 -4.89
CA ALA B 130 -32.62 24.12 -4.08
C ALA B 130 -33.42 23.02 -4.79
N LEU B 131 -33.67 23.24 -6.09
CA LEU B 131 -34.34 22.28 -6.94
C LEU B 131 -33.70 20.92 -6.80
N LEU B 132 -32.38 20.91 -6.69
CA LEU B 132 -31.67 19.65 -6.50
C LEU B 132 -31.75 19.21 -5.05
N SER B 133 -31.61 20.13 -4.10
CA SER B 133 -31.60 19.74 -2.70
C SER B 133 -32.88 19.05 -2.26
N MSE B 134 -33.94 19.21 -3.05
CA MSE B 134 -35.17 18.44 -2.86
C MSE B 134 -34.86 16.95 -2.86
O MSE B 134 -35.13 16.25 -1.90
CB MSE B 134 -36.13 18.68 -4.03
CG MSE B 134 -36.71 20.07 -4.15
SE MSE B 134 -38.11 20.07 -5.51
CE MSE B 134 -37.08 19.33 -7.00
N TRP B 135 -34.28 16.49 -3.96
CA TRP B 135 -34.04 15.09 -4.22
C TRP B 135 -32.82 14.50 -3.51
N ILE B 136 -31.65 15.06 -3.76
CA ILE B 136 -30.42 14.63 -3.11
C ILE B 136 -30.21 15.27 -1.73
N SER B 137 -29.13 14.86 -1.07
CA SER B 137 -28.77 15.33 0.27
C SER B 137 -28.39 16.82 0.32
N ASN B 138 -28.69 17.47 1.46
CA ASN B 138 -28.33 18.87 1.65
C ASN B 138 -26.82 19.15 1.50
N THR B 139 -26.03 18.65 2.45
CA THR B 139 -24.57 18.89 2.45
C THR B 139 -23.94 18.44 1.13
N ALA B 140 -24.29 17.25 0.68
CA ALA B 140 -23.82 16.72 -0.59
C ALA B 140 -24.02 17.74 -1.71
N THR B 141 -25.26 18.22 -1.81
CA THR B 141 -25.65 19.24 -2.79
C THR B 141 -24.90 20.58 -2.60
N ALA B 142 -24.57 20.92 -1.35
CA ALA B 142 -23.80 22.13 -1.07
C ALA B 142 -22.33 21.95 -1.43
N ALA B 143 -21.79 20.77 -1.10
CA ALA B 143 -20.42 20.44 -1.45
C ALA B 143 -20.21 20.53 -2.95
N MSE B 144 -21.21 20.03 -3.69
CA MSE B 144 -21.15 19.91 -5.14
C MSE B 144 -21.32 21.25 -5.84
O MSE B 144 -20.92 21.43 -6.99
CB MSE B 144 -22.23 18.94 -5.62
CG MSE B 144 -21.93 18.27 -6.98
SE MSE B 144 -23.46 17.98 -8.15
CE MSE B 144 -24.28 19.75 -8.07
N MSE B 145 -21.94 22.20 -5.15
CA MSE B 145 -22.24 23.49 -5.75
C MSE B 145 -21.17 24.55 -5.48
O MSE B 145 -21.18 25.63 -6.09
CB MSE B 145 -23.62 23.98 -5.30
CG MSE B 145 -24.49 24.51 -6.41
SE MSE B 145 -24.72 23.26 -7.90
CE MSE B 145 -25.69 24.46 -9.10
N LEU B 146 -20.23 24.24 -4.58
CA LEU B 146 -19.15 25.18 -4.26
C LEU B 146 -18.26 25.41 -5.49
N PRO B 147 -17.74 24.32 -6.08
CA PRO B 147 -16.90 24.42 -7.28
C PRO B 147 -17.62 25.09 -8.45
N LEU B 148 -18.94 25.03 -8.43
CA LEU B 148 -19.73 25.68 -9.46
C LEU B 148 -19.72 27.18 -9.21
N VAL B 149 -20.26 27.58 -8.06
CA VAL B 149 -20.30 28.99 -7.67
C VAL B 149 -18.93 29.69 -7.74
N LEU B 150 -17.92 29.09 -7.11
CA LEU B 150 -16.61 29.72 -6.99
C LEU B 150 -15.94 29.97 -8.34
N GLY B 151 -16.46 29.35 -9.40
CA GLY B 151 -15.95 29.58 -10.74
C GLY B 151 -16.45 30.88 -11.35
N VAL B 152 -17.71 31.22 -11.09
CA VAL B 152 -18.34 32.39 -11.67
C VAL B 152 -18.20 33.65 -10.80
N LEU B 153 -17.73 33.45 -9.57
CA LEU B 153 -17.39 34.57 -8.70
C LEU B 153 -15.89 34.86 -8.73
N SER B 154 -15.15 34.07 -9.51
CA SER B 154 -13.72 34.28 -9.67
C SER B 154 -13.43 35.47 -10.58
N LYS B 155 -14.35 35.76 -11.49
CA LYS B 155 -14.21 36.89 -12.41
C LYS B 155 -14.23 38.22 -11.65
N VAL B 156 -14.52 38.16 -10.35
CA VAL B 156 -14.52 39.34 -9.49
C VAL B 156 -13.67 39.14 -8.24
N ARG B 162 -15.48 40.61 0.11
CA ARG B 162 -16.63 40.03 0.78
C ARG B 162 -17.93 40.72 0.40
N SER B 163 -17.83 41.81 -0.36
CA SER B 163 -18.97 42.70 -0.62
C SER B 163 -20.14 42.01 -1.33
N THR B 164 -19.82 41.28 -2.39
CA THR B 164 -20.80 40.56 -3.19
C THR B 164 -20.67 39.07 -2.98
N TYR B 165 -19.48 38.54 -3.25
CA TYR B 165 -19.25 37.11 -3.32
C TYR B 165 -19.68 36.36 -2.05
N VAL B 166 -19.99 37.09 -0.99
CA VAL B 166 -20.60 36.46 0.18
C VAL B 166 -22.10 36.20 -0.06
N PHE B 167 -22.76 37.11 -0.77
CA PHE B 167 -24.17 36.95 -1.08
C PHE B 167 -24.41 35.67 -1.87
N VAL B 168 -23.76 35.55 -3.03
CA VAL B 168 -23.94 34.36 -3.88
C VAL B 168 -23.66 33.10 -3.07
N LEU B 169 -22.50 33.05 -2.45
CA LEU B 169 -22.11 31.93 -1.59
C LEU B 169 -23.15 31.70 -0.51
N LEU B 170 -23.29 32.67 0.39
CA LEU B 170 -24.15 32.48 1.56
C LEU B 170 -25.54 32.00 1.14
N GLY B 171 -26.07 32.58 0.07
CA GLY B 171 -27.40 32.24 -0.40
C GLY B 171 -27.51 30.80 -0.91
N VAL B 172 -26.39 30.28 -1.40
CA VAL B 172 -26.39 28.93 -1.93
C VAL B 172 -26.53 27.90 -0.79
N ALA B 173 -25.65 27.95 0.20
CA ALA B 173 -25.75 27.03 1.33
C ALA B 173 -27.03 27.29 2.07
N TYR B 174 -27.59 28.49 1.87
CA TYR B 174 -28.89 28.82 2.43
C TYR B 174 -29.95 28.16 1.59
N SER B 175 -30.08 28.64 0.36
CA SER B 175 -31.13 28.15 -0.54
C SER B 175 -31.04 26.64 -0.73
N ALA B 176 -29.86 26.07 -0.50
CA ALA B 176 -29.74 24.63 -0.55
C ALA B 176 -30.63 24.01 0.51
N SER B 177 -30.67 24.60 1.70
CA SER B 177 -31.47 24.00 2.77
C SER B 177 -32.97 24.37 2.81
N ILE B 178 -33.37 25.44 2.10
CA ILE B 178 -34.78 25.74 1.96
C ILE B 178 -35.39 24.65 1.09
N GLY B 179 -34.58 24.12 0.18
CA GLY B 179 -34.99 22.99 -0.65
C GLY B 179 -34.78 21.68 0.07
N GLY B 180 -34.28 21.77 1.30
CA GLY B 180 -34.04 20.60 2.14
C GLY B 180 -35.36 19.98 2.53
N ILE B 181 -36.37 20.82 2.61
CA ILE B 181 -37.76 20.38 2.74
C ILE B 181 -38.39 20.30 1.35
N ALA B 182 -39.71 20.17 1.30
CA ALA B 182 -40.43 20.14 0.03
C ALA B 182 -40.49 18.75 -0.58
N THR B 183 -39.73 17.80 -0.06
CA THR B 183 -40.02 16.40 -0.34
C THR B 183 -39.67 15.60 0.88
N LEU B 184 -40.34 14.47 1.04
CA LEU B 184 -40.08 13.58 2.17
C LEU B 184 -38.61 13.14 2.19
N VAL B 185 -37.88 13.40 1.10
CA VAL B 185 -36.46 13.07 1.01
C VAL B 185 -35.74 14.15 0.22
N GLY B 186 -34.58 14.61 0.70
CA GLY B 186 -34.17 14.51 2.09
C GLY B 186 -34.56 15.90 2.52
N SER B 187 -34.17 16.38 3.70
CA SER B 187 -33.20 15.73 4.54
C SER B 187 -33.89 15.05 5.71
N PRO B 188 -33.11 14.36 6.55
CA PRO B 188 -33.52 13.48 7.64
C PRO B 188 -34.62 13.90 8.62
N PRO B 189 -34.78 15.19 8.91
CA PRO B 189 -35.93 15.50 9.77
C PRO B 189 -37.29 15.09 9.17
N ASN B 190 -37.53 15.50 7.92
CA ASN B 190 -38.81 15.28 7.25
C ASN B 190 -39.14 13.80 7.38
N ALA B 191 -38.09 13.01 7.35
CA ALA B 191 -38.18 11.59 7.54
C ALA B 191 -38.70 11.29 8.94
N ILE B 192 -37.98 11.79 9.95
CA ILE B 192 -38.33 11.55 11.33
C ILE B 192 -39.83 11.79 11.57
N ALA B 193 -40.33 12.86 10.95
CA ALA B 193 -41.72 13.28 11.11
C ALA B 193 -42.64 12.28 10.44
N ALA B 194 -42.37 12.01 9.15
CA ALA B 194 -43.20 11.10 8.39
C ALA B 194 -43.32 9.72 9.02
N ALA B 195 -42.33 9.28 9.80
CA ALA B 195 -42.46 8.06 10.58
C ALA B 195 -43.28 8.26 11.86
N GLU B 196 -43.03 9.36 12.57
CA GLU B 196 -43.72 9.60 13.84
C GLU B 196 -45.23 9.58 13.68
N VAL B 197 -45.72 10.44 12.80
CA VAL B 197 -47.16 10.63 12.62
C VAL B 197 -47.73 9.83 11.43
N GLY B 198 -46.88 9.08 10.75
CA GLY B 198 -47.31 8.35 9.57
C GLY B 198 -47.68 9.20 8.36
N LEU B 199 -46.75 10.01 7.86
CA LEU B 199 -46.99 10.79 6.65
C LEU B 199 -46.75 10.01 5.36
N SER B 200 -47.50 10.35 4.32
CA SER B 200 -47.20 9.83 3.01
C SER B 200 -46.26 10.81 2.39
N PHE B 201 -45.78 10.46 1.20
CA PHE B 201 -44.89 11.36 0.46
C PHE B 201 -45.65 12.63 0.12
N THR B 202 -46.81 12.43 -0.51
CA THR B 202 -47.64 13.54 -0.97
C THR B 202 -48.30 14.24 0.21
N ASP B 203 -48.50 13.49 1.29
CA ASP B 203 -48.99 14.07 2.54
C ASP B 203 -48.06 15.20 2.95
N TRP B 204 -46.78 14.89 3.10
CA TRP B 204 -45.78 15.85 3.55
C TRP B 204 -45.55 16.90 2.48
N MSE B 205 -45.44 16.47 1.23
CA MSE B 205 -45.15 17.36 0.12
C MSE B 205 -46.19 18.45 -0.04
O MSE B 205 -45.87 19.57 -0.46
CB MSE B 205 -45.01 16.56 -1.19
CG MSE B 205 -44.87 17.42 -2.45
SE MSE B 205 -44.22 16.42 -4.00
CE MSE B 205 -45.20 17.28 -5.45
N LYS B 206 -47.44 18.13 0.29
CA LYS B 206 -48.53 19.11 0.25
C LYS B 206 -48.19 20.33 1.10
N PHE B 207 -47.36 20.11 2.12
CA PHE B 207 -46.93 21.16 3.05
C PHE B 207 -45.61 21.81 2.60
N GLY B 208 -44.55 20.99 2.56
CA GLY B 208 -43.22 21.50 2.28
C GLY B 208 -43.11 22.26 0.99
N LEU B 209 -43.45 21.61 -0.11
CA LEU B 209 -43.19 22.18 -1.43
C LEU B 209 -43.61 23.64 -1.57
N PRO B 210 -44.87 23.95 -1.26
CA PRO B 210 -45.29 25.34 -1.28
C PRO B 210 -44.66 26.17 -0.14
N THR B 211 -44.30 25.51 0.97
CA THR B 211 -43.65 26.21 2.08
C THR B 211 -42.28 26.71 1.65
N ALA B 212 -41.54 25.85 0.96
CA ALA B 212 -40.24 26.26 0.46
C ALA B 212 -40.39 27.32 -0.63
N MSE B 213 -41.41 27.13 -1.47
CA MSE B 213 -41.62 27.99 -2.63
C MSE B 213 -41.91 29.44 -2.24
O MSE B 213 -42.04 30.31 -3.10
CB MSE B 213 -42.76 27.44 -3.49
CG MSE B 213 -42.38 26.27 -4.34
SE MSE B 213 -43.92 25.69 -5.37
CE MSE B 213 -44.23 27.34 -6.36
N MSE B 214 -42.07 29.66 -0.94
CA MSE B 214 -42.14 31.02 -0.41
C MSE B 214 -40.77 31.37 0.17
O MSE B 214 -40.14 32.34 -0.24
CB MSE B 214 -43.22 31.10 0.66
CG MSE B 214 -44.63 31.27 0.11
SE MSE B 214 -46.00 31.05 1.48
CE MSE B 214 -47.51 31.77 0.50
N MSE B 215 -40.34 30.55 1.11
CA MSE B 215 -39.10 30.74 1.83
C MSE B 215 -37.94 31.06 0.89
O MSE B 215 -37.17 32.00 1.16
CB MSE B 215 -38.79 29.45 2.58
CG MSE B 215 -37.80 29.61 3.73
SE MSE B 215 -37.65 28.02 4.86
CE MSE B 215 -39.55 27.65 5.14
N LEU B 216 -37.79 30.32 -0.20
CA LEU B 216 -36.67 30.54 -1.10
C LEU B 216 -36.55 32.00 -1.58
N PRO B 217 -37.59 32.51 -2.28
CA PRO B 217 -37.55 33.90 -2.74
C PRO B 217 -37.32 34.86 -1.57
N MSE B 218 -37.87 34.51 -0.42
CA MSE B 218 -37.76 35.33 0.77
C MSE B 218 -36.31 35.41 1.26
O MSE B 218 -35.77 36.51 1.40
CB MSE B 218 -38.65 34.77 1.88
CG MSE B 218 -38.92 35.73 3.03
SE MSE B 218 -39.78 34.89 4.57
CE MSE B 218 -38.26 33.94 5.33
N ALA B 219 -35.69 34.26 1.48
CA ALA B 219 -34.32 34.20 1.97
C ALA B 219 -33.36 35.04 1.13
N ILE B 220 -33.34 34.72 -0.17
CA ILE B 220 -32.47 35.43 -1.10
C ILE B 220 -32.76 36.93 -1.09
N ALA B 221 -34.04 37.29 -1.16
CA ALA B 221 -34.43 38.68 -1.18
C ALA B 221 -33.96 39.43 0.07
N ILE B 222 -34.05 38.76 1.23
CA ILE B 222 -33.52 39.30 2.47
C ILE B 222 -32.00 39.36 2.42
N LEU B 223 -31.41 38.37 1.75
CA LEU B 223 -29.95 38.37 1.58
C LEU B 223 -29.46 39.59 0.79
N TYR B 224 -30.17 39.95 -0.28
CA TYR B 224 -29.76 41.06 -1.14
C TYR B 224 -30.03 42.44 -0.53
N PHE B 225 -31.07 42.54 0.27
CA PHE B 225 -31.45 43.81 0.87
C PHE B 225 -30.67 44.07 2.15
N LEU B 226 -30.04 43.04 2.70
CA LEU B 226 -29.18 43.20 3.87
C LEU B 226 -27.71 43.44 3.52
N LEU B 227 -27.34 43.20 2.26
CA LEU B 227 -26.00 43.52 1.77
C LEU B 227 -26.03 43.76 0.26
N LYS B 228 -25.20 44.67 -0.22
CA LYS B 228 -25.17 44.95 -1.67
C LYS B 228 -24.17 44.05 -2.40
N LYS B 246 -24.71 10.76 -23.37
CA LYS B 246 -26.02 10.33 -22.91
C LYS B 246 -26.04 8.85 -22.52
N GLY B 247 -27.07 8.15 -23.01
CA GLY B 247 -27.26 6.75 -22.71
C GLY B 247 -27.82 6.59 -21.31
N LYS B 248 -27.80 7.69 -20.57
CA LYS B 248 -28.25 7.72 -19.18
C LYS B 248 -29.70 8.19 -19.08
N VAL B 249 -30.27 8.55 -20.23
CA VAL B 249 -31.62 9.11 -20.26
C VAL B 249 -32.60 8.20 -19.51
N VAL B 250 -32.29 6.90 -19.49
CA VAL B 250 -33.07 5.93 -18.75
C VAL B 250 -33.17 6.27 -17.25
N THR B 251 -32.11 6.85 -16.70
CA THR B 251 -32.14 7.26 -15.29
C THR B 251 -33.16 8.37 -15.10
N LEU B 252 -33.02 9.42 -15.88
CA LEU B 252 -33.98 10.50 -15.87
C LEU B 252 -35.39 9.93 -15.89
N GLY B 253 -35.56 8.86 -16.67
CA GLY B 253 -36.84 8.18 -16.76
C GLY B 253 -37.28 7.50 -15.48
N ILE B 254 -36.45 6.62 -14.93
CA ILE B 254 -36.77 5.93 -13.68
C ILE B 254 -37.20 6.94 -12.62
N PHE B 255 -36.31 7.88 -12.35
CA PHE B 255 -36.56 8.99 -11.44
C PHE B 255 -37.91 9.64 -11.79
N GLY B 256 -38.11 9.90 -13.07
CA GLY B 256 -39.35 10.50 -13.54
C GLY B 256 -40.59 9.66 -13.35
N LEU B 257 -40.40 8.34 -13.32
CA LEU B 257 -41.51 7.43 -13.02
C LEU B 257 -41.71 7.40 -11.53
N THR B 258 -40.59 7.24 -10.82
CA THR B 258 -40.61 7.06 -9.37
C THR B 258 -41.35 8.18 -8.65
N VAL B 259 -41.08 9.42 -9.03
CA VAL B 259 -41.76 10.55 -8.44
C VAL B 259 -43.23 10.55 -8.86
N PHE B 260 -43.48 10.16 -10.10
CA PHE B 260 -44.84 10.14 -10.62
C PHE B 260 -45.69 9.16 -9.85
N LEU B 261 -45.10 8.01 -9.51
CA LEU B 261 -45.75 7.06 -8.63
C LEU B 261 -46.12 7.73 -7.29
N TRP B 262 -45.12 8.26 -6.60
CA TRP B 262 -45.29 8.88 -5.29
C TRP B 262 -46.41 9.92 -5.15
N ILE B 263 -46.54 10.77 -6.15
CA ILE B 263 -47.54 11.84 -6.11
C ILE B 263 -48.92 11.28 -6.38
N PHE B 264 -48.99 10.33 -7.30
CA PHE B 264 -50.24 9.68 -7.65
C PHE B 264 -50.43 8.39 -6.91
N SER B 265 -49.54 8.14 -5.97
CA SER B 265 -49.59 6.93 -5.14
C SER B 265 -50.94 6.77 -4.48
N SER B 266 -51.62 7.89 -4.17
CA SER B 266 -52.91 7.82 -3.49
C SER B 266 -53.96 7.02 -4.31
N PRO B 267 -54.33 7.52 -5.51
CA PRO B 267 -55.28 6.80 -6.38
C PRO B 267 -54.69 5.54 -6.97
N ILE B 268 -53.42 5.60 -7.32
CA ILE B 268 -52.75 4.44 -7.88
C ILE B 268 -52.88 3.24 -6.96
N ASN B 269 -52.65 3.44 -5.67
CA ASN B 269 -52.75 2.35 -4.69
C ASN B 269 -54.20 1.93 -4.47
N ALA B 270 -55.10 2.91 -4.42
CA ALA B 270 -56.53 2.63 -4.35
C ALA B 270 -56.88 1.70 -5.50
N ALA B 271 -56.47 2.10 -6.70
CA ALA B 271 -56.69 1.36 -7.93
C ALA B 271 -56.29 -0.13 -7.84
N LEU B 272 -55.21 -0.41 -7.13
CA LEU B 272 -54.75 -1.78 -6.92
C LEU B 272 -55.15 -2.37 -5.56
N GLY B 273 -55.93 -1.62 -4.77
CA GLY B 273 -56.31 -2.06 -3.43
C GLY B 273 -55.17 -1.93 -2.43
N GLY B 274 -55.36 -2.41 -1.21
CA GLY B 274 -54.32 -2.25 -0.18
C GLY B 274 -53.98 -0.78 -0.05
N PHE B 275 -52.70 -0.46 -0.22
CA PHE B 275 -51.67 -1.47 -0.17
C PHE B 275 -50.87 -1.49 1.11
N LYS B 276 -51.16 -0.61 2.05
CA LYS B 276 -50.33 -0.57 3.25
C LYS B 276 -48.87 -0.12 3.05
N SER B 277 -48.66 1.20 3.02
CA SER B 277 -47.32 1.81 2.88
C SER B 277 -46.74 1.66 1.48
N PHE B 278 -47.58 1.96 0.50
CA PHE B 278 -47.24 1.93 -0.92
C PHE B 278 -45.99 2.76 -1.23
N ASP B 279 -45.88 3.94 -0.62
CA ASP B 279 -44.79 4.87 -0.92
C ASP B 279 -43.43 4.24 -0.72
N THR B 280 -43.30 3.42 0.33
CA THR B 280 -42.09 2.64 0.55
C THR B 280 -41.93 1.57 -0.53
N LEU B 281 -43.05 1.06 -1.02
CA LEU B 281 -43.01 0.07 -2.08
C LEU B 281 -42.54 0.70 -3.38
N VAL B 282 -43.04 1.92 -3.66
CA VAL B 282 -42.61 2.63 -4.85
C VAL B 282 -41.13 2.90 -4.78
N ALA B 283 -40.71 3.37 -3.61
CA ALA B 283 -39.31 3.61 -3.34
C ALA B 283 -38.56 2.30 -3.46
N LEU B 284 -38.97 1.31 -2.66
CA LEU B 284 -38.32 0.01 -2.74
C LEU B 284 -38.32 -0.46 -4.17
N GLY B 285 -39.33 0.00 -4.90
CA GLY B 285 -39.49 -0.33 -6.31
C GLY B 285 -38.46 0.41 -7.13
N ALA B 286 -38.25 1.67 -6.76
CA ALA B 286 -37.21 2.51 -7.37
C ALA B 286 -35.84 1.83 -7.35
N ILE B 287 -35.36 1.41 -6.18
CA ILE B 287 -34.03 0.81 -6.14
C ILE B 287 -34.02 -0.48 -6.96
N LEU B 288 -35.20 -1.05 -7.18
CA LEU B 288 -35.31 -2.25 -8.04
C LEU B 288 -35.19 -1.95 -9.53
N MSE B 289 -35.80 -0.87 -10.00
CA MSE B 289 -35.66 -0.51 -11.41
C MSE B 289 -34.24 -0.03 -11.78
O MSE B 289 -33.65 -0.47 -12.77
CB MSE B 289 -36.71 0.53 -11.81
CG MSE B 289 -38.11 -0.03 -11.87
SE MSE B 289 -39.39 1.36 -12.24
CE MSE B 289 -39.33 2.28 -10.51
N LEU B 290 -33.71 0.88 -10.98
CA LEU B 290 -32.33 1.35 -11.17
C LEU B 290 -31.35 0.19 -11.17
N SER B 291 -31.67 -0.88 -10.45
CA SER B 291 -30.81 -2.06 -10.46
C SER B 291 -31.00 -3.07 -11.62
N PHE B 292 -32.22 -3.16 -12.17
CA PHE B 292 -32.43 -4.05 -13.31
C PHE B 292 -31.90 -3.40 -14.57
N ALA B 293 -31.87 -2.07 -14.59
CA ALA B 293 -31.43 -1.33 -15.76
C ALA B 293 -29.91 -1.07 -15.79
N ARG B 294 -29.21 -1.45 -14.72
CA ARG B 294 -27.76 -1.29 -14.65
C ARG B 294 -27.30 0.18 -14.70
N VAL B 295 -28.11 1.10 -14.19
CA VAL B 295 -27.76 2.51 -14.15
C VAL B 295 -27.05 2.93 -12.84
N VAL B 296 -27.05 2.02 -11.86
CA VAL B 296 -26.37 2.22 -10.59
C VAL B 296 -26.01 0.84 -10.08
N HIS B 297 -24.93 0.71 -9.35
CA HIS B 297 -24.62 -0.58 -8.75
C HIS B 297 -24.97 -0.55 -7.28
N TRP B 298 -24.83 -1.68 -6.61
CA TRP B 298 -25.16 -1.70 -5.20
C TRP B 298 -24.09 -0.99 -4.41
N LYS B 299 -22.85 -1.04 -4.92
CA LYS B 299 -21.71 -0.42 -4.22
C LYS B 299 -21.92 1.07 -4.12
N GLU B 300 -22.59 1.64 -5.12
CA GLU B 300 -22.93 3.05 -5.10
C GLU B 300 -24.03 3.36 -4.09
N ILE B 301 -25.10 2.55 -4.11
CA ILE B 301 -26.18 2.70 -3.14
C ILE B 301 -25.55 2.68 -1.78
N GLN B 302 -24.63 1.75 -1.57
CA GLN B 302 -23.99 1.63 -0.27
C GLN B 302 -23.01 2.77 0.09
N LYS B 303 -22.26 3.30 -0.88
CA LYS B 303 -21.40 4.46 -0.59
C LYS B 303 -22.23 5.73 -0.35
N THR B 304 -23.28 5.90 -1.15
CA THR B 304 -24.13 7.09 -1.15
C THR B 304 -25.13 7.21 0.00
N ALA B 305 -25.56 6.06 0.50
CA ALA B 305 -26.62 6.05 1.47
C ALA B 305 -26.06 6.26 2.85
N ASP B 306 -26.75 7.02 3.69
CA ASP B 306 -26.21 7.23 5.02
C ASP B 306 -26.88 6.27 5.97
N TRP B 307 -26.13 5.24 6.34
CA TRP B 307 -26.62 4.22 7.24
C TRP B 307 -26.76 4.81 8.64
N GLY B 308 -25.99 5.83 8.96
CA GLY B 308 -25.98 6.35 10.31
C GLY B 308 -27.30 7.00 10.70
N VAL B 309 -27.89 7.74 9.77
CA VAL B 309 -29.15 8.42 10.00
C VAL B 309 -30.26 7.37 9.98
N LEU B 310 -30.07 6.38 9.11
CA LEU B 310 -31.07 5.34 8.95
C LEU B 310 -31.28 4.59 10.24
N LEU B 311 -30.23 4.47 11.05
CA LEU B 311 -30.44 3.92 12.39
C LEU B 311 -31.04 4.97 13.29
N LEU B 312 -30.67 6.22 13.07
CA LEU B 312 -31.13 7.30 13.94
C LEU B 312 -32.67 7.31 13.96
N PHE B 313 -33.23 7.18 12.78
CA PHE B 313 -34.67 7.08 12.66
C PHE B 313 -35.18 6.09 13.69
N GLY B 314 -34.56 4.92 13.73
CA GLY B 314 -34.98 3.83 14.58
C GLY B 314 -34.97 4.14 16.05
N GLY B 315 -33.86 4.67 16.53
CA GLY B 315 -33.72 4.98 17.95
C GLY B 315 -34.67 6.08 18.31
N GLY B 316 -34.98 6.93 17.33
CA GLY B 316 -35.89 8.04 17.53
C GLY B 316 -37.28 7.48 17.67
N LEU B 317 -37.62 6.54 16.79
CA LEU B 317 -38.89 5.82 16.90
C LEU B 317 -38.92 4.96 18.16
N CYS B 318 -37.78 4.41 18.55
CA CYS B 318 -37.74 3.64 19.77
C CYS B 318 -38.00 4.55 20.93
N LEU B 319 -37.58 5.82 20.81
CA LEU B 319 -37.78 6.79 21.90
C LEU B 319 -39.22 7.32 21.99
N SER B 320 -39.84 7.59 20.83
CA SER B 320 -41.26 7.95 20.80
C SER B 320 -42.00 6.93 21.65
N ASN B 321 -41.62 5.67 21.50
CA ASN B 321 -42.28 4.63 22.25
C ASN B 321 -41.89 4.58 23.71
N VAL B 322 -40.60 4.55 24.03
CA VAL B 322 -40.30 4.47 25.46
C VAL B 322 -41.05 5.56 26.23
N LEU B 323 -41.26 6.70 25.58
CA LEU B 323 -42.02 7.78 26.21
C LEU B 323 -43.40 7.27 26.53
N LYS B 324 -44.01 6.60 25.55
CA LYS B 324 -45.41 6.18 25.66
C LYS B 324 -45.63 5.07 26.69
N GLN B 325 -44.86 3.99 26.62
CA GLN B 325 -45.10 2.85 27.51
C GLN B 325 -44.76 3.15 28.98
N THR B 326 -44.04 4.24 29.21
CA THR B 326 -43.73 4.67 30.56
C THR B 326 -44.76 5.71 31.10
N GLY B 327 -45.60 6.20 30.20
CA GLY B 327 -46.62 7.17 30.54
C GLY B 327 -46.06 8.56 30.44
N THR B 328 -44.74 8.63 30.41
CA THR B 328 -44.04 9.89 30.50
C THR B 328 -44.59 10.95 29.53
N SER B 329 -45.19 10.53 28.41
CA SER B 329 -45.86 11.47 27.52
C SER B 329 -47.17 11.89 28.16
N VAL B 330 -47.77 10.96 28.89
CA VAL B 330 -49.04 11.19 29.53
C VAL B 330 -48.80 12.08 30.76
N PHE B 331 -47.83 11.69 31.58
CA PHE B 331 -47.34 12.54 32.65
C PHE B 331 -47.08 13.98 32.18
N LEU B 332 -46.11 14.15 31.29
CA LEU B 332 -45.80 15.47 30.75
C LEU B 332 -47.03 16.23 30.22
N ALA B 333 -47.96 15.49 29.63
CA ALA B 333 -49.16 16.10 29.08
C ALA B 333 -50.12 16.58 30.17
N ASN B 334 -50.05 15.94 31.34
CA ASN B 334 -50.75 16.39 32.55
C ASN B 334 -50.15 17.65 33.21
N ALA B 335 -48.84 17.80 33.16
CA ALA B 335 -48.22 19.00 33.71
C ALA B 335 -48.37 20.23 32.78
N LEU B 336 -48.10 20.08 31.49
CA LEU B 336 -48.17 21.19 30.54
C LEU B 336 -49.56 21.74 30.38
N SER B 337 -50.54 20.91 30.76
CA SER B 337 -51.96 21.11 30.48
C SER B 337 -52.50 22.51 30.74
N ASP B 338 -52.48 22.93 32.00
CA ASP B 338 -53.05 24.22 32.34
C ASP B 338 -52.41 25.33 31.52
N MSE B 339 -51.08 25.33 31.46
CA MSE B 339 -50.37 26.33 30.70
C MSE B 339 -50.94 26.41 29.31
O MSE B 339 -51.39 27.46 28.84
CB MSE B 339 -48.91 25.97 30.59
CG MSE B 339 -48.19 25.79 31.89
SE MSE B 339 -46.29 25.61 31.53
CE MSE B 339 -45.69 25.19 33.34
N VAL B 340 -50.94 25.26 28.65
CA VAL B 340 -51.34 25.19 27.25
C VAL B 340 -52.80 25.58 27.02
N SER B 341 -53.69 25.13 27.90
CA SER B 341 -55.11 25.43 27.79
C SER B 341 -55.32 26.94 27.72
N HIS B 342 -54.51 27.68 28.47
CA HIS B 342 -54.55 29.12 28.37
C HIS B 342 -53.80 29.59 27.12
N MSE B 343 -52.59 29.06 26.93
CA MSE B 343 -51.71 29.44 25.81
C MSE B 343 -52.36 29.26 24.44
O MSE B 343 -52.49 30.20 23.66
CB MSE B 343 -50.44 28.59 25.82
CG MSE B 343 -49.60 28.66 27.08
SE MSE B 343 -47.99 27.53 27.06
CE MSE B 343 -47.20 28.13 25.37
N GLY B 344 -52.76 28.02 24.16
CA GLY B 344 -52.91 27.56 22.79
C GLY B 344 -53.87 28.32 21.90
N ILE B 345 -53.76 28.11 20.60
CA ILE B 345 -52.58 27.44 20.03
C ILE B 345 -51.56 28.41 19.43
N PHE B 346 -51.89 29.69 19.38
CA PHE B 346 -51.04 30.67 18.69
C PHE B 346 -49.77 30.89 19.50
N VAL B 347 -49.93 30.81 20.83
CA VAL B 347 -48.80 30.86 21.75
C VAL B 347 -47.93 29.62 21.59
N VAL B 348 -48.59 28.48 21.69
CA VAL B 348 -47.96 27.16 21.51
C VAL B 348 -47.12 27.06 20.23
N ILE B 349 -47.76 27.22 19.07
CA ILE B 349 -47.07 27.05 17.79
C ILE B 349 -46.07 28.16 17.47
N LEU B 350 -46.15 29.28 18.20
CA LEU B 350 -45.17 30.34 18.06
C LEU B 350 -43.90 30.07 18.90
N VAL B 351 -44.09 29.37 20.03
CA VAL B 351 -43.00 29.02 20.95
C VAL B 351 -42.24 27.80 20.40
N VAL B 352 -43.01 26.82 19.94
CA VAL B 352 -42.46 25.75 19.14
C VAL B 352 -41.77 26.39 17.95
N ALA B 353 -42.50 27.19 17.19
CA ALA B 353 -41.98 27.80 15.97
C ALA B 353 -40.74 28.66 16.17
N THR B 354 -40.59 29.30 17.32
CA THR B 354 -39.42 30.15 17.57
C THR B 354 -38.16 29.34 17.91
N PHE B 355 -38.30 28.02 18.04
CA PHE B 355 -37.17 27.06 18.12
C PHE B 355 -36.41 26.86 16.80
N VAL B 356 -36.79 27.64 15.79
CA VAL B 356 -35.96 27.87 14.59
C VAL B 356 -34.55 28.35 14.98
N VAL B 357 -34.45 29.20 16.00
CA VAL B 357 -33.17 29.45 16.66
C VAL B 357 -32.83 28.11 17.33
N PHE B 358 -31.57 27.93 17.70
CA PHE B 358 -31.15 26.74 18.47
C PHE B 358 -31.05 25.50 17.61
N LEU B 359 -31.70 25.55 16.46
CA LEU B 359 -31.41 24.56 15.44
C LEU B 359 -30.28 25.22 14.67
N THR B 360 -30.03 26.47 15.06
CA THR B 360 -28.91 27.24 14.58
C THR B 360 -27.72 26.82 15.43
N GLU B 361 -27.80 27.07 16.72
CA GLU B 361 -26.66 26.83 17.59
C GLU B 361 -26.65 25.43 18.16
N PHE B 362 -25.64 24.67 17.76
CA PHE B 362 -25.52 23.26 18.15
C PHE B 362 -26.63 22.41 17.52
N ALA B 363 -27.07 22.85 16.33
CA ALA B 363 -28.19 22.27 15.60
C ALA B 363 -28.16 20.76 15.57
N SER B 364 -27.23 20.20 14.80
CA SER B 364 -27.36 18.81 14.44
C SER B 364 -28.81 18.62 14.04
N ASN B 365 -29.23 19.21 12.93
CA ASN B 365 -30.65 19.35 12.63
C ASN B 365 -31.47 18.08 12.89
N THR B 366 -30.97 16.98 12.35
CA THR B 366 -31.60 15.69 12.52
C THR B 366 -31.75 15.37 14.01
N ALA B 367 -30.65 15.47 14.76
CA ALA B 367 -30.70 15.16 16.18
C ALA B 367 -31.75 15.98 16.91
N SER B 368 -31.80 17.29 16.65
CA SER B 368 -32.81 18.12 17.31
C SER B 368 -34.26 17.65 16.99
N ALA B 369 -34.48 17.31 15.72
CA ALA B 369 -35.70 16.64 15.29
C ALA B 369 -35.89 15.33 16.07
N ALA B 370 -34.81 14.54 16.14
CA ALA B 370 -34.80 13.21 16.73
C ALA B 370 -35.33 13.25 18.14
N LEU B 371 -35.18 14.41 18.75
CA LEU B 371 -35.65 14.64 20.09
C LEU B 371 -37.04 15.17 20.03
N LEU B 372 -37.15 16.35 19.42
CA LEU B 372 -38.31 17.20 19.59
C LEU B 372 -39.67 16.60 19.15
N ILE B 373 -39.68 15.93 18.00
CA ILE B 373 -40.91 15.29 17.51
C ILE B 373 -41.49 14.19 18.41
N PRO B 374 -40.71 13.16 18.73
CA PRO B 374 -41.24 12.14 19.64
C PRO B 374 -41.81 12.72 20.93
N VAL B 375 -41.24 13.82 21.42
CA VAL B 375 -41.79 14.42 22.61
C VAL B 375 -43.10 15.13 22.29
N PHE B 376 -43.07 16.01 21.30
CA PHE B 376 -44.26 16.79 21.01
C PHE B 376 -45.38 15.97 20.39
N ALA B 377 -45.02 14.97 19.59
CA ALA B 377 -46.03 14.14 18.95
C ALA B 377 -46.77 13.33 20.00
N THR B 378 -46.01 12.63 20.84
CA THR B 378 -46.59 11.81 21.90
C THR B 378 -47.48 12.52 22.91
N VAL B 379 -47.14 13.77 23.26
CA VAL B 379 -48.05 14.53 24.12
C VAL B 379 -49.21 15.09 23.31
N ALA B 380 -48.94 15.55 22.09
CA ALA B 380 -50.02 16.00 21.22
C ALA B 380 -51.13 14.95 21.23
N GLU B 381 -50.70 13.70 21.39
CA GLU B 381 -51.57 12.53 21.42
C GLU B 381 -52.29 12.40 22.75
N ALA B 382 -51.56 12.53 23.85
CA ALA B 382 -52.20 12.43 25.16
C ALA B 382 -53.20 13.59 25.38
N PHE B 383 -52.99 14.67 24.64
CA PHE B 383 -53.97 15.76 24.57
C PHE B 383 -55.09 15.34 23.60
N GLY B 384 -54.78 14.43 22.69
CA GLY B 384 -55.76 14.00 21.71
C GLY B 384 -55.97 14.94 20.54
N MSE B 385 -54.88 15.48 20.00
CA MSE B 385 -54.93 16.12 18.69
C MSE B 385 -53.94 15.44 17.76
O MSE B 385 -53.23 14.51 18.15
CB MSE B 385 -54.68 17.64 18.78
CG MSE B 385 -53.29 18.06 19.33
SE MSE B 385 -52.57 19.59 18.33
CE MSE B 385 -51.48 20.35 19.75
N SER B 386 -53.90 15.92 16.51
CA SER B 386 -52.99 15.36 15.52
C SER B 386 -51.51 15.67 15.83
N PRO B 387 -50.69 14.60 16.01
CA PRO B 387 -49.26 14.75 16.24
C PRO B 387 -48.68 15.39 15.01
N VAL B 388 -49.46 15.36 13.94
CA VAL B 388 -49.02 15.97 12.70
C VAL B 388 -48.51 17.38 12.87
N LEU B 389 -49.35 18.27 13.41
CA LEU B 389 -49.06 19.69 13.28
C LEU B 389 -47.78 20.14 13.96
N LEU B 390 -47.70 19.89 15.26
CA LEU B 390 -46.45 20.09 15.97
C LEU B 390 -45.28 19.44 15.24
N SER B 391 -45.49 18.19 14.80
CA SER B 391 -44.45 17.38 14.20
C SER B 391 -43.91 17.90 12.86
N VAL B 392 -44.81 18.18 11.92
CA VAL B 392 -44.38 18.72 10.64
C VAL B 392 -43.63 20.03 10.87
N LEU B 393 -44.18 20.88 11.75
CA LEU B 393 -43.53 22.12 12.13
C LEU B 393 -42.12 21.90 12.68
N ILE B 394 -41.98 21.14 13.76
CA ILE B 394 -40.68 20.89 14.35
C ILE B 394 -39.75 20.43 13.26
N ALA B 395 -40.24 19.60 12.35
CA ALA B 395 -39.41 19.12 11.26
C ALA B 395 -38.97 20.29 10.37
N VAL B 396 -39.95 20.99 9.78
CA VAL B 396 -39.67 22.04 8.81
C VAL B 396 -38.88 23.22 9.42
N ALA B 397 -39.16 23.55 10.67
CA ALA B 397 -38.41 24.58 11.41
C ALA B 397 -36.95 24.20 11.60
N ALA B 398 -36.70 22.94 11.93
CA ALA B 398 -35.34 22.47 12.15
C ALA B 398 -34.53 22.45 10.85
N SER B 399 -35.21 22.62 9.72
CA SER B 399 -34.52 22.70 8.44
C SER B 399 -34.08 24.14 8.21
N CYS B 400 -34.36 24.98 9.21
CA CYS B 400 -34.14 26.43 9.12
C CYS B 400 -32.80 26.99 9.63
N ALA B 401 -31.80 26.14 9.86
CA ALA B 401 -30.56 26.66 10.45
C ALA B 401 -29.76 27.51 9.48
N PHE B 402 -29.69 28.77 9.83
CA PHE B 402 -29.06 29.78 9.05
C PHE B 402 -28.23 30.38 10.14
N MSE B 403 -27.60 31.51 9.85
CA MSE B 403 -26.85 32.19 10.86
C MSE B 403 -25.63 31.37 11.23
O MSE B 403 -24.92 30.87 10.36
CB MSE B 403 -27.72 32.34 12.10
CG MSE B 403 -27.75 33.69 12.77
SE MSE B 403 -29.02 33.61 14.22
CE MSE B 403 -28.03 32.46 15.43
N LEU B 404 -25.40 31.21 12.53
CA LEU B 404 -24.10 30.77 12.98
C LEU B 404 -23.74 29.37 12.48
N PRO B 405 -22.70 29.28 11.64
CA PRO B 405 -22.12 27.95 11.50
C PRO B 405 -21.54 27.59 12.86
N VAL B 406 -21.74 26.37 13.34
CA VAL B 406 -22.45 25.30 12.64
C VAL B 406 -22.89 24.38 13.77
N ALA B 407 -23.84 23.46 13.56
CA ALA B 407 -24.40 23.09 12.26
C ALA B 407 -25.33 24.18 11.71
N THR B 408 -25.92 23.99 10.52
CA THR B 408 -25.74 22.82 9.65
C THR B 408 -24.47 22.83 8.80
N PRO B 409 -24.03 21.66 8.32
CA PRO B 409 -22.81 21.50 7.52
C PRO B 409 -22.80 22.19 6.14
N PRO B 410 -23.97 22.38 5.50
CA PRO B 410 -24.00 23.22 4.29
C PRO B 410 -23.50 24.65 4.55
N ASN B 411 -23.76 25.17 5.75
CA ASN B 411 -23.17 26.42 6.18
C ASN B 411 -21.67 26.32 6.20
N ALA B 412 -21.16 25.30 6.89
CA ALA B 412 -19.72 25.03 6.88
C ALA B 412 -19.14 24.95 5.45
N ILE B 413 -19.80 24.22 4.57
CA ILE B 413 -19.27 24.03 3.22
C ILE B 413 -19.03 25.34 2.47
N VAL B 414 -19.86 26.35 2.70
CA VAL B 414 -19.62 27.62 2.01
C VAL B 414 -18.73 28.57 2.79
N PHE B 415 -18.12 28.12 3.88
CA PHE B 415 -17.11 28.99 4.51
C PHE B 415 -15.72 28.54 4.05
N ALA B 416 -15.24 29.27 3.05
CA ALA B 416 -13.88 29.26 2.58
C ALA B 416 -13.83 30.61 1.90
N SER B 417 -12.66 31.26 1.89
CA SER B 417 -12.50 32.54 1.20
C SER B 417 -13.64 33.51 1.50
N GLY B 418 -14.25 34.05 0.44
CA GLY B 418 -15.36 34.97 0.56
C GLY B 418 -16.14 34.85 1.86
N LYS B 421 -17.97 36.06 4.66
CA LYS B 421 -17.78 37.06 5.72
C LYS B 421 -17.91 36.42 7.10
N GLN B 422 -16.77 36.00 7.65
CA GLN B 422 -16.76 35.19 8.87
C GLN B 422 -17.62 35.78 9.98
N SER B 423 -18.51 34.95 10.53
CA SER B 423 -19.21 35.24 11.79
C SER B 423 -20.12 36.47 11.75
N GLU B 424 -20.05 37.24 10.67
CA GLU B 424 -21.01 38.31 10.43
C GLU B 424 -22.19 37.70 9.69
N MSE B 425 -22.08 36.39 9.44
CA MSE B 425 -23.14 35.56 8.85
C MSE B 425 -24.38 35.67 9.71
O MSE B 425 -25.50 35.68 9.21
CB MSE B 425 -22.66 34.10 8.75
CG MSE B 425 -23.67 33.08 8.13
SE MSE B 425 -23.05 31.20 7.87
CE MSE B 425 -24.72 30.42 7.25
N MSE B 426 -24.17 35.79 11.02
CA MSE B 426 -25.24 35.86 11.99
C MSE B 426 -26.33 36.92 11.77
O MSE B 426 -27.50 36.69 12.09
CB MSE B 426 -24.64 36.00 13.39
CG MSE B 426 -23.74 34.84 13.75
SE MSE B 426 -22.67 35.17 15.33
CE MSE B 426 -24.10 35.95 16.44
N ARG B 427 -25.97 38.09 11.24
CA ARG B 427 -26.95 39.14 11.05
C ARG B 427 -27.99 38.75 10.00
N VAL B 428 -27.49 38.42 8.81
CA VAL B 428 -28.37 38.04 7.72
C VAL B 428 -29.32 36.94 8.16
N GLY B 429 -28.83 36.09 9.06
CA GLY B 429 -29.55 34.93 9.54
C GLY B 429 -30.41 35.18 10.76
N LEU B 430 -30.18 36.29 11.45
CA LEU B 430 -31.07 36.65 12.52
C LEU B 430 -32.36 37.14 11.87
N TYR B 431 -32.22 37.63 10.65
CA TYR B 431 -33.35 38.17 9.92
C TYR B 431 -34.22 37.06 9.37
N LEU B 432 -33.57 36.06 8.75
CA LEU B 432 -34.30 34.91 8.20
C LEU B 432 -35.01 34.13 9.31
N ASN B 433 -34.28 33.79 10.37
CA ASN B 433 -34.85 33.08 11.49
C ASN B 433 -36.15 33.67 12.00
N ILE B 434 -36.18 34.99 12.19
CA ILE B 434 -37.41 35.64 12.64
C ILE B 434 -38.39 35.64 11.48
N ALA B 435 -37.90 36.02 10.31
CA ALA B 435 -38.73 36.03 9.10
C ALA B 435 -39.47 34.70 8.93
N CYS B 436 -38.81 33.60 9.30
CA CYS B 436 -39.45 32.29 9.23
C CYS B 436 -40.48 32.09 10.33
N ILE B 437 -40.19 32.56 11.55
CA ILE B 437 -41.14 32.34 12.64
C ILE B 437 -42.48 32.88 12.20
N GLY B 438 -42.43 34.02 11.51
CA GLY B 438 -43.63 34.60 10.95
C GLY B 438 -44.19 33.73 9.84
N LEU B 439 -43.37 33.45 8.83
CA LEU B 439 -43.78 32.64 7.70
C LEU B 439 -44.31 31.28 8.13
N LEU B 440 -43.60 30.61 9.03
CA LEU B 440 -44.01 29.29 9.49
C LEU B 440 -45.34 29.37 10.20
N THR B 441 -45.41 30.16 11.26
CA THR B 441 -46.63 30.31 12.03
C THR B 441 -47.78 30.75 11.11
N ALA B 442 -47.43 31.57 10.11
CA ALA B 442 -48.41 32.06 9.14
C ALA B 442 -49.09 30.86 8.48
N ILE B 443 -48.26 30.04 7.85
CA ILE B 443 -48.68 28.83 7.15
C ILE B 443 -49.32 27.82 8.09
N ALA B 444 -48.66 27.55 9.21
CA ALA B 444 -49.14 26.55 10.18
C ALA B 444 -50.59 26.81 10.56
N MSE B 445 -50.87 28.04 11.00
CA MSE B 445 -52.21 28.44 11.35
C MSE B 445 -53.08 28.57 10.11
O MSE B 445 -54.29 28.40 10.18
CB MSE B 445 -52.18 29.76 12.11
CG MSE B 445 -53.11 29.77 13.32
SE MSE B 445 -52.23 29.20 14.96
CE MSE B 445 -51.51 27.47 14.39
N LEU B 446 -52.44 28.86 8.98
CA LEU B 446 -53.13 29.07 7.71
C LEU B 446 -53.73 27.78 7.19
N PHE B 447 -53.09 26.65 7.50
CA PHE B 447 -53.68 25.37 7.16
C PHE B 447 -54.70 25.07 8.24
N TRP B 448 -54.23 24.64 9.41
CA TRP B 448 -55.13 24.35 10.52
C TRP B 448 -56.35 23.59 9.97
N GLN B 449 -57.54 24.15 10.14
CA GLN B 449 -58.70 23.63 9.43
C GLN B 449 -59.38 24.77 8.69
N HIS C 6 -25.77 -7.26 -20.70
CA HIS C 6 -26.67 -8.06 -21.55
C HIS C 6 -26.84 -9.50 -21.04
N ARG C 7 -25.72 -10.14 -20.70
CA ARG C 7 -25.75 -11.51 -20.18
C ARG C 7 -26.67 -11.61 -18.97
N ASN C 8 -26.26 -11.00 -17.86
CA ASN C 8 -26.99 -11.07 -16.61
C ASN C 8 -28.45 -10.71 -16.75
N SER C 9 -28.73 -9.70 -17.57
CA SER C 9 -30.11 -9.30 -17.80
C SER C 9 -30.90 -10.44 -18.42
N LEU C 10 -30.43 -10.91 -19.57
CA LEU C 10 -31.18 -11.90 -20.33
C LEU C 10 -31.63 -13.03 -19.41
N ILE C 11 -30.82 -13.34 -18.40
CA ILE C 11 -31.21 -14.38 -17.47
C ILE C 11 -32.34 -13.89 -16.54
N VAL C 12 -32.43 -12.59 -16.35
CA VAL C 12 -33.49 -12.06 -15.50
C VAL C 12 -34.84 -12.12 -16.20
N LEU C 13 -34.85 -11.88 -17.52
CA LEU C 13 -36.07 -12.00 -18.29
C LEU C 13 -36.47 -13.47 -18.40
N ALA C 14 -35.48 -14.34 -18.37
CA ALA C 14 -35.71 -15.78 -18.29
C ALA C 14 -36.36 -16.08 -16.96
N ASP C 15 -35.70 -15.69 -15.88
CA ASP C 15 -36.22 -15.93 -14.54
C ASP C 15 -37.68 -15.48 -14.47
N VAL C 16 -38.00 -14.37 -15.10
CA VAL C 16 -39.39 -13.89 -15.12
C VAL C 16 -40.29 -14.91 -15.80
N ALA C 17 -39.97 -15.20 -17.05
CA ALA C 17 -40.73 -16.19 -17.79
C ALA C 17 -40.89 -17.45 -16.96
N LEU C 18 -39.78 -17.95 -16.41
CA LEU C 18 -39.81 -19.15 -15.57
C LEU C 18 -40.86 -19.02 -14.46
N PHE C 19 -40.87 -17.87 -13.79
CA PHE C 19 -41.89 -17.60 -12.77
C PHE C 19 -43.25 -17.65 -13.43
N LEU C 20 -43.42 -16.83 -14.46
CA LEU C 20 -44.66 -16.79 -15.20
C LEU C 20 -45.07 -18.22 -15.54
N ALA C 21 -44.15 -18.96 -16.13
CA ALA C 21 -44.39 -20.36 -16.45
C ALA C 21 -44.89 -21.11 -15.23
N LEU C 22 -44.01 -21.28 -14.24
CA LEU C 22 -44.32 -22.03 -13.03
C LEU C 22 -45.70 -21.65 -12.44
N TYR C 23 -45.91 -20.35 -12.26
CA TYR C 23 -47.06 -19.79 -11.56
C TYR C 23 -48.35 -20.03 -12.33
N HIS C 24 -48.26 -19.91 -13.64
CA HIS C 24 -49.41 -20.10 -14.52
C HIS C 24 -49.74 -21.57 -14.85
N PHE C 25 -48.72 -22.38 -15.15
CA PHE C 25 -48.97 -23.79 -15.49
C PHE C 25 -48.92 -24.82 -14.32
N LEU C 26 -48.31 -24.50 -13.20
CA LEU C 26 -48.11 -25.55 -12.19
C LEU C 26 -49.39 -25.72 -11.37
N PRO C 27 -49.89 -26.97 -11.31
CA PRO C 27 -51.19 -27.44 -10.82
C PRO C 27 -51.26 -27.71 -9.33
N PHE C 28 -51.30 -26.68 -8.49
CA PHE C 28 -51.53 -26.89 -7.06
C PHE C 28 -52.43 -25.83 -6.40
N GLU C 29 -52.84 -26.08 -5.17
CA GLU C 29 -53.59 -25.05 -4.48
C GLU C 29 -52.74 -23.74 -4.49
N HIS C 30 -53.40 -22.65 -4.83
CA HIS C 30 -52.75 -21.45 -5.36
C HIS C 30 -51.65 -20.85 -4.50
N ASN C 31 -51.79 -20.97 -3.19
CA ASN C 31 -50.76 -20.45 -2.32
C ASN C 31 -49.47 -21.20 -2.57
N VAL C 32 -49.56 -22.52 -2.49
CA VAL C 32 -48.41 -23.39 -2.75
C VAL C 32 -47.73 -23.12 -4.08
N VAL C 33 -48.51 -22.90 -5.13
CA VAL C 33 -47.92 -22.47 -6.37
C VAL C 33 -47.05 -21.29 -6.07
N LEU C 34 -47.64 -20.29 -5.44
CA LEU C 34 -46.93 -19.03 -5.16
C LEU C 34 -45.59 -19.28 -4.44
N GLY C 35 -45.64 -19.97 -3.31
CA GLY C 35 -44.46 -20.26 -2.51
C GLY C 35 -43.35 -20.91 -3.31
N ILE C 36 -43.71 -21.54 -4.41
CA ILE C 36 -42.78 -22.26 -5.26
C ILE C 36 -42.24 -21.37 -6.37
N SER C 37 -43.15 -20.87 -7.18
CA SER C 37 -42.81 -19.99 -8.28
C SER C 37 -41.82 -18.93 -7.81
N MSE C 38 -42.08 -18.36 -6.62
CA MSE C 38 -41.16 -17.44 -5.94
C MSE C 38 -39.85 -18.10 -5.51
O MSE C 38 -38.77 -17.67 -5.91
CB MSE C 38 -41.82 -16.85 -4.71
CG MSE C 38 -42.61 -15.60 -5.01
SE MSE C 38 -43.01 -14.76 -3.33
CE MSE C 38 -41.18 -14.35 -2.76
N LEU C 39 -39.97 -19.17 -4.72
CA LEU C 39 -38.79 -19.91 -4.26
C LEU C 39 -37.87 -20.19 -5.42
N ALA C 40 -38.42 -20.67 -6.52
CA ALA C 40 -37.59 -20.93 -7.69
C ALA C 40 -36.98 -19.63 -8.22
N PHE C 41 -37.85 -18.65 -8.47
CA PHE C 41 -37.44 -17.39 -9.04
C PHE C 41 -36.25 -16.84 -8.28
N ILE C 42 -36.37 -16.79 -6.97
CA ILE C 42 -35.24 -16.39 -6.13
C ILE C 42 -34.02 -17.27 -6.36
N ALA C 43 -34.15 -18.57 -6.12
CA ALA C 43 -33.00 -19.48 -6.16
C ALA C 43 -32.15 -19.28 -7.40
N VAL C 44 -32.79 -18.90 -8.51
CA VAL C 44 -32.00 -18.56 -9.69
C VAL C 44 -31.14 -17.33 -9.43
N LEU C 45 -31.81 -16.23 -9.10
CA LEU C 45 -31.19 -14.92 -8.85
C LEU C 45 -30.03 -14.88 -7.85
N TRP C 46 -30.10 -15.69 -6.80
CA TRP C 46 -29.01 -15.78 -5.83
C TRP C 46 -27.88 -16.68 -6.33
N LEU C 47 -28.23 -17.73 -7.05
CA LEU C 47 -27.21 -18.58 -7.66
C LEU C 47 -26.66 -17.97 -8.97
N THR C 48 -27.56 -17.50 -9.81
CA THR C 48 -27.18 -16.82 -11.02
C THR C 48 -26.47 -15.50 -10.76
N GLU C 49 -26.78 -14.82 -9.66
CA GLU C 49 -26.13 -13.53 -9.40
C GLU C 49 -26.53 -12.42 -10.39
N ALA C 50 -27.39 -12.74 -11.35
CA ALA C 50 -27.77 -11.81 -12.42
C ALA C 50 -28.12 -10.40 -11.92
N LEU C 51 -28.82 -10.31 -10.79
CA LEU C 51 -28.96 -9.04 -10.07
C LEU C 51 -28.16 -9.17 -8.79
N HIS C 52 -27.68 -8.03 -8.26
CA HIS C 52 -26.89 -8.04 -7.01
C HIS C 52 -27.59 -8.80 -5.86
N VAL C 53 -26.80 -9.56 -5.09
CA VAL C 53 -27.33 -10.40 -4.01
C VAL C 53 -28.22 -9.66 -3.04
N THR C 54 -27.90 -8.39 -2.81
CA THR C 54 -28.71 -7.56 -1.94
C THR C 54 -29.93 -7.03 -2.66
N VAL C 55 -29.82 -6.79 -3.97
CA VAL C 55 -30.99 -6.34 -4.72
C VAL C 55 -32.13 -7.36 -4.67
N THR C 56 -31.78 -8.64 -4.80
CA THR C 56 -32.77 -9.71 -4.77
C THR C 56 -33.41 -9.85 -3.39
N ALA C 57 -32.61 -9.61 -2.34
CA ALA C 57 -33.12 -9.77 -0.99
C ALA C 57 -34.20 -8.74 -0.74
N ILE C 58 -34.07 -7.59 -1.39
CA ILE C 58 -35.09 -6.55 -1.28
C ILE C 58 -36.34 -6.95 -2.05
N LEU C 59 -36.13 -7.50 -3.25
CA LEU C 59 -37.20 -8.05 -4.06
C LEU C 59 -38.10 -8.96 -3.23
N VAL C 60 -37.51 -9.86 -2.43
CA VAL C 60 -38.28 -10.84 -1.63
C VAL C 60 -39.49 -10.23 -0.89
N PRO C 61 -39.25 -9.23 -0.02
CA PRO C 61 -40.35 -8.60 0.70
C PRO C 61 -41.32 -7.91 -0.25
N VAL C 62 -40.79 -7.21 -1.26
CA VAL C 62 -41.62 -6.53 -2.27
C VAL C 62 -42.55 -7.53 -3.02
N MSE C 63 -42.06 -8.78 -3.12
CA MSE C 63 -42.80 -9.89 -3.73
C MSE C 63 -43.88 -10.51 -2.82
O MSE C 63 -44.93 -10.85 -3.32
CB MSE C 63 -41.84 -10.95 -4.28
CG MSE C 63 -41.67 -10.93 -5.82
SE MSE C 63 -40.51 -12.35 -6.55
CE MSE C 63 -40.86 -12.07 -8.46
N ALA C 64 -43.64 -10.67 -1.52
CA ALA C 64 -44.77 -10.84 -0.59
C ALA C 64 -45.36 -9.42 -0.59
N VAL C 65 -46.28 -9.04 0.29
CA VAL C 65 -46.87 -7.70 0.13
C VAL C 65 -47.72 -7.67 -1.16
N PHE C 66 -47.25 -7.04 -2.24
CA PHE C 66 -47.92 -7.31 -3.52
C PHE C 66 -47.94 -8.83 -3.50
N PHE C 67 -48.90 -9.45 -4.16
CA PHE C 67 -49.07 -10.93 -4.11
C PHE C 67 -49.51 -11.44 -2.75
N GLY C 68 -50.09 -10.55 -1.96
CA GLY C 68 -50.86 -10.90 -0.78
C GLY C 68 -50.20 -11.58 0.40
N ILE C 69 -48.94 -11.98 0.30
CA ILE C 69 -48.48 -12.91 1.31
C ILE C 69 -48.41 -12.26 2.68
N PHE C 70 -47.90 -11.03 2.71
CA PHE C 70 -47.72 -10.25 3.95
C PHE C 70 -48.14 -8.78 3.79
N GLU C 71 -48.47 -8.14 4.91
CA GLU C 71 -48.57 -6.70 4.90
C GLU C 71 -47.15 -6.12 4.82
N THR C 72 -47.00 -4.92 4.23
CA THR C 72 -45.69 -4.30 4.06
C THR C 72 -44.86 -4.31 5.33
N GLN C 73 -45.32 -3.65 6.38
CA GLN C 73 -44.46 -3.55 7.55
C GLN C 73 -43.97 -4.94 7.91
N ALA C 74 -44.88 -5.80 8.36
CA ALA C 74 -44.48 -7.03 9.02
C ALA C 74 -43.49 -7.87 8.22
N ALA C 75 -43.54 -7.71 6.89
CA ALA C 75 -42.51 -8.20 5.99
C ALA C 75 -41.19 -7.57 6.36
N LEU C 76 -41.15 -6.24 6.29
CA LEU C 76 -39.93 -5.48 6.52
C LEU C 76 -39.29 -5.79 7.88
N ASN C 77 -40.11 -6.12 8.86
CA ASN C 77 -39.64 -6.32 10.22
C ASN C 77 -38.64 -7.46 10.39
N ASN C 78 -38.46 -8.23 9.34
CA ASN C 78 -37.49 -9.34 9.35
C ASN C 78 -36.09 -8.73 9.32
N PHE C 79 -36.00 -7.70 8.49
CA PHE C 79 -34.78 -6.91 8.35
C PHE C 79 -34.22 -6.43 9.70
N ALA C 80 -35.06 -6.28 10.71
CA ALA C 80 -34.55 -5.88 12.02
C ALA C 80 -34.24 -7.04 12.95
N ASN C 81 -34.26 -8.28 12.44
CA ASN C 81 -34.01 -9.41 13.33
C ASN C 81 -32.73 -9.22 14.16
N SER C 82 -32.79 -9.62 15.43
CA SER C 82 -31.69 -9.44 16.36
C SER C 82 -30.34 -10.07 15.96
N ILE C 83 -30.33 -11.00 15.01
CA ILE C 83 -29.03 -11.48 14.56
C ILE C 83 -28.35 -10.43 13.71
N ILE C 84 -29.11 -9.84 12.78
CA ILE C 84 -28.52 -8.80 11.97
C ILE C 84 -27.73 -7.89 12.88
N PHE C 85 -28.35 -7.46 13.98
CA PHE C 85 -27.68 -6.58 14.94
C PHE C 85 -26.47 -7.18 15.63
N LEU C 86 -26.60 -8.40 16.13
CA LEU C 86 -25.42 -9.09 16.63
C LEU C 86 -24.36 -8.96 15.55
N PHE C 87 -24.72 -9.22 14.30
CA PHE C 87 -23.72 -9.21 13.24
C PHE C 87 -23.09 -7.84 12.98
N LEU C 88 -23.92 -6.81 12.95
CA LEU C 88 -23.47 -5.41 12.84
C LEU C 88 -22.40 -5.10 13.89
N GLY C 89 -22.54 -5.69 15.07
CA GLY C 89 -21.63 -5.44 16.17
C GLY C 89 -20.26 -6.00 15.94
N GLY C 90 -20.20 -7.26 15.51
CA GLY C 90 -18.92 -7.85 15.17
C GLY C 90 -18.21 -6.99 14.13
N PHE C 91 -18.98 -6.43 13.20
CA PHE C 91 -18.45 -5.56 12.16
C PHE C 91 -17.69 -4.41 12.75
N ALA C 92 -18.35 -3.65 13.61
CA ALA C 92 -17.71 -2.53 14.30
C ALA C 92 -16.60 -3.02 15.23
N LEU C 93 -16.84 -4.16 15.89
CA LEU C 93 -15.85 -4.72 16.78
C LEU C 93 -14.56 -4.89 16.03
N ALA C 94 -14.64 -5.32 14.77
CA ALA C 94 -13.44 -5.52 13.95
C ALA C 94 -12.93 -4.23 13.36
N ALA C 95 -13.80 -3.43 12.78
CA ALA C 95 -13.43 -2.13 12.23
C ALA C 95 -12.59 -1.38 13.24
N ALA C 96 -12.82 -1.66 14.51
CA ALA C 96 -12.04 -1.06 15.57
C ALA C 96 -10.66 -1.70 15.68
N MSE C 97 -10.59 -3.02 15.59
CA MSE C 97 -9.31 -3.71 15.54
C MSE C 97 -8.43 -3.28 14.36
O MSE C 97 -7.21 -3.39 14.43
CB MSE C 97 -9.46 -5.23 15.50
CG MSE C 97 -9.86 -5.88 16.81
SE MSE C 97 -10.15 -7.82 16.59
CE MSE C 97 -11.38 -7.80 15.08
N HIS C 98 -9.03 -2.79 13.27
CA HIS C 98 -8.25 -2.27 12.13
C HIS C 98 -7.75 -0.87 12.38
N HIS C 99 -8.67 0.06 12.61
CA HIS C 99 -8.33 1.46 12.89
C HIS C 99 -7.17 1.56 13.88
N GLN C 100 -7.22 0.78 14.95
CA GLN C 100 -6.11 0.75 15.88
C GLN C 100 -4.94 -0.03 15.26
N GLY C 101 -5.26 -0.95 14.36
CA GLY C 101 -4.24 -1.77 13.72
C GLY C 101 -3.81 -2.92 14.60
N LEU C 102 -4.72 -3.36 15.44
CA LEU C 102 -4.48 -4.49 16.31
C LEU C 102 -4.46 -5.80 15.48
N ASP C 103 -4.86 -5.69 14.21
CA ASP C 103 -4.76 -6.81 13.27
C ASP C 103 -3.33 -6.99 12.76
N LYS C 104 -2.73 -5.88 12.34
CA LYS C 104 -1.40 -5.87 11.75
C LYS C 104 -0.36 -6.19 12.81
N VAL C 105 -0.63 -5.84 14.05
CA VAL C 105 0.30 -6.16 15.14
C VAL C 105 0.13 -7.57 15.66
N ILE C 106 -1.08 -8.09 15.53
CA ILE C 106 -1.39 -9.42 16.02
C ILE C 106 -0.74 -10.39 15.04
N ALA C 107 -0.46 -9.85 13.85
CA ALA C 107 0.20 -10.56 12.73
C ALA C 107 1.73 -10.63 12.83
N ASP C 108 2.31 -9.49 13.16
CA ASP C 108 3.75 -9.32 13.16
C ASP C 108 4.41 -10.11 14.28
N LYS C 109 3.93 -9.95 15.51
CA LYS C 109 4.56 -10.61 16.64
C LYS C 109 4.52 -12.13 16.55
N VAL C 110 3.52 -12.66 15.84
CA VAL C 110 3.45 -14.10 15.57
C VAL C 110 4.34 -14.49 14.37
N LEU C 111 4.51 -13.56 13.44
CA LEU C 111 5.43 -13.78 12.33
C LEU C 111 6.85 -13.90 12.84
N ALA C 112 7.30 -12.89 13.57
CA ALA C 112 8.66 -12.87 14.12
C ALA C 112 8.87 -13.95 15.16
N MSE C 113 7.78 -14.64 15.50
CA MSE C 113 7.82 -15.69 16.50
C MSE C 113 8.45 -16.95 15.95
O MSE C 113 8.48 -17.16 14.74
CB MSE C 113 6.41 -15.97 17.00
CG MSE C 113 6.34 -16.86 18.22
SE MSE C 113 4.49 -16.97 18.79
CE MSE C 113 4.23 -15.07 19.22
N ALA C 114 8.98 -17.77 16.85
CA ALA C 114 9.70 -18.97 16.49
C ALA C 114 10.90 -18.63 15.59
N GLN C 115 11.33 -17.38 15.64
CA GLN C 115 12.43 -16.88 14.82
C GLN C 115 12.24 -17.40 13.39
N GLY C 116 13.32 -17.94 12.84
CA GLY C 116 13.28 -18.67 11.59
C GLY C 116 12.80 -17.87 10.41
N LYS C 117 12.59 -18.56 9.30
CA LYS C 117 11.87 -18.01 8.17
C LYS C 117 11.08 -19.16 7.60
N MSE C 118 10.27 -18.91 6.57
CA MSE C 118 9.68 -19.99 5.78
C MSE C 118 8.99 -21.02 6.67
O MSE C 118 7.92 -20.75 7.22
CB MSE C 118 10.72 -20.65 4.85
CG MSE C 118 10.19 -21.07 3.47
SE MSE C 118 9.24 -19.71 2.41
CE MSE C 118 10.15 -18.08 3.00
N SER C 119 9.58 -22.20 6.80
CA SER C 119 8.89 -23.37 7.35
C SER C 119 8.01 -23.09 8.57
N VAL C 120 8.53 -22.35 9.54
CA VAL C 120 7.70 -22.01 10.71
C VAL C 120 6.75 -20.85 10.38
N ALA C 121 7.16 -19.97 9.47
CA ALA C 121 6.38 -18.77 9.14
C ALA C 121 5.20 -19.02 8.20
N VAL C 122 5.27 -20.07 7.39
CA VAL C 122 4.12 -20.42 6.55
C VAL C 122 3.16 -21.41 7.25
N PHE C 123 3.63 -22.04 8.31
CA PHE C 123 2.71 -22.72 9.22
C PHE C 123 2.15 -21.72 10.23
N MSE C 124 2.93 -20.69 10.52
CA MSE C 124 2.50 -19.60 11.40
C MSE C 124 1.53 -18.73 10.62
O MSE C 124 0.49 -18.34 11.13
CB MSE C 124 3.71 -18.76 11.81
CG MSE C 124 3.80 -18.43 13.31
SE MSE C 124 4.46 -19.90 14.40
CE MSE C 124 3.72 -19.32 16.11
N LEU C 125 1.89 -18.45 9.37
CA LEU C 125 1.08 -17.60 8.50
C LEU C 125 -0.34 -18.15 8.38
N PHE C 126 -0.49 -19.45 8.58
CA PHE C 126 -1.77 -20.14 8.40
C PHE C 126 -2.69 -19.97 9.62
N GLY C 127 -2.12 -20.05 10.83
CA GLY C 127 -2.89 -19.92 12.06
C GLY C 127 -3.37 -18.52 12.37
N VAL C 128 -2.60 -17.53 11.94
CA VAL C 128 -2.97 -16.15 12.13
C VAL C 128 -4.23 -15.87 11.32
N THR C 129 -4.22 -16.27 10.06
CA THR C 129 -5.34 -16.06 9.15
C THR C 129 -6.65 -16.71 9.64
N ALA C 130 -6.54 -17.84 10.29
CA ALA C 130 -7.69 -18.49 10.87
C ALA C 130 -8.06 -17.68 12.10
N LEU C 131 -7.13 -17.65 13.05
CA LEU C 131 -7.35 -16.98 14.31
C LEU C 131 -7.95 -15.62 14.02
N LEU C 132 -7.51 -15.01 12.93
CA LEU C 132 -7.93 -13.67 12.53
C LEU C 132 -9.36 -13.59 11.93
N SER C 133 -9.76 -14.59 11.13
CA SER C 133 -11.08 -14.56 10.46
C SER C 133 -12.19 -14.65 11.48
N MSE C 134 -11.87 -15.32 12.57
CA MSE C 134 -12.84 -15.69 13.59
C MSE C 134 -13.60 -14.44 14.07
O MSE C 134 -14.54 -14.53 14.85
CB MSE C 134 -12.12 -16.34 14.77
CG MSE C 134 -11.34 -17.59 14.47
SE MSE C 134 -10.90 -18.51 16.13
CE MSE C 134 -10.12 -20.17 15.36
N TRP C 135 -13.13 -13.28 13.63
CA TRP C 135 -13.62 -12.00 14.11
C TRP C 135 -13.91 -11.05 12.98
N ILE C 136 -12.91 -10.89 12.12
CA ILE C 136 -12.91 -9.82 11.14
C ILE C 136 -13.87 -10.07 9.99
N SER C 137 -13.48 -11.00 9.12
CA SER C 137 -14.19 -11.30 7.88
C SER C 137 -13.34 -12.26 7.11
N ASN C 138 -13.94 -12.89 6.11
CA ASN C 138 -13.19 -13.81 5.28
C ASN C 138 -12.45 -13.05 4.18
N THR C 139 -13.17 -12.53 3.20
CA THR C 139 -12.53 -11.79 2.12
C THR C 139 -11.66 -10.64 2.65
N ALA C 140 -12.08 -10.05 3.76
CA ALA C 140 -11.29 -8.97 4.36
C ALA C 140 -9.94 -9.48 4.90
N THR C 141 -9.97 -10.60 5.61
CA THR C 141 -8.75 -11.18 6.17
C THR C 141 -7.82 -11.57 5.05
N ALA C 142 -8.39 -12.21 4.03
CA ALA C 142 -7.62 -12.70 2.92
C ALA C 142 -6.77 -11.60 2.27
N ALA C 143 -7.43 -10.56 1.78
CA ALA C 143 -6.75 -9.56 0.99
C ALA C 143 -5.65 -8.85 1.77
N MSE C 144 -5.87 -8.64 3.08
CA MSE C 144 -4.86 -8.01 3.93
C MSE C 144 -3.73 -8.99 4.30
O MSE C 144 -2.65 -8.59 4.71
CB MSE C 144 -5.47 -7.42 5.20
CG MSE C 144 -4.59 -6.36 5.87
SE MSE C 144 -4.68 -6.37 7.81
CE MSE C 144 -4.27 -8.26 8.12
N MSE C 145 -4.00 -10.28 4.16
CA MSE C 145 -2.97 -11.29 4.39
C MSE C 145 -2.03 -11.42 3.19
O MSE C 145 -0.90 -11.88 3.33
CB MSE C 145 -3.59 -12.64 4.69
CG MSE C 145 -2.88 -13.37 5.81
SE MSE C 145 -2.78 -12.23 7.40
CE MSE C 145 -2.13 -13.52 8.71
N LEU C 146 -2.50 -11.02 2.01
CA LEU C 146 -1.79 -11.30 0.76
C LEU C 146 -0.37 -10.70 0.65
N PRO C 147 -0.25 -9.37 0.69
CA PRO C 147 1.07 -8.73 0.67
C PRO C 147 1.96 -9.26 1.79
N LEU C 148 1.36 -9.60 2.92
CA LEU C 148 2.12 -10.20 3.99
C LEU C 148 2.73 -11.53 3.54
N VAL C 149 1.94 -12.34 2.84
CA VAL C 149 2.42 -13.65 2.37
C VAL C 149 3.49 -13.47 1.29
N LEU C 150 3.17 -12.71 0.25
CA LEU C 150 4.14 -12.41 -0.80
C LEU C 150 5.47 -11.99 -0.17
N GLY C 151 5.39 -11.06 0.79
CA GLY C 151 6.57 -10.59 1.49
C GLY C 151 7.36 -11.68 2.21
N VAL C 152 6.66 -12.56 2.91
CA VAL C 152 7.34 -13.55 3.75
C VAL C 152 8.08 -14.54 2.88
N LEU C 153 7.52 -14.86 1.73
CA LEU C 153 8.36 -15.47 0.72
C LEU C 153 8.64 -14.40 -0.33
N SER C 154 9.85 -13.84 -0.24
CA SER C 154 10.27 -12.69 -1.03
C SER C 154 11.60 -13.02 -1.65
N LYS C 155 12.60 -13.24 -0.79
CA LYS C 155 13.92 -13.67 -1.24
C LYS C 155 13.74 -14.94 -2.07
N VAL C 156 12.62 -15.65 -1.87
CA VAL C 156 12.23 -16.67 -2.83
C VAL C 156 11.12 -16.12 -3.71
N ASP C 157 11.49 -15.71 -4.93
CA ASP C 157 10.54 -15.36 -5.96
C ASP C 157 10.88 -16.30 -7.10
N ALA C 158 10.03 -17.27 -7.37
CA ALA C 158 10.49 -18.46 -8.07
C ALA C 158 9.60 -18.98 -9.19
N ASP C 159 10.23 -19.29 -10.31
CA ASP C 159 9.65 -20.17 -11.31
C ASP C 159 9.92 -21.59 -10.83
N LYS C 160 10.59 -21.71 -9.68
CA LYS C 160 10.68 -22.99 -8.99
C LYS C 160 10.41 -22.93 -7.47
N GLN C 161 9.29 -23.53 -7.07
CA GLN C 161 8.20 -23.76 -8.01
C GLN C 161 6.80 -23.47 -7.46
N ARG C 162 6.34 -24.38 -6.62
CA ARG C 162 5.02 -24.34 -6.04
C ARG C 162 5.10 -23.76 -4.65
N SER C 163 6.32 -23.50 -4.19
CA SER C 163 6.53 -22.92 -2.87
C SER C 163 5.71 -21.63 -2.74
N THR C 164 5.81 -20.74 -3.71
CA THR C 164 5.04 -19.50 -3.68
C THR C 164 3.54 -19.74 -3.86
N TYR C 165 3.16 -20.51 -4.88
CA TYR C 165 1.75 -20.56 -5.31
C TYR C 165 0.88 -21.48 -4.46
N VAL C 166 0.99 -22.78 -4.68
CA VAL C 166 0.31 -23.71 -3.81
C VAL C 166 1.02 -23.64 -2.48
N PHE C 167 0.35 -24.09 -1.44
CA PHE C 167 0.93 -24.13 -0.10
C PHE C 167 1.28 -22.80 0.57
N VAL C 168 1.04 -21.68 -0.11
CA VAL C 168 0.95 -20.42 0.63
C VAL C 168 -0.31 -19.68 0.23
N LEU C 169 -0.37 -19.27 -1.03
CA LEU C 169 -1.53 -18.55 -1.54
C LEU C 169 -2.82 -19.35 -1.36
N LEU C 170 -2.75 -20.66 -1.59
CA LEU C 170 -3.88 -21.54 -1.30
C LEU C 170 -4.07 -21.75 0.21
N GLY C 171 -3.02 -22.21 0.89
CA GLY C 171 -3.10 -22.46 2.32
C GLY C 171 -3.63 -21.25 3.06
N VAL C 172 -3.39 -20.07 2.48
CA VAL C 172 -3.87 -18.83 3.08
C VAL C 172 -5.39 -18.63 2.89
N ALA C 173 -5.87 -18.54 1.66
CA ALA C 173 -7.32 -18.38 1.44
C ALA C 173 -8.16 -19.53 2.01
N TYR C 174 -7.56 -20.69 2.22
CA TYR C 174 -8.27 -21.80 2.86
C TYR C 174 -8.48 -21.54 4.36
N SER C 175 -7.40 -21.17 5.03
CA SER C 175 -7.43 -20.90 6.47
C SER C 175 -8.40 -19.78 6.83
N ALA C 176 -8.54 -18.81 5.93
CA ALA C 176 -9.54 -17.77 6.07
C ALA C 176 -10.92 -18.41 6.17
N SER C 177 -11.30 -19.09 5.11
CA SER C 177 -12.61 -19.71 5.08
C SER C 177 -12.82 -20.70 6.23
N ILE C 178 -11.79 -21.44 6.61
CA ILE C 178 -11.94 -22.41 7.70
C ILE C 178 -12.03 -21.72 9.03
N GLY C 179 -11.20 -20.72 9.23
CA GLY C 179 -11.34 -19.92 10.42
C GLY C 179 -12.73 -19.33 10.33
N GLY C 180 -13.24 -19.24 9.11
CA GLY C 180 -14.50 -18.60 8.80
C GLY C 180 -15.71 -19.27 9.43
N ILE C 181 -15.50 -20.49 9.92
CA ILE C 181 -16.43 -21.17 10.81
C ILE C 181 -16.07 -20.68 12.20
N ALA C 182 -16.51 -21.38 13.23
CA ALA C 182 -15.93 -21.25 14.58
C ALA C 182 -16.40 -20.05 15.41
N THR C 183 -17.00 -19.05 14.77
CA THR C 183 -17.62 -17.95 15.48
C THR C 183 -18.74 -17.40 14.63
N LEU C 184 -19.81 -17.00 15.32
CA LEU C 184 -21.03 -16.53 14.66
C LEU C 184 -20.72 -15.31 13.76
N VAL C 185 -19.51 -14.76 13.92
CA VAL C 185 -18.99 -13.79 12.98
C VAL C 185 -17.57 -14.18 12.60
N GLY C 186 -17.20 -14.09 11.32
CA GLY C 186 -18.15 -14.13 10.24
C GLY C 186 -18.12 -15.62 9.93
N SER C 187 -18.61 -16.04 8.77
CA SER C 187 -19.17 -15.17 7.74
C SER C 187 -20.68 -15.14 7.86
N PRO C 188 -21.36 -14.44 6.95
CA PRO C 188 -22.83 -14.41 6.97
C PRO C 188 -23.50 -15.79 7.11
N PRO C 189 -23.01 -16.79 6.39
CA PRO C 189 -23.73 -18.07 6.44
C PRO C 189 -24.05 -18.52 7.85
N ASN C 190 -23.10 -18.46 8.75
CA ASN C 190 -23.34 -19.05 10.06
C ASN C 190 -24.19 -18.18 10.98
N ALA C 191 -24.27 -16.88 10.69
CA ALA C 191 -25.26 -16.01 11.29
C ALA C 191 -26.66 -16.52 10.90
N ILE C 192 -26.84 -16.64 9.59
CA ILE C 192 -28.06 -17.07 8.95
C ILE C 192 -28.64 -18.32 9.58
N ALA C 193 -27.79 -19.22 10.03
CA ALA C 193 -28.26 -20.37 10.78
C ALA C 193 -28.81 -19.98 12.17
N ALA C 194 -28.09 -19.10 12.87
CA ALA C 194 -28.57 -18.67 14.17
C ALA C 194 -29.86 -17.84 14.04
N ALA C 195 -29.96 -17.16 12.89
CA ALA C 195 -31.07 -16.25 12.62
C ALA C 195 -32.29 -17.07 12.27
N GLU C 196 -32.10 -18.38 12.14
CA GLU C 196 -33.17 -19.26 11.76
C GLU C 196 -33.50 -20.23 12.87
N VAL C 197 -32.53 -21.03 13.28
CA VAL C 197 -32.78 -22.03 14.28
C VAL C 197 -32.76 -21.46 15.68
N GLY C 198 -32.68 -20.13 15.79
CA GLY C 198 -32.73 -19.50 17.10
C GLY C 198 -31.52 -19.81 17.97
N LEU C 199 -30.34 -19.43 17.47
CA LEU C 199 -29.07 -19.85 18.07
C LEU C 199 -28.34 -18.71 18.75
N SER C 200 -27.54 -19.05 19.75
CA SER C 200 -26.69 -18.07 20.41
C SER C 200 -25.28 -18.12 19.90
N PHE C 201 -24.46 -17.18 20.36
CA PHE C 201 -23.05 -17.22 20.04
C PHE C 201 -22.37 -18.48 20.56
N THR C 202 -22.32 -18.58 21.89
CA THR C 202 -21.60 -19.66 22.55
C THR C 202 -22.17 -21.04 22.20
N ASP C 203 -23.33 -21.06 21.57
CA ASP C 203 -23.91 -22.30 21.07
C ASP C 203 -23.21 -22.71 19.77
N TRP C 204 -23.37 -21.90 18.72
CA TRP C 204 -22.84 -22.18 17.39
C TRP C 204 -21.34 -22.35 17.42
N MSE C 205 -20.73 -21.85 18.48
CA MSE C 205 -19.31 -22.00 18.62
C MSE C 205 -18.98 -23.35 19.25
O MSE C 205 -17.83 -23.77 19.28
CB MSE C 205 -18.75 -20.85 19.43
CG MSE C 205 -17.32 -20.48 19.09
SE MSE C 205 -16.46 -19.77 20.66
CE MSE C 205 -16.92 -21.26 21.86
N LYS C 206 -20.01 -24.03 19.76
CA LYS C 206 -19.84 -25.38 20.27
C LYS C 206 -19.60 -26.35 19.10
N PHE C 207 -20.14 -26.01 17.93
CA PHE C 207 -20.01 -26.82 16.74
C PHE C 207 -18.84 -26.33 15.90
N GLY C 208 -18.98 -25.10 15.40
CA GLY C 208 -18.04 -24.52 14.48
C GLY C 208 -16.61 -24.61 14.94
N LEU C 209 -16.37 -24.25 16.20
CA LEU C 209 -15.01 -24.17 16.71
C LEU C 209 -14.24 -25.50 16.55
N PRO C 210 -14.73 -26.58 17.18
CA PRO C 210 -13.96 -27.83 17.08
C PRO C 210 -13.92 -28.37 15.64
N THR C 211 -14.92 -28.00 14.84
CA THR C 211 -14.89 -28.25 13.40
C THR C 211 -13.67 -27.61 12.75
N ALA C 212 -13.54 -26.29 12.92
CA ALA C 212 -12.42 -25.55 12.33
C ALA C 212 -11.05 -26.01 12.86
N MSE C 213 -10.94 -26.12 14.19
CA MSE C 213 -9.72 -26.60 14.83
C MSE C 213 -9.29 -27.95 14.27
O MSE C 213 -8.10 -28.33 14.35
CB MSE C 213 -9.94 -26.74 16.34
CG MSE C 213 -9.48 -25.55 17.14
SE MSE C 213 -9.87 -25.85 19.02
CE MSE C 213 -9.13 -27.65 19.23
N MSE C 214 -10.23 -28.68 13.71
CA MSE C 214 -9.92 -29.94 13.04
C MSE C 214 -9.69 -29.73 11.56
O MSE C 214 -8.61 -30.00 11.03
CB MSE C 214 -11.01 -30.98 13.28
CG MSE C 214 -10.87 -31.68 14.62
SE MSE C 214 -12.17 -33.10 14.85
CE MSE C 214 -12.26 -33.08 16.81
N MSE C 215 -10.73 -29.25 10.88
CA MSE C 215 -10.70 -29.04 9.44
C MSE C 215 -9.45 -28.28 8.96
O MSE C 215 -8.91 -28.59 7.89
CB MSE C 215 -11.99 -28.35 8.99
CG MSE C 215 -11.94 -27.75 7.61
SE MSE C 215 -13.66 -27.76 6.72
CE MSE C 215 -13.29 -26.41 5.37
N LEU C 216 -8.97 -27.31 9.74
CA LEU C 216 -7.82 -26.53 9.29
C LEU C 216 -6.52 -27.32 9.22
N PRO C 217 -6.20 -28.06 10.30
CA PRO C 217 -5.06 -28.98 10.15
C PRO C 217 -5.23 -29.89 8.93
N MSE C 218 -6.39 -30.52 8.78
CA MSE C 218 -6.60 -31.44 7.68
C MSE C 218 -6.44 -30.73 6.33
O MSE C 218 -5.75 -31.22 5.44
CB MSE C 218 -7.99 -32.08 7.77
CG MSE C 218 -8.17 -33.27 6.86
SE MSE C 218 -9.97 -33.98 6.84
CE MSE C 218 -10.74 -32.72 5.58
N ALA C 219 -7.07 -29.57 6.20
CA ALA C 219 -7.04 -28.83 4.95
C ALA C 219 -5.62 -28.44 4.54
N ILE C 220 -4.73 -28.36 5.52
CA ILE C 220 -3.32 -28.13 5.26
C ILE C 220 -2.58 -29.41 4.90
N ALA C 221 -3.01 -30.52 5.49
CA ALA C 221 -2.48 -31.84 5.19
C ALA C 221 -2.62 -32.19 3.71
N ILE C 222 -3.85 -32.19 3.22
CA ILE C 222 -4.11 -32.41 1.79
C ILE C 222 -3.19 -31.48 1.01
N LEU C 223 -3.26 -30.20 1.35
CA LEU C 223 -2.50 -29.14 0.70
C LEU C 223 -0.96 -29.34 0.69
N TYR C 224 -0.44 -29.93 1.77
CA TYR C 224 0.99 -30.17 1.89
C TYR C 224 1.37 -31.37 1.04
N PHE C 225 0.98 -32.56 1.49
CA PHE C 225 1.34 -33.81 0.83
C PHE C 225 0.82 -33.86 -0.61
N LEU C 226 0.00 -32.88 -0.98
CA LEU C 226 -0.53 -32.85 -2.33
C LEU C 226 0.36 -32.05 -3.27
N LEU C 227 0.57 -30.79 -2.95
CA LEU C 227 1.16 -29.84 -3.91
C LEU C 227 2.72 -29.94 -4.07
N LYS C 228 3.47 -29.45 -3.09
CA LYS C 228 4.93 -29.42 -3.18
C LYS C 228 5.61 -29.02 -1.86
N PRO C 229 6.94 -28.82 -1.90
CA PRO C 229 7.58 -28.16 -0.76
C PRO C 229 8.60 -27.12 -1.19
N ALA C 240 10.50 -6.03 8.47
CA ALA C 240 10.87 -5.55 9.78
C ALA C 240 10.56 -4.08 10.03
N PRO C 241 9.27 -3.78 10.19
CA PRO C 241 8.67 -2.46 10.47
C PRO C 241 8.44 -2.20 11.96
N VAL C 242 7.93 -1.02 12.29
CA VAL C 242 7.73 -0.60 13.68
C VAL C 242 6.54 -1.32 14.31
N ASN C 243 6.20 -0.98 15.55
CA ASN C 243 5.05 -1.57 16.24
C ASN C 243 4.07 -0.61 16.94
N TRP C 244 4.55 0.08 17.97
CA TRP C 244 3.72 0.79 18.98
C TRP C 244 2.84 -0.13 19.85
N ASP C 245 1.57 0.21 20.05
CA ASP C 245 0.76 -0.45 21.08
C ASP C 245 1.36 -0.17 22.46
N LYS C 246 1.27 1.06 22.98
CA LYS C 246 0.53 2.23 22.41
C LYS C 246 -1.03 2.33 22.33
N GLY C 247 -1.74 1.99 23.43
CA GLY C 247 -3.11 2.48 23.69
C GLY C 247 -4.33 1.75 23.10
N LYS C 248 -4.07 0.76 22.26
CA LYS C 248 -5.08 -0.12 21.70
C LYS C 248 -5.22 -1.30 22.65
N VAL C 249 -4.58 -1.18 23.81
CA VAL C 249 -4.85 -2.11 24.90
C VAL C 249 -6.29 -1.96 25.27
N VAL C 250 -6.80 -0.74 25.13
CA VAL C 250 -8.20 -0.51 25.42
C VAL C 250 -9.01 -1.32 24.39
N THR C 251 -8.77 -1.10 23.11
CA THR C 251 -9.48 -1.84 22.10
C THR C 251 -9.48 -3.34 22.45
N LEU C 252 -8.32 -3.82 22.88
CA LEU C 252 -8.10 -5.23 23.16
C LEU C 252 -8.87 -5.74 24.38
N GLY C 253 -9.06 -4.89 25.39
CA GLY C 253 -9.76 -5.29 26.59
C GLY C 253 -11.27 -5.22 26.43
N ILE C 254 -11.69 -4.31 25.56
CA ILE C 254 -13.04 -4.33 25.04
C ILE C 254 -13.27 -5.64 24.29
N PHE C 255 -12.46 -5.90 23.25
CA PHE C 255 -12.60 -7.12 22.45
C PHE C 255 -12.58 -8.31 23.39
N GLY C 256 -11.76 -8.23 24.42
CA GLY C 256 -11.63 -9.32 25.37
C GLY C 256 -12.90 -9.48 26.17
N LEU C 257 -13.44 -8.36 26.60
CA LEU C 257 -14.66 -8.38 27.37
C LEU C 257 -15.78 -9.00 26.56
N THR C 258 -15.97 -8.48 25.35
CA THR C 258 -17.09 -8.87 24.50
C THR C 258 -17.11 -10.37 24.23
N VAL C 259 -15.94 -10.94 24.01
CA VAL C 259 -15.83 -12.37 23.76
C VAL C 259 -16.17 -13.07 25.09
N PHE C 260 -15.62 -12.56 26.19
CA PHE C 260 -15.92 -13.13 27.51
C PHE C 260 -17.40 -13.32 27.75
N LEU C 261 -18.16 -12.25 27.51
CA LEU C 261 -19.60 -12.25 27.71
C LEU C 261 -20.32 -13.23 26.77
N TRP C 262 -20.06 -13.10 25.48
CA TRP C 262 -20.67 -13.95 24.48
C TRP C 262 -20.49 -15.40 24.87
N ILE C 263 -19.34 -15.69 25.47
CA ILE C 263 -18.98 -17.04 25.85
C ILE C 263 -19.68 -17.41 27.15
N PHE C 264 -19.61 -16.51 28.11
CA PHE C 264 -20.19 -16.80 29.42
C PHE C 264 -21.62 -16.32 29.52
N SER C 265 -22.18 -15.92 28.38
CA SER C 265 -23.55 -15.39 28.30
C SER C 265 -24.58 -16.24 29.05
N SER C 266 -24.53 -17.56 28.90
CA SER C 266 -25.54 -18.38 29.54
C SER C 266 -25.66 -18.10 31.04
N PRO C 267 -24.61 -18.38 31.82
CA PRO C 267 -24.79 -18.21 33.26
C PRO C 267 -24.84 -16.75 33.65
N ILE C 268 -24.17 -15.89 32.89
CA ILE C 268 -24.18 -14.46 33.17
C ILE C 268 -25.59 -13.96 33.02
N ASN C 269 -26.16 -14.14 31.83
CA ASN C 269 -27.47 -13.58 31.56
C ASN C 269 -28.55 -14.23 32.40
N ALA C 270 -28.62 -15.56 32.33
CA ALA C 270 -29.63 -16.31 33.08
C ALA C 270 -29.61 -15.96 34.57
N ALA C 271 -28.43 -15.75 35.13
CA ALA C 271 -28.32 -15.42 36.54
C ALA C 271 -28.34 -13.90 36.78
N LEU C 272 -28.27 -13.13 35.71
CA LEU C 272 -28.40 -11.67 35.80
C LEU C 272 -29.83 -11.14 35.60
N GLY C 273 -30.74 -11.97 35.08
CA GLY C 273 -31.99 -11.47 34.52
C GLY C 273 -32.60 -12.34 33.42
N GLY C 274 -33.35 -11.73 32.51
CA GLY C 274 -34.08 -12.47 31.49
C GLY C 274 -33.17 -13.29 30.60
N PHE C 275 -32.29 -12.65 29.85
CA PHE C 275 -32.50 -11.30 29.32
C PHE C 275 -32.88 -11.22 27.83
N LYS C 276 -33.12 -12.36 27.17
CA LYS C 276 -33.66 -12.30 25.79
C LYS C 276 -32.77 -11.73 24.67
N SER C 277 -31.94 -12.58 24.07
CA SER C 277 -31.00 -12.15 23.02
C SER C 277 -29.83 -11.35 23.61
N PHE C 278 -29.37 -11.85 24.76
CA PHE C 278 -28.25 -11.28 25.49
C PHE C 278 -27.06 -10.99 24.61
N ASP C 279 -26.80 -11.89 23.67
CA ASP C 279 -25.67 -11.71 22.78
C ASP C 279 -25.85 -10.44 21.94
N THR C 280 -27.01 -10.26 21.33
CA THR C 280 -27.23 -9.01 20.58
C THR C 280 -26.97 -7.78 21.45
N LEU C 281 -27.21 -7.90 22.74
CA LEU C 281 -26.98 -6.76 23.61
C LEU C 281 -25.49 -6.63 23.79
N VAL C 282 -24.86 -7.75 24.15
CA VAL C 282 -23.41 -7.82 24.19
C VAL C 282 -22.87 -7.25 22.89
N ALA C 283 -23.44 -7.60 21.76
CA ALA C 283 -22.97 -6.97 20.53
C ALA C 283 -23.14 -5.47 20.61
N LEU C 284 -24.39 -5.03 20.61
CA LEU C 284 -24.66 -3.61 20.68
C LEU C 284 -23.84 -2.99 21.82
N GLY C 285 -23.68 -3.75 22.90
CA GLY C 285 -22.94 -3.28 24.06
C GLY C 285 -21.53 -2.89 23.64
N ALA C 286 -20.83 -3.85 23.04
CA ALA C 286 -19.49 -3.65 22.54
C ALA C 286 -19.37 -2.39 21.68
N ILE C 287 -20.26 -2.27 20.69
CA ILE C 287 -20.23 -1.11 19.79
C ILE C 287 -20.41 0.18 20.60
N LEU C 288 -21.06 0.06 21.75
CA LEU C 288 -21.20 1.18 22.66
C LEU C 288 -19.87 1.45 23.35
N MSE C 289 -19.42 0.54 24.21
CA MSE C 289 -18.14 0.73 24.87
C MSE C 289 -17.08 1.17 23.86
O MSE C 289 -16.31 2.07 24.13
CB MSE C 289 -17.63 -0.56 25.52
CG MSE C 289 -18.48 -1.10 26.64
SE MSE C 289 -17.74 -2.79 27.28
CE MSE C 289 -18.02 -3.92 25.70
N LEU C 290 -17.04 0.55 22.69
CA LEU C 290 -16.04 0.95 21.71
C LEU C 290 -16.04 2.44 21.40
N SER C 291 -17.21 3.05 21.22
CA SER C 291 -17.28 4.45 20.79
C SER C 291 -17.33 5.53 21.91
N PHE C 292 -17.49 5.09 23.15
CA PHE C 292 -17.30 5.99 24.29
C PHE C 292 -15.82 6.12 24.58
N ALA C 293 -15.06 5.10 24.17
CA ALA C 293 -13.64 5.04 24.46
C ALA C 293 -12.84 5.78 23.41
N ARG C 294 -13.55 6.46 22.50
CA ARG C 294 -12.89 7.30 21.52
C ARG C 294 -12.04 6.43 20.59
N VAL C 295 -12.05 5.12 20.87
CA VAL C 295 -11.22 4.13 20.16
C VAL C 295 -11.56 3.86 18.68
N VAL C 296 -12.81 4.08 18.29
CA VAL C 296 -13.19 4.05 16.88
C VAL C 296 -14.37 4.96 16.62
N HIS C 297 -14.40 5.58 15.43
CA HIS C 297 -15.48 6.50 15.09
C HIS C 297 -16.68 5.74 14.49
N TRP C 298 -17.76 6.46 14.20
CA TRP C 298 -18.88 5.83 13.50
C TRP C 298 -18.52 5.65 12.02
N LYS C 299 -17.91 6.68 11.44
CA LYS C 299 -17.51 6.71 10.03
C LYS C 299 -16.78 5.43 9.60
N GLU C 300 -15.91 4.96 10.49
CA GLU C 300 -15.13 3.75 10.29
C GLU C 300 -16.04 2.54 10.22
N ILE C 301 -17.12 2.58 10.99
CA ILE C 301 -18.04 1.46 11.09
C ILE C 301 -18.91 1.43 9.85
N GLN C 302 -19.39 2.59 9.44
CA GLN C 302 -20.19 2.70 8.24
C GLN C 302 -19.42 2.26 6.99
N LYS C 303 -18.11 2.43 6.99
CA LYS C 303 -17.30 2.00 5.89
C LYS C 303 -17.02 0.52 6.01
N THR C 304 -16.60 0.13 7.21
CA THR C 304 -16.19 -1.23 7.49
C THR C 304 -17.31 -2.26 7.33
N ALA C 305 -18.46 -1.97 7.94
CA ALA C 305 -19.61 -2.85 7.91
C ALA C 305 -20.14 -3.09 6.50
N ASP C 306 -20.40 -4.35 6.16
CA ASP C 306 -21.06 -4.64 4.89
C ASP C 306 -22.54 -4.65 5.14
N TRP C 307 -23.22 -3.64 4.63
CA TRP C 307 -24.62 -3.52 4.90
C TRP C 307 -25.44 -4.40 3.98
N GLY C 308 -25.09 -4.42 2.71
CA GLY C 308 -25.79 -5.31 1.81
C GLY C 308 -25.96 -6.70 2.43
N VAL C 309 -24.97 -7.14 3.21
CA VAL C 309 -25.03 -8.44 3.88
C VAL C 309 -25.96 -8.42 5.09
N LEU C 310 -26.05 -7.27 5.73
CA LEU C 310 -27.04 -7.15 6.77
C LEU C 310 -28.42 -7.14 6.10
N LEU C 311 -28.51 -6.43 4.97
CA LEU C 311 -29.76 -6.31 4.22
C LEU C 311 -30.15 -7.67 3.70
N LEU C 312 -29.14 -8.51 3.50
CA LEU C 312 -29.31 -9.83 2.92
C LEU C 312 -29.94 -10.75 3.94
N PHE C 313 -29.37 -10.77 5.14
CA PHE C 313 -29.85 -11.62 6.20
C PHE C 313 -31.38 -11.59 6.16
N GLY C 314 -31.93 -10.40 6.38
CA GLY C 314 -33.36 -10.23 6.50
C GLY C 314 -34.19 -10.75 5.34
N GLY C 315 -33.76 -10.51 4.12
CA GLY C 315 -34.52 -10.93 2.96
C GLY C 315 -34.72 -12.44 2.90
N GLY C 316 -33.76 -13.16 3.46
CA GLY C 316 -33.82 -14.61 3.49
C GLY C 316 -34.74 -15.05 4.58
N LEU C 317 -34.71 -14.32 5.70
CA LEU C 317 -35.63 -14.60 6.79
C LEU C 317 -37.08 -14.35 6.30
N CYS C 318 -37.28 -13.27 5.55
CA CYS C 318 -38.58 -13.00 4.93
C CYS C 318 -39.00 -14.21 4.11
N LEU C 319 -38.10 -14.68 3.24
CA LEU C 319 -38.30 -15.90 2.46
C LEU C 319 -38.70 -17.10 3.30
N SER C 320 -37.91 -17.41 4.33
CA SER C 320 -38.23 -18.51 5.22
C SER C 320 -39.67 -18.36 5.66
N ASN C 321 -40.10 -17.12 5.79
CA ASN C 321 -41.46 -16.89 6.19
C ASN C 321 -42.45 -17.08 5.06
N VAL C 322 -42.11 -16.62 3.85
CA VAL C 322 -43.04 -16.84 2.74
C VAL C 322 -43.19 -18.34 2.49
N LEU C 323 -42.13 -19.10 2.76
CA LEU C 323 -42.20 -20.56 2.64
C LEU C 323 -43.14 -21.13 3.70
N LYS C 324 -42.89 -20.77 4.95
CA LYS C 324 -43.65 -21.34 6.07
C LYS C 324 -45.12 -20.95 5.95
N GLN C 325 -45.34 -19.74 5.45
CA GLN C 325 -46.69 -19.17 5.37
C GLN C 325 -47.51 -19.70 4.22
N THR C 326 -46.92 -19.76 3.02
CA THR C 326 -47.65 -20.26 1.87
C THR C 326 -47.82 -21.76 2.02
N GLY C 327 -47.24 -22.32 3.09
CA GLY C 327 -47.26 -23.75 3.34
C GLY C 327 -46.47 -24.57 2.32
N THR C 328 -45.72 -23.85 1.48
CA THR C 328 -44.82 -24.45 0.52
C THR C 328 -43.94 -25.45 1.27
N SER C 329 -43.53 -25.06 2.47
CA SER C 329 -42.62 -25.85 3.29
C SER C 329 -43.18 -27.21 3.62
N VAL C 330 -44.38 -27.23 4.20
CA VAL C 330 -44.97 -28.50 4.58
C VAL C 330 -45.37 -29.32 3.36
N PHE C 331 -45.34 -28.70 2.18
CA PHE C 331 -45.59 -29.40 0.91
C PHE C 331 -44.36 -30.16 0.43
N LEU C 332 -43.21 -29.49 0.44
CA LEU C 332 -41.93 -30.13 0.12
C LEU C 332 -41.69 -31.31 1.04
N ALA C 333 -42.05 -31.12 2.32
CA ALA C 333 -41.91 -32.14 3.32
C ALA C 333 -42.55 -33.42 2.80
N ASN C 334 -43.78 -33.29 2.33
CA ASN C 334 -44.51 -34.41 1.76
C ASN C 334 -43.79 -35.03 0.56
N ALA C 335 -43.66 -34.26 -0.52
CA ALA C 335 -43.08 -34.78 -1.76
C ALA C 335 -41.80 -35.58 -1.50
N LEU C 336 -41.03 -35.15 -0.51
CA LEU C 336 -39.79 -35.81 -0.17
C LEU C 336 -39.97 -36.92 0.85
N SER C 337 -41.13 -36.99 1.49
CA SER C 337 -41.33 -37.86 2.64
C SER C 337 -41.06 -39.35 2.40
N ASP C 338 -41.48 -39.86 1.24
CA ASP C 338 -41.24 -41.26 0.88
C ASP C 338 -39.77 -41.48 0.67
N MSE C 339 -39.19 -40.60 -0.13
CA MSE C 339 -37.78 -40.69 -0.45
C MSE C 339 -36.91 -40.62 0.80
O MSE C 339 -35.96 -41.40 0.92
CB MSE C 339 -37.40 -39.59 -1.44
CG MSE C 339 -35.99 -39.75 -2.02
SE MSE C 339 -35.60 -38.37 -3.34
CE MSE C 339 -37.17 -38.62 -4.49
N VAL C 340 -37.21 -39.71 1.74
CA VAL C 340 -36.29 -39.47 2.85
C VAL C 340 -36.45 -40.44 4.02
N SER C 341 -37.56 -41.17 4.03
CA SER C 341 -37.77 -42.17 5.07
C SER C 341 -36.83 -43.37 4.84
N HIS C 342 -36.48 -43.61 3.57
CA HIS C 342 -35.60 -44.70 3.21
C HIS C 342 -34.13 -44.29 3.12
N MSE C 343 -33.80 -43.05 3.50
CA MSE C 343 -32.45 -42.54 3.32
C MSE C 343 -31.63 -42.39 4.59
O MSE C 343 -30.74 -43.18 4.88
CB MSE C 343 -32.49 -41.19 2.62
CG MSE C 343 -32.70 -41.25 1.13
SE MSE C 343 -32.39 -39.49 0.36
CE MSE C 343 -30.87 -38.96 1.44
N GLY C 344 -31.93 -41.34 5.35
CA GLY C 344 -31.12 -41.00 6.50
C GLY C 344 -31.69 -41.43 7.82
N ILE C 345 -31.35 -40.70 8.87
CA ILE C 345 -30.56 -39.47 8.76
C ILE C 345 -29.31 -39.65 7.92
N PHE C 346 -28.55 -40.68 8.23
CA PHE C 346 -27.16 -40.75 7.78
C PHE C 346 -26.96 -40.37 6.31
N VAL C 347 -27.80 -40.90 5.42
CA VAL C 347 -27.67 -40.61 4.00
C VAL C 347 -28.08 -39.17 3.73
N VAL C 348 -28.92 -38.65 4.60
CA VAL C 348 -29.33 -37.25 4.53
C VAL C 348 -28.15 -36.31 4.84
N ILE C 349 -27.55 -36.47 6.02
CA ILE C 349 -26.45 -35.57 6.38
C ILE C 349 -25.34 -35.69 5.37
N LEU C 350 -25.24 -36.86 4.76
CA LEU C 350 -24.20 -37.11 3.80
C LEU C 350 -24.53 -36.35 2.54
N VAL C 351 -25.63 -36.71 1.89
CA VAL C 351 -26.05 -36.06 0.66
C VAL C 351 -26.13 -34.52 0.78
N VAL C 352 -26.65 -34.07 1.91
CA VAL C 352 -26.65 -32.64 2.19
C VAL C 352 -25.21 -32.14 2.08
N ALA C 353 -24.36 -32.67 2.95
CA ALA C 353 -23.00 -32.16 3.11
C ALA C 353 -22.25 -32.14 1.78
N THR C 354 -22.80 -32.81 0.77
CA THR C 354 -22.18 -32.86 -0.54
C THR C 354 -22.64 -31.71 -1.44
N PHE C 355 -23.36 -30.75 -0.88
CA PHE C 355 -23.56 -29.47 -1.57
C PHE C 355 -22.44 -28.45 -1.26
N VAL C 356 -21.41 -28.97 -0.59
CA VAL C 356 -20.03 -28.47 -0.61
C VAL C 356 -19.51 -28.20 -2.03
N VAL C 357 -19.43 -29.25 -2.85
CA VAL C 357 -19.26 -29.05 -4.30
C VAL C 357 -20.48 -28.15 -4.54
N PHE C 358 -20.50 -27.27 -5.55
CA PHE C 358 -21.65 -26.33 -5.58
C PHE C 358 -21.72 -25.30 -4.49
N LEU C 359 -21.25 -24.09 -4.79
CA LEU C 359 -20.82 -23.12 -3.81
C LEU C 359 -19.34 -23.25 -3.74
N THR C 360 -18.83 -24.28 -4.41
CA THR C 360 -17.48 -24.18 -4.93
C THR C 360 -17.74 -23.43 -6.23
N GLU C 361 -19.02 -23.31 -6.56
CA GLU C 361 -19.45 -22.86 -7.86
C GLU C 361 -20.56 -21.89 -7.62
N PHE C 362 -20.53 -20.75 -8.29
CA PHE C 362 -21.57 -19.74 -8.07
C PHE C 362 -21.83 -19.65 -6.56
N ALA C 363 -20.76 -19.79 -5.79
CA ALA C 363 -20.84 -19.98 -4.34
C ALA C 363 -21.68 -18.91 -3.73
N SER C 364 -21.12 -17.71 -3.69
CA SER C 364 -21.69 -16.70 -2.87
C SER C 364 -22.09 -17.48 -1.63
N ASN C 365 -21.09 -17.94 -0.87
CA ASN C 365 -21.32 -18.87 0.23
C ASN C 365 -22.54 -18.39 0.97
N THR C 366 -22.58 -17.06 1.13
CA THR C 366 -23.72 -16.32 1.67
C THR C 366 -24.96 -16.62 0.82
N ALA C 367 -24.97 -16.17 -0.43
CA ALA C 367 -26.12 -16.35 -1.31
C ALA C 367 -26.59 -17.79 -1.29
N SER C 368 -25.68 -18.73 -1.45
CA SER C 368 -26.15 -20.10 -1.49
C SER C 368 -26.65 -20.55 -0.12
N ALA C 369 -26.03 -20.13 0.98
CA ALA C 369 -26.65 -20.47 2.27
C ALA C 369 -27.96 -19.72 2.46
N ALA C 370 -28.04 -18.52 1.88
CA ALA C 370 -29.16 -17.60 2.02
C ALA C 370 -30.47 -18.23 1.55
N LEU C 371 -30.30 -19.14 0.59
CA LEU C 371 -31.38 -19.89 -0.06
C LEU C 371 -31.57 -21.15 0.73
N LEU C 372 -30.60 -22.05 0.60
CA LEU C 372 -30.73 -23.39 1.13
C LEU C 372 -31.20 -23.51 2.59
N ILE C 373 -30.80 -22.58 3.47
CA ILE C 373 -31.21 -22.70 4.89
C ILE C 373 -32.72 -22.50 5.16
N PRO C 374 -33.31 -21.42 4.64
CA PRO C 374 -34.76 -21.35 4.81
C PRO C 374 -35.44 -22.64 4.34
N VAL C 375 -35.10 -23.08 3.13
CA VAL C 375 -35.80 -24.18 2.52
C VAL C 375 -35.67 -25.43 3.36
N PHE C 376 -34.44 -25.84 3.62
CA PHE C 376 -34.21 -27.05 4.40
C PHE C 376 -34.76 -26.90 5.81
N ALA C 377 -34.38 -25.82 6.48
CA ALA C 377 -34.80 -25.66 7.85
C ALA C 377 -36.31 -25.88 8.01
N THR C 378 -37.09 -25.20 7.16
CA THR C 378 -38.55 -25.21 7.30
C THR C 378 -39.07 -26.59 7.01
N VAL C 379 -38.55 -27.21 5.95
CA VAL C 379 -38.99 -28.55 5.62
C VAL C 379 -38.61 -29.51 6.75
N ALA C 380 -37.40 -29.40 7.26
CA ALA C 380 -37.06 -30.13 8.47
C ALA C 380 -38.10 -29.87 9.57
N GLU C 381 -38.42 -28.61 9.79
CA GLU C 381 -39.39 -28.26 10.82
C GLU C 381 -40.70 -28.95 10.47
N ALA C 382 -41.02 -28.97 9.19
CA ALA C 382 -42.28 -29.52 8.70
C ALA C 382 -42.35 -31.03 8.90
N PHE C 383 -41.20 -31.68 8.93
CA PHE C 383 -41.10 -33.10 9.21
C PHE C 383 -41.09 -33.31 10.71
N GLY C 384 -41.24 -32.23 11.47
CA GLY C 384 -41.11 -32.29 12.91
C GLY C 384 -39.68 -32.64 13.30
N MSE C 385 -38.72 -31.92 12.76
CA MSE C 385 -37.33 -32.14 13.10
C MSE C 385 -36.78 -30.85 13.69
O MSE C 385 -37.41 -29.80 13.54
CB MSE C 385 -36.51 -32.57 11.87
CG MSE C 385 -35.48 -33.70 12.14
SE MSE C 385 -34.66 -34.49 10.54
CE MSE C 385 -33.15 -33.30 10.40
N SER C 386 -35.66 -30.92 14.41
CA SER C 386 -34.97 -29.70 14.80
C SER C 386 -34.14 -29.19 13.61
N PRO C 387 -34.54 -28.03 13.07
CA PRO C 387 -33.96 -27.46 11.85
C PRO C 387 -32.48 -27.14 12.06
N VAL C 388 -32.04 -27.18 13.31
CA VAL C 388 -30.64 -26.92 13.69
C VAL C 388 -29.61 -27.69 12.86
N LEU C 389 -29.62 -29.01 13.03
CA LEU C 389 -28.67 -29.91 12.39
C LEU C 389 -28.45 -29.49 10.96
N LEU C 390 -29.48 -29.65 10.15
CA LEU C 390 -29.43 -29.25 8.76
C LEU C 390 -28.94 -27.81 8.58
N SER C 391 -29.49 -26.89 9.35
CA SER C 391 -29.12 -25.48 9.20
C SER C 391 -27.63 -25.31 9.43
N VAL C 392 -27.16 -25.77 10.58
CA VAL C 392 -25.73 -25.72 10.93
C VAL C 392 -24.88 -26.33 9.85
N LEU C 393 -25.29 -27.50 9.35
CA LEU C 393 -24.50 -28.20 8.34
C LEU C 393 -24.39 -27.38 7.06
N ILE C 394 -25.53 -26.92 6.54
CA ILE C 394 -25.48 -26.09 5.35
C ILE C 394 -24.57 -24.89 5.63
N ALA C 395 -24.59 -24.39 6.85
CA ALA C 395 -23.75 -23.25 7.16
C ALA C 395 -22.30 -23.62 6.91
N VAL C 396 -21.83 -24.64 7.62
CA VAL C 396 -20.42 -24.99 7.58
C VAL C 396 -20.06 -25.41 6.17
N ALA C 397 -20.84 -26.32 5.62
CA ALA C 397 -20.55 -26.81 4.28
C ALA C 397 -20.35 -25.63 3.35
N ALA C 398 -21.21 -24.62 3.50
CA ALA C 398 -21.21 -23.46 2.60
C ALA C 398 -19.83 -22.87 2.53
N SER C 399 -19.17 -22.79 3.68
CA SER C 399 -17.90 -22.09 3.72
C SER C 399 -16.72 -22.88 3.15
N CYS C 400 -16.89 -24.16 2.78
CA CYS C 400 -15.76 -24.83 2.16
C CYS C 400 -15.87 -24.53 0.70
N ALA C 401 -15.12 -23.51 0.27
CA ALA C 401 -15.06 -23.14 -1.12
C ALA C 401 -13.60 -23.29 -1.51
N PHE C 402 -13.36 -24.35 -2.26
CA PHE C 402 -12.03 -24.67 -2.76
C PHE C 402 -12.32 -25.07 -4.20
N MSE C 403 -11.34 -25.55 -4.95
CA MSE C 403 -11.53 -25.75 -6.38
C MSE C 403 -11.89 -24.41 -7.01
O MSE C 403 -11.34 -23.39 -6.62
CB MSE C 403 -12.63 -26.78 -6.67
CG MSE C 403 -12.28 -28.24 -6.35
SE MSE C 403 -13.84 -29.40 -6.51
CE MSE C 403 -14.59 -28.66 -8.15
N LEU C 404 -12.85 -24.39 -7.93
CA LEU C 404 -12.96 -23.27 -8.87
C LEU C 404 -12.90 -21.89 -8.16
N PRO C 405 -11.92 -21.03 -8.50
CA PRO C 405 -12.16 -19.63 -8.17
C PRO C 405 -13.09 -19.01 -9.21
N VAL C 406 -14.18 -18.33 -8.85
CA VAL C 406 -14.65 -18.15 -7.48
C VAL C 406 -16.17 -18.31 -7.49
N ALA C 407 -16.83 -18.41 -6.33
CA ALA C 407 -16.32 -17.96 -5.01
C ALA C 407 -16.05 -19.17 -4.09
N THR C 408 -15.72 -18.96 -2.80
CA THR C 408 -15.53 -17.70 -2.03
C THR C 408 -14.44 -16.72 -2.59
N PRO C 409 -14.58 -15.39 -2.41
CA PRO C 409 -13.59 -14.48 -3.03
C PRO C 409 -12.13 -14.52 -2.50
N PRO C 410 -11.87 -15.03 -1.29
CA PRO C 410 -10.47 -15.27 -0.89
C PRO C 410 -9.67 -15.99 -1.96
N ASN C 411 -10.33 -16.91 -2.65
CA ASN C 411 -9.75 -17.60 -3.79
C ASN C 411 -9.37 -16.62 -4.92
N ALA C 412 -10.35 -15.85 -5.40
CA ALA C 412 -10.07 -14.85 -6.44
C ALA C 412 -8.95 -13.93 -6.02
N ILE C 413 -8.83 -13.72 -4.71
CA ILE C 413 -7.83 -12.81 -4.14
C ILE C 413 -6.41 -13.35 -4.26
N VAL C 414 -6.28 -14.67 -4.13
CA VAL C 414 -4.97 -15.34 -4.12
C VAL C 414 -4.54 -15.61 -5.56
N PHE C 415 -5.28 -15.03 -6.51
CA PHE C 415 -5.02 -15.27 -7.92
C PHE C 415 -4.16 -14.14 -8.46
N ALA C 416 -2.87 -14.43 -8.53
CA ALA C 416 -1.84 -13.61 -9.15
C ALA C 416 -0.53 -14.32 -8.85
N SER C 417 0.50 -14.07 -9.66
CA SER C 417 1.90 -14.57 -9.47
C SER C 417 2.09 -16.05 -9.05
N GLY C 418 1.29 -16.95 -9.60
CA GLY C 418 1.35 -18.35 -9.22
C GLY C 418 -0.08 -18.81 -9.32
N HIS C 419 -0.39 -19.97 -8.73
CA HIS C 419 -1.77 -20.53 -8.68
C HIS C 419 -2.43 -20.56 -10.05
N ILE C 420 -1.94 -21.47 -10.90
CA ILE C 420 -2.31 -21.52 -12.31
C ILE C 420 -3.74 -22.00 -12.56
N LYS C 421 -4.12 -22.02 -13.83
CA LYS C 421 -5.51 -21.75 -14.17
C LYS C 421 -6.43 -22.92 -13.81
N GLN C 422 -7.27 -22.67 -12.81
CA GLN C 422 -8.00 -23.75 -12.18
C GLN C 422 -6.92 -24.79 -11.92
N SER C 423 -7.04 -25.93 -12.58
CA SER C 423 -5.94 -26.88 -12.61
C SER C 423 -5.56 -27.18 -11.19
N GLU C 424 -4.40 -26.68 -10.79
CA GLU C 424 -3.92 -26.87 -9.44
C GLU C 424 -5.02 -26.60 -8.43
N MSE C 425 -5.90 -25.64 -8.75
CA MSE C 425 -7.09 -25.37 -7.93
C MSE C 425 -7.99 -26.57 -7.80
O MSE C 425 -8.02 -27.22 -6.75
CB MSE C 425 -7.93 -24.21 -8.52
CG MSE C 425 -7.46 -22.79 -8.10
SE MSE C 425 -8.50 -21.83 -6.72
CE MSE C 425 -8.56 -23.29 -5.40
N MSE C 426 -8.70 -26.88 -8.87
CA MSE C 426 -9.73 -27.91 -8.81
C MSE C 426 -9.11 -29.16 -8.23
O MSE C 426 -9.69 -29.82 -7.35
CB MSE C 426 -10.32 -28.17 -10.19
CG MSE C 426 -10.21 -26.97 -11.10
SE MSE C 426 -10.97 -27.31 -12.83
CE MSE C 426 -12.44 -28.38 -12.19
N ARG C 427 -7.90 -29.46 -8.69
CA ARG C 427 -7.23 -30.70 -8.34
C ARG C 427 -7.06 -30.85 -6.84
N VAL C 428 -6.33 -29.91 -6.26
CA VAL C 428 -6.16 -29.89 -4.82
C VAL C 428 -7.50 -29.82 -4.14
N GLY C 429 -8.33 -28.90 -4.61
CA GLY C 429 -9.59 -28.59 -3.96
C GLY C 429 -10.52 -29.78 -3.85
N LEU C 430 -10.60 -30.53 -4.94
CA LEU C 430 -11.45 -31.69 -4.97
C LEU C 430 -11.13 -32.58 -3.79
N TYR C 431 -9.85 -32.82 -3.57
CA TYR C 431 -9.41 -33.66 -2.47
C TYR C 431 -9.87 -33.07 -1.15
N LEU C 432 -9.48 -31.83 -0.91
CA LEU C 432 -9.90 -31.15 0.30
C LEU C 432 -11.40 -31.28 0.48
N ASN C 433 -12.15 -31.00 -0.58
CA ASN C 433 -13.60 -31.03 -0.57
C ASN C 433 -14.11 -32.34 0.00
N ILE C 434 -13.94 -33.41 -0.75
CA ILE C 434 -14.43 -34.71 -0.30
C ILE C 434 -14.00 -34.99 1.13
N ALA C 435 -12.74 -34.65 1.43
CA ALA C 435 -12.19 -34.81 2.77
C ALA C 435 -13.10 -34.22 3.83
N CYS C 436 -13.58 -33.00 3.59
CA CYS C 436 -14.48 -32.31 4.52
C CYS C 436 -15.93 -32.85 4.51
N ILE C 437 -16.48 -33.02 3.31
CA ILE C 437 -17.79 -33.65 3.21
C ILE C 437 -17.73 -34.96 3.99
N GLY C 438 -16.58 -35.62 3.96
CA GLY C 438 -16.38 -36.75 4.82
C GLY C 438 -16.38 -36.30 6.27
N LEU C 439 -15.47 -35.38 6.58
CA LEU C 439 -15.36 -34.89 7.96
C LEU C 439 -16.72 -34.42 8.49
N LEU C 440 -17.35 -33.49 7.78
CA LEU C 440 -18.60 -32.87 8.25
C LEU C 440 -19.68 -33.88 8.63
N THR C 441 -19.63 -35.06 8.01
CA THR C 441 -20.61 -36.12 8.26
C THR C 441 -20.32 -36.89 9.54
N ALA C 442 -19.03 -37.04 9.85
CA ALA C 442 -18.65 -37.64 11.12
C ALA C 442 -19.21 -36.85 12.31
N ILE C 443 -18.74 -35.61 12.50
CA ILE C 443 -19.21 -34.77 13.60
C ILE C 443 -20.71 -34.54 13.55
N ALA C 444 -21.25 -34.36 12.36
CA ALA C 444 -22.68 -34.13 12.24
C ALA C 444 -23.37 -35.31 12.89
N MSE C 445 -22.86 -36.50 12.58
CA MSE C 445 -23.46 -37.74 13.03
C MSE C 445 -23.05 -38.04 14.47
O MSE C 445 -23.54 -38.99 15.07
CB MSE C 445 -23.06 -38.90 12.11
CG MSE C 445 -23.93 -40.13 12.24
SE MSE C 445 -25.51 -40.03 11.11
CE MSE C 445 -26.46 -38.59 12.01
N LEU C 446 -22.12 -37.26 15.00
CA LEU C 446 -21.78 -37.37 16.42
C LEU C 446 -22.77 -36.60 17.33
N PHE C 447 -23.13 -35.39 16.94
CA PHE C 447 -24.04 -34.58 17.75
C PHE C 447 -25.46 -35.11 17.63
N TRP C 448 -25.65 -36.08 16.74
CA TRP C 448 -26.89 -36.83 16.68
C TRP C 448 -26.79 -38.07 17.57
N GLN C 449 -25.68 -38.18 18.30
CA GLN C 449 -25.50 -39.26 19.27
C GLN C 449 -25.25 -38.70 20.66
N LEU D 5 3.56 8.20 1.46
CA LEU D 5 2.78 9.30 0.93
C LEU D 5 1.59 9.42 1.85
N HIS D 6 0.58 10.21 1.51
CA HIS D 6 0.69 11.27 0.52
C HIS D 6 1.60 12.27 1.22
N ARG D 7 1.78 12.04 2.52
CA ARG D 7 2.59 12.91 3.36
C ARG D 7 3.86 13.23 2.61
N ASN D 8 4.70 12.21 2.45
CA ASN D 8 5.96 12.36 1.77
C ASN D 8 5.76 13.03 0.40
N SER D 9 4.69 12.61 -0.29
CA SER D 9 4.36 13.13 -1.61
C SER D 9 4.06 14.64 -1.59
N LEU D 10 3.40 15.09 -0.53
CA LEU D 10 3.11 16.52 -0.36
C LEU D 10 4.33 17.29 0.16
N ILE D 11 4.98 16.72 1.17
CA ILE D 11 6.14 17.35 1.76
C ILE D 11 7.08 17.83 0.64
N VAL D 12 7.39 16.94 -0.29
CA VAL D 12 8.17 17.30 -1.48
C VAL D 12 7.54 18.55 -2.08
N LEU D 13 6.22 18.50 -2.23
CA LEU D 13 5.48 19.60 -2.85
C LEU D 13 5.61 20.85 -2.02
N ALA D 14 5.55 20.66 -0.71
CA ALA D 14 5.68 21.79 0.21
C ALA D 14 7.07 22.34 0.00
N ASP D 15 8.02 21.44 -0.21
CA ASP D 15 9.41 21.81 -0.28
C ASP D 15 9.70 22.52 -1.58
N VAL D 16 9.00 22.11 -2.63
CA VAL D 16 9.10 22.77 -3.91
C VAL D 16 8.60 24.19 -3.74
N ALA D 17 7.52 24.34 -2.96
CA ALA D 17 6.99 25.65 -2.65
C ALA D 17 8.06 26.46 -1.87
N LEU D 18 8.59 25.85 -0.81
CA LEU D 18 9.65 26.47 -0.04
C LEU D 18 10.77 26.96 -0.92
N PHE D 19 11.24 26.10 -1.82
CA PHE D 19 12.29 26.52 -2.76
C PHE D 19 11.78 27.73 -3.52
N LEU D 20 10.76 27.53 -4.36
CA LEU D 20 10.26 28.60 -5.19
C LEU D 20 10.10 29.85 -4.35
N ALA D 21 9.65 29.68 -3.11
CA ALA D 21 9.53 30.81 -2.18
C ALA D 21 10.89 31.48 -1.94
N LEU D 22 11.87 30.73 -1.42
CA LEU D 22 13.17 31.33 -1.19
C LEU D 22 13.72 31.87 -2.49
N TYR D 23 13.78 31.03 -3.53
CA TYR D 23 14.42 31.39 -4.80
C TYR D 23 13.93 32.73 -5.34
N HIS D 24 12.62 32.94 -5.25
CA HIS D 24 12.00 34.12 -5.85
C HIS D 24 12.05 35.44 -5.05
N PHE D 25 12.15 35.37 -3.73
CA PHE D 25 12.27 36.62 -3.01
C PHE D 25 13.64 36.85 -2.41
N LEU D 26 13.87 36.41 -1.17
CA LEU D 26 15.24 36.23 -0.65
C LEU D 26 16.27 37.08 -1.41
N PRO D 27 16.16 38.42 -1.35
CA PRO D 27 16.79 39.12 -2.48
C PRO D 27 18.30 38.92 -2.53
N PHE D 28 19.01 39.19 -1.45
CA PHE D 28 20.40 38.80 -1.33
C PHE D 28 21.11 38.96 -2.67
N GLU D 29 21.86 37.94 -3.08
CA GLU D 29 22.52 37.92 -4.38
C GLU D 29 22.23 36.60 -5.10
N HIS D 30 22.05 36.67 -6.42
CA HIS D 30 21.52 35.54 -7.19
C HIS D 30 22.19 34.20 -6.88
N ASN D 31 23.51 34.18 -6.87
CA ASN D 31 24.21 32.92 -6.66
C ASN D 31 24.22 32.48 -5.20
N VAL D 32 23.93 33.40 -4.29
CA VAL D 32 23.68 33.01 -2.89
C VAL D 32 22.21 32.59 -2.68
N VAL D 33 21.32 33.28 -3.36
CA VAL D 33 19.94 32.86 -3.43
C VAL D 33 19.90 31.38 -3.80
N LEU D 34 20.61 31.04 -4.88
CA LEU D 34 20.68 29.66 -5.37
C LEU D 34 21.16 28.71 -4.29
N GLY D 35 22.37 28.95 -3.81
CA GLY D 35 22.93 28.15 -2.75
C GLY D 35 21.97 27.94 -1.59
N ILE D 36 21.29 29.01 -1.17
CA ILE D 36 20.40 28.92 -0.02
C ILE D 36 19.13 28.14 -0.37
N SER D 37 18.35 28.64 -1.33
CA SER D 37 17.15 27.93 -1.74
C SER D 37 17.51 26.46 -1.97
N MSE D 38 18.61 26.20 -2.68
CA MSE D 38 19.03 24.81 -2.83
C MSE D 38 19.43 24.26 -1.48
O MSE D 38 19.02 23.17 -1.13
CB MSE D 38 20.21 24.67 -3.80
CG MSE D 38 19.82 24.39 -5.25
SE MSE D 38 21.29 23.50 -6.17
CE MSE D 38 21.63 22.22 -4.71
N LEU D 39 20.21 25.00 -0.71
CA LEU D 39 20.61 24.46 0.59
C LEU D 39 19.37 24.01 1.36
N ALA D 40 18.46 24.94 1.59
CA ALA D 40 17.25 24.65 2.32
C ALA D 40 16.51 23.49 1.66
N PHE D 41 16.21 23.60 0.37
CA PHE D 41 15.44 22.55 -0.26
C PHE D 41 16.00 21.17 0.08
N ILE D 42 17.30 20.98 -0.15
CA ILE D 42 17.92 19.69 0.12
C ILE D 42 17.96 19.43 1.64
N ALA D 43 17.96 20.51 2.43
CA ALA D 43 18.02 20.40 3.89
C ALA D 43 16.80 19.65 4.36
N VAL D 44 15.68 19.88 3.68
CA VAL D 44 14.43 19.26 4.06
C VAL D 44 14.50 17.79 3.71
N LEU D 45 14.52 17.48 2.41
CA LEU D 45 14.36 16.11 1.93
C LEU D 45 15.23 15.13 2.69
N TRP D 46 16.45 15.53 3.04
CA TRP D 46 17.39 14.66 3.75
C TRP D 46 17.06 14.50 5.22
N LEU D 47 16.67 15.62 5.84
CA LEU D 47 15.95 15.63 7.10
C LEU D 47 14.54 15.21 6.76
N THR D 48 13.78 14.76 7.74
CA THR D 48 12.66 13.86 7.44
C THR D 48 13.33 12.71 6.68
N GLU D 49 12.57 11.99 5.86
CA GLU D 49 13.05 11.56 4.55
C GLU D 49 11.83 11.53 3.64
N ALA D 50 11.67 12.56 2.82
CA ALA D 50 10.47 12.66 1.99
C ALA D 50 10.61 11.82 0.74
N LEU D 51 11.79 11.94 0.10
CA LEU D 51 12.25 10.99 -0.91
C LEU D 51 13.21 10.04 -0.21
N HIS D 52 13.77 9.08 -0.92
CA HIS D 52 14.73 8.23 -0.27
C HIS D 52 16.03 8.98 -0.18
N VAL D 53 16.79 8.70 0.87
CA VAL D 53 18.09 9.35 1.08
C VAL D 53 18.93 9.41 -0.20
N THR D 54 19.04 8.29 -0.90
CA THR D 54 19.85 8.21 -2.11
C THR D 54 19.28 9.00 -3.27
N VAL D 55 17.96 9.17 -3.31
CA VAL D 55 17.35 9.86 -4.44
C VAL D 55 17.70 11.34 -4.41
N THR D 56 17.51 11.93 -3.23
CA THR D 56 17.74 13.35 -3.04
C THR D 56 19.19 13.55 -3.40
N ALA D 57 20.01 12.57 -3.02
CA ALA D 57 21.43 12.62 -3.32
C ALA D 57 21.57 12.78 -4.84
N ILE D 58 20.91 11.91 -5.59
CA ILE D 58 21.00 11.95 -7.06
C ILE D 58 20.31 13.20 -7.57
N LEU D 59 19.44 13.74 -6.73
CA LEU D 59 18.80 15.03 -6.97
C LEU D 59 19.77 16.22 -6.99
N VAL D 60 20.71 16.21 -6.05
CA VAL D 60 21.72 17.27 -5.89
C VAL D 60 22.46 17.70 -7.18
N PRO D 61 23.09 16.74 -7.88
CA PRO D 61 23.87 17.05 -9.09
C PRO D 61 23.04 17.57 -10.24
N VAL D 62 21.87 16.97 -10.48
CA VAL D 62 21.06 17.34 -11.64
C VAL D 62 20.52 18.74 -11.41
N MSE D 63 20.51 19.14 -10.15
CA MSE D 63 20.11 20.49 -9.75
C MSE D 63 21.24 21.52 -9.89
O MSE D 63 20.97 22.68 -10.18
CB MSE D 63 19.61 20.46 -8.33
CG MSE D 63 18.23 21.03 -8.17
SE MSE D 63 17.74 20.75 -6.33
CE MSE D 63 16.67 22.36 -6.14
N ALA D 64 22.47 21.11 -9.66
CA ALA D 64 23.59 21.82 -10.26
C ALA D 64 23.38 21.47 -11.73
N VAL D 65 24.26 21.81 -12.64
CA VAL D 65 23.94 21.54 -14.05
C VAL D 65 22.76 22.40 -14.41
N PHE D 66 21.57 21.84 -14.60
CA PHE D 66 20.38 22.71 -14.72
C PHE D 66 20.45 23.70 -13.58
N PHE D 67 20.35 25.00 -13.89
CA PHE D 67 20.82 26.09 -13.00
C PHE D 67 22.28 26.47 -13.28
N GLY D 68 22.95 25.69 -14.12
CA GLY D 68 24.26 26.07 -14.63
C GLY D 68 25.38 26.15 -13.61
N ILE D 69 25.12 25.75 -12.36
CA ILE D 69 26.19 25.82 -11.36
C ILE D 69 27.41 25.00 -11.77
N PHE D 70 27.16 23.80 -12.31
CA PHE D 70 28.21 22.91 -12.83
C PHE D 70 27.90 22.45 -14.25
N GLU D 71 28.74 21.55 -14.76
CA GLU D 71 28.47 20.81 -15.99
C GLU D 71 28.40 19.33 -15.67
N THR D 72 27.56 18.63 -16.43
CA THR D 72 27.10 17.31 -16.02
C THR D 72 28.24 16.43 -15.55
N GLN D 73 29.30 16.39 -16.32
CA GLN D 73 30.32 15.41 -16.01
C GLN D 73 31.13 15.78 -14.80
N ALA D 74 31.30 17.08 -14.61
CA ALA D 74 32.01 17.58 -13.46
C ALA D 74 31.18 17.34 -12.20
N ALA D 75 29.92 17.75 -12.25
CA ALA D 75 28.96 17.47 -11.17
C ALA D 75 28.96 15.97 -10.84
N LEU D 76 29.00 15.15 -11.88
CA LEU D 76 28.98 13.72 -11.66
C LEU D 76 30.29 13.21 -11.06
N ASN D 77 31.42 13.78 -11.49
CA ASN D 77 32.71 13.18 -11.15
C ASN D 77 32.85 13.13 -9.65
N ASN D 78 31.93 13.83 -8.98
CA ASN D 78 31.86 13.83 -7.52
C ASN D 78 31.68 12.42 -6.99
N PHE D 79 31.01 11.58 -7.76
CA PHE D 79 30.66 10.25 -7.26
C PHE D 79 31.86 9.32 -7.26
N ALA D 80 32.81 9.61 -8.15
CA ALA D 80 34.00 8.78 -8.28
C ALA D 80 34.95 8.98 -7.13
N ASN D 81 34.69 9.98 -6.31
CA ASN D 81 35.64 10.34 -5.29
C ASN D 81 36.16 9.14 -4.48
N SER D 82 37.44 9.22 -4.18
CA SER D 82 38.22 8.11 -3.64
C SER D 82 37.74 7.46 -2.33
N ILE D 83 37.12 8.22 -1.42
CA ILE D 83 36.74 7.64 -0.13
C ILE D 83 35.60 6.66 -0.32
N ILE D 84 34.75 6.98 -1.29
CA ILE D 84 33.69 6.10 -1.71
C ILE D 84 34.29 4.72 -1.95
N PHE D 85 35.32 4.65 -2.79
CA PHE D 85 36.04 3.38 -3.00
C PHE D 85 36.73 2.83 -1.74
N LEU D 86 37.35 3.68 -0.94
CA LEU D 86 37.81 3.22 0.36
C LEU D 86 36.63 2.51 1.09
N PHE D 87 35.46 3.14 1.10
CA PHE D 87 34.32 2.53 1.74
C PHE D 87 33.90 1.22 1.05
N LEU D 88 33.91 1.22 -0.28
CA LEU D 88 33.47 0.07 -1.07
C LEU D 88 34.18 -1.23 -0.67
N GLY D 89 35.49 -1.13 -0.44
CA GLY D 89 36.30 -2.30 -0.15
C GLY D 89 36.26 -2.56 1.32
N GLY D 90 35.73 -1.58 2.06
CA GLY D 90 35.42 -1.76 3.47
C GLY D 90 34.32 -2.80 3.47
N PHE D 91 33.25 -2.50 2.73
CA PHE D 91 32.14 -3.44 2.52
C PHE D 91 32.69 -4.79 2.11
N ALA D 92 33.50 -4.82 1.05
CA ALA D 92 34.01 -6.10 0.54
C ALA D 92 34.68 -6.91 1.65
N LEU D 93 35.52 -6.26 2.43
CA LEU D 93 36.22 -6.93 3.50
C LEU D 93 35.23 -7.55 4.49
N ALA D 94 34.20 -6.79 4.83
CA ALA D 94 33.15 -7.33 5.69
C ALA D 94 32.54 -8.53 5.00
N ALA D 95 32.01 -8.31 3.79
CA ALA D 95 31.23 -9.31 3.10
C ALA D 95 31.96 -10.66 3.18
N ALA D 96 33.24 -10.65 2.83
CA ALA D 96 34.06 -11.85 2.88
C ALA D 96 34.13 -12.41 4.28
N MSE D 97 34.46 -11.54 5.23
CA MSE D 97 34.60 -11.95 6.60
C MSE D 97 33.31 -12.55 7.16
O MSE D 97 33.34 -13.33 8.12
CB MSE D 97 35.02 -10.77 7.44
CG MSE D 97 36.20 -11.04 8.31
SE MSE D 97 36.09 -9.67 9.64
CE MSE D 97 35.57 -8.22 8.42
N HIS D 98 32.19 -12.18 6.55
CA HIS D 98 30.91 -12.77 6.89
C HIS D 98 30.80 -14.17 6.28
N HIS D 99 30.68 -14.19 4.96
CA HIS D 99 30.43 -15.40 4.16
C HIS D 99 31.40 -16.57 4.41
N GLN D 100 32.58 -16.27 4.92
CA GLN D 100 33.49 -17.31 5.38
C GLN D 100 33.16 -17.67 6.82
N GLY D 101 32.33 -16.85 7.45
CA GLY D 101 31.83 -17.14 8.78
C GLY D 101 32.86 -16.89 9.86
N LEU D 102 33.57 -15.78 9.71
CA LEU D 102 34.63 -15.39 10.64
C LEU D 102 34.04 -14.70 11.87
N ASP D 103 33.04 -13.86 11.65
CA ASP D 103 32.34 -13.14 12.71
C ASP D 103 31.56 -14.09 13.60
N LYS D 104 30.96 -15.10 12.97
CA LYS D 104 30.18 -16.10 13.66
C LYS D 104 31.04 -16.76 14.72
N VAL D 105 32.29 -17.07 14.37
CA VAL D 105 33.19 -17.73 15.29
C VAL D 105 33.72 -16.79 16.36
N ILE D 106 34.01 -15.55 15.97
CA ILE D 106 34.51 -14.56 16.92
C ILE D 106 33.61 -14.54 18.16
N ALA D 107 32.35 -14.19 17.96
CA ALA D 107 31.35 -14.21 19.03
C ALA D 107 31.23 -15.57 19.74
N ASP D 108 30.99 -16.62 18.97
CA ASP D 108 30.97 -17.98 19.51
C ASP D 108 32.21 -18.23 20.37
N LYS D 109 33.35 -17.69 19.93
CA LYS D 109 34.63 -17.88 20.62
C LYS D 109 34.79 -17.01 21.85
N VAL D 110 34.53 -15.71 21.70
CA VAL D 110 34.70 -14.76 22.78
C VAL D 110 33.60 -14.88 23.82
N LEU D 111 32.39 -15.16 23.36
CA LEU D 111 31.28 -15.37 24.27
C LEU D 111 31.60 -16.57 25.14
N ALA D 112 31.86 -17.71 24.52
CA ALA D 112 32.12 -18.94 25.26
C ALA D 112 33.37 -18.80 26.14
N MSE D 113 34.17 -17.78 25.86
CA MSE D 113 35.38 -17.54 26.63
C MSE D 113 35.02 -17.04 28.02
O MSE D 113 35.85 -16.99 28.92
CB MSE D 113 36.26 -16.50 25.93
CG MSE D 113 37.70 -16.47 26.40
SE MSE D 113 38.69 -15.07 25.51
CE MSE D 113 40.49 -15.61 26.04
N ALA D 114 33.74 -16.67 28.18
CA ALA D 114 33.23 -16.15 29.45
C ALA D 114 33.10 -17.26 30.48
N GLN D 115 33.37 -18.49 30.06
CA GLN D 115 33.14 -19.63 30.92
C GLN D 115 31.66 -19.66 31.32
N GLY D 116 31.39 -19.50 32.61
CA GLY D 116 30.04 -19.65 33.12
C GLY D 116 28.96 -18.64 32.77
N LYS D 117 27.91 -19.16 32.14
CA LYS D 117 26.58 -18.52 32.10
C LYS D 117 26.56 -17.04 31.75
N MSE D 118 26.12 -16.23 32.73
CA MSE D 118 25.66 -14.86 32.51
C MSE D 118 26.64 -13.73 32.82
O MSE D 118 26.97 -12.94 31.94
CB MSE D 118 24.38 -14.60 33.31
CG MSE D 118 23.10 -14.95 32.57
SE MSE D 118 22.48 -13.47 31.48
CE MSE D 118 23.54 -13.77 29.87
N SER D 119 27.10 -13.66 34.07
CA SER D 119 27.63 -12.41 34.59
C SER D 119 28.50 -11.72 33.56
N VAL D 120 29.67 -12.29 33.29
CA VAL D 120 30.61 -11.69 32.36
C VAL D 120 30.09 -11.75 30.93
N ALA D 121 29.34 -12.79 30.60
CA ALA D 121 28.90 -12.99 29.23
C ALA D 121 28.32 -11.71 28.63
N VAL D 122 27.45 -11.06 29.40
CA VAL D 122 26.77 -9.89 28.92
C VAL D 122 27.75 -8.83 28.37
N PHE D 123 28.77 -8.50 29.17
CA PHE D 123 29.81 -7.54 28.78
C PHE D 123 30.60 -8.00 27.56
N MSE D 124 30.94 -9.29 27.55
CA MSE D 124 31.53 -9.91 26.39
C MSE D 124 30.71 -9.46 25.19
O MSE D 124 31.24 -8.77 24.30
CB MSE D 124 31.45 -11.43 26.52
CG MSE D 124 32.79 -12.16 26.42
SE MSE D 124 34.04 -11.65 27.82
CE MSE D 124 34.63 -13.41 28.42
N LEU D 125 29.44 -9.82 25.18
CA LEU D 125 28.55 -9.46 24.08
C LEU D 125 28.76 -8.01 23.66
N PHE D 126 28.79 -7.11 24.63
CA PHE D 126 28.94 -5.69 24.36
C PHE D 126 30.21 -5.41 23.57
N GLY D 127 31.34 -5.92 24.07
CA GLY D 127 32.59 -5.71 23.39
C GLY D 127 32.51 -6.27 21.98
N VAL D 128 32.20 -7.56 21.88
CA VAL D 128 32.19 -8.21 20.58
C VAL D 128 31.30 -7.46 19.60
N THR D 129 30.27 -6.80 20.10
CA THR D 129 29.43 -5.98 19.26
C THR D 129 30.21 -4.77 18.76
N ALA D 130 30.87 -4.09 19.70
CA ALA D 130 31.66 -2.91 19.39
C ALA D 130 32.83 -3.25 18.47
N LEU D 131 33.62 -4.25 18.87
CA LEU D 131 34.77 -4.66 18.09
C LEU D 131 34.29 -4.98 16.69
N LEU D 132 33.38 -5.94 16.59
CA LEU D 132 32.84 -6.39 15.31
C LEU D 132 32.31 -5.24 14.47
N SER D 133 31.66 -4.28 15.13
CA SER D 133 31.00 -3.21 14.39
C SER D 133 32.02 -2.30 13.77
N MSE D 134 33.16 -2.18 14.46
CA MSE D 134 34.29 -1.33 14.07
C MSE D 134 34.52 -1.46 12.59
O MSE D 134 34.75 -0.48 11.87
CB MSE D 134 35.53 -1.91 14.76
CG MSE D 134 36.60 -0.94 15.19
SE MSE D 134 37.91 -1.83 16.33
CE MSE D 134 36.95 -1.91 18.03
N TRP D 135 34.39 -2.69 12.15
CA TRP D 135 34.66 -3.16 10.82
C TRP D 135 33.41 -3.29 9.96
N ILE D 136 32.40 -4.01 10.45
CA ILE D 136 31.30 -4.42 9.60
C ILE D 136 30.22 -3.36 9.35
N SER D 137 29.24 -3.31 10.23
CA SER D 137 28.17 -2.33 10.07
C SER D 137 27.34 -2.25 11.35
N ASN D 138 26.67 -1.15 11.59
CA ASN D 138 26.02 -1.05 12.87
C ASN D 138 24.79 -1.95 12.92
N THR D 139 23.87 -1.70 12.00
CA THR D 139 22.57 -2.37 12.03
C THR D 139 22.81 -3.85 11.82
N ALA D 140 23.55 -4.12 10.76
CA ALA D 140 23.95 -5.46 10.41
C ALA D 140 24.55 -6.11 11.63
N THR D 141 25.48 -5.44 12.29
CA THR D 141 26.16 -6.09 13.39
C THR D 141 25.20 -6.25 14.56
N ALA D 142 24.26 -5.31 14.69
CA ALA D 142 23.30 -5.37 15.78
C ALA D 142 22.36 -6.55 15.52
N ALA D 143 21.74 -6.54 14.34
CA ALA D 143 20.86 -7.61 13.89
C ALA D 143 21.51 -8.94 14.18
N MSE D 144 22.60 -9.25 13.48
CA MSE D 144 23.29 -10.50 13.71
C MSE D 144 23.51 -10.77 15.20
O MSE D 144 23.37 -11.89 15.66
CB MSE D 144 24.63 -10.53 12.95
CG MSE D 144 25.82 -11.06 13.77
SE MSE D 144 27.01 -12.29 12.82
CE MSE D 144 27.74 -13.21 14.39
N MSE D 145 23.86 -9.73 15.96
CA MSE D 145 24.15 -9.93 17.38
C MSE D 145 22.91 -10.29 18.20
O MSE D 145 22.99 -11.10 19.12
CB MSE D 145 24.91 -8.74 17.99
CG MSE D 145 26.41 -8.79 17.77
SE MSE D 145 27.17 -10.60 17.89
CE MSE D 145 27.54 -10.67 19.79
N LEU D 146 21.78 -9.69 17.84
CA LEU D 146 20.52 -9.86 18.58
C LEU D 146 20.17 -11.31 18.97
N PRO D 147 20.12 -12.22 17.97
CA PRO D 147 19.73 -13.60 18.22
C PRO D 147 20.68 -14.32 19.15
N LEU D 148 21.96 -13.97 19.11
CA LEU D 148 22.88 -14.57 20.04
C LEU D 148 22.64 -13.97 21.42
N VAL D 149 22.18 -12.73 21.46
CA VAL D 149 21.91 -12.03 22.71
C VAL D 149 20.67 -12.59 23.42
N LEU D 150 19.70 -13.07 22.65
CA LEU D 150 18.50 -13.73 23.20
C LEU D 150 18.88 -15.08 23.79
N GLY D 151 19.70 -15.82 23.06
CA GLY D 151 20.21 -17.11 23.51
C GLY D 151 20.87 -17.03 24.87
N VAL D 152 21.65 -15.99 25.11
CA VAL D 152 22.36 -15.84 26.38
C VAL D 152 21.41 -15.71 27.58
N LEU D 153 20.22 -15.16 27.35
CA LEU D 153 19.19 -15.20 28.38
C LEU D 153 17.97 -16.05 28.00
N SER D 154 17.91 -17.23 28.60
CA SER D 154 16.89 -18.22 28.28
C SER D 154 16.29 -18.70 29.58
N LYS D 155 17.12 -19.35 30.40
CA LYS D 155 16.76 -19.61 31.79
C LYS D 155 16.80 -18.26 32.51
N VAL D 156 17.22 -17.25 31.77
CA VAL D 156 17.31 -15.87 32.24
C VAL D 156 16.00 -15.12 32.01
N ASP D 157 14.94 -15.89 31.73
CA ASP D 157 13.64 -15.37 31.30
C ASP D 157 13.22 -14.10 32.02
N ALA D 158 13.01 -14.18 33.33
CA ALA D 158 12.86 -12.97 34.12
C ALA D 158 11.72 -12.06 33.66
N ASP D 159 10.50 -12.47 33.98
CA ASP D 159 9.39 -11.53 33.91
C ASP D 159 9.79 -10.35 34.78
N LYS D 160 10.76 -10.58 35.66
CA LYS D 160 11.38 -9.51 36.45
C LYS D 160 12.92 -9.51 36.48
N GLN D 161 13.52 -8.47 35.92
CA GLN D 161 12.81 -7.57 35.01
C GLN D 161 13.60 -7.14 33.76
N ARG D 162 14.60 -6.29 34.02
CA ARG D 162 15.25 -5.44 33.02
C ARG D 162 16.36 -6.11 32.22
N SER D 163 17.03 -7.09 32.83
CA SER D 163 18.15 -7.76 32.16
C SER D 163 17.85 -8.20 30.71
N THR D 164 16.75 -8.91 30.46
CA THR D 164 16.49 -9.52 29.13
C THR D 164 16.73 -8.56 27.96
N TYR D 165 16.23 -7.33 28.06
CA TYR D 165 16.38 -6.36 26.98
C TYR D 165 16.97 -5.05 27.45
N VAL D 166 16.26 -4.38 28.35
CA VAL D 166 16.82 -3.22 29.00
C VAL D 166 18.15 -3.78 29.48
N PHE D 167 19.18 -2.94 29.49
CA PHE D 167 20.57 -3.41 29.58
C PHE D 167 20.97 -4.27 28.38
N VAL D 168 21.21 -5.56 28.60
CA VAL D 168 21.87 -6.37 27.59
C VAL D 168 21.39 -6.16 26.14
N LEU D 169 20.09 -6.20 25.89
CA LEU D 169 19.62 -5.97 24.50
C LEU D 169 19.81 -4.49 24.15
N LEU D 170 19.54 -3.60 25.09
CA LEU D 170 19.74 -2.19 24.84
C LEU D 170 21.24 -1.87 24.81
N GLY D 171 21.99 -2.52 25.70
CA GLY D 171 23.44 -2.40 25.71
C GLY D 171 24.05 -2.71 24.36
N VAL D 172 23.70 -3.87 23.82
CA VAL D 172 24.10 -4.29 22.48
C VAL D 172 23.87 -3.22 21.40
N ALA D 173 22.64 -2.73 21.28
CA ALA D 173 22.35 -1.71 20.26
C ALA D 173 23.28 -0.52 20.40
N TYR D 174 23.63 -0.21 21.65
CA TYR D 174 24.45 0.93 21.95
C TYR D 174 25.92 0.67 21.59
N SER D 175 26.44 -0.47 22.03
CA SER D 175 27.76 -0.93 21.65
C SER D 175 27.89 -0.97 20.12
N ALA D 176 26.85 -1.47 19.47
CA ALA D 176 26.83 -1.52 18.01
C ALA D 176 27.04 -0.14 17.40
N SER D 177 26.45 0.88 18.01
CA SER D 177 26.62 2.22 17.47
C SER D 177 27.93 2.93 17.88
N ILE D 178 28.50 2.55 19.03
CA ILE D 178 29.71 3.18 19.59
C ILE D 178 31.01 2.86 18.82
N GLY D 179 31.21 1.57 18.53
CA GLY D 179 32.35 1.13 17.77
C GLY D 179 32.07 1.39 16.31
N GLY D 180 31.10 2.24 16.06
CA GLY D 180 30.76 2.61 14.70
C GLY D 180 31.59 3.82 14.35
N ILE D 181 32.06 4.47 15.39
CA ILE D 181 33.13 5.43 15.26
C ILE D 181 34.33 4.51 15.45
N ALA D 182 35.51 5.05 15.63
CA ALA D 182 36.67 4.20 15.86
C ALA D 182 37.28 3.69 14.55
N THR D 183 36.52 3.79 13.46
CA THR D 183 37.07 3.41 12.16
C THR D 183 36.42 4.18 11.02
N LEU D 184 37.23 4.60 10.05
CA LEU D 184 36.75 5.34 8.90
C LEU D 184 35.66 4.53 8.17
N VAL D 185 35.66 3.21 8.45
CA VAL D 185 34.68 2.28 7.90
C VAL D 185 34.20 1.25 8.92
N GLY D 186 32.91 1.20 9.24
CA GLY D 186 31.99 2.31 9.06
C GLY D 186 31.67 2.76 10.47
N SER D 187 30.63 3.57 10.68
CA SER D 187 29.60 3.84 9.69
C SER D 187 29.87 5.05 8.80
N PRO D 188 28.99 5.30 7.82
CA PRO D 188 29.27 6.29 6.76
C PRO D 188 29.46 7.73 7.21
N PRO D 189 28.97 8.14 8.40
CA PRO D 189 29.32 9.55 8.67
C PRO D 189 30.86 9.77 8.65
N ASN D 190 31.61 8.89 9.31
CA ASN D 190 33.06 8.98 9.31
C ASN D 190 33.61 9.15 7.88
N ALA D 191 33.05 8.37 6.97
CA ALA D 191 33.47 8.41 5.59
C ALA D 191 33.27 9.81 5.02
N ILE D 192 32.18 10.46 5.41
CA ILE D 192 31.79 11.73 4.82
C ILE D 192 32.60 12.88 5.39
N ALA D 193 33.05 12.71 6.64
CA ALA D 193 34.03 13.61 7.24
C ALA D 193 35.27 13.46 6.39
N ALA D 194 35.72 12.22 6.27
CA ALA D 194 36.97 11.94 5.58
C ALA D 194 36.93 12.44 4.14
N ALA D 195 35.85 12.21 3.42
CA ALA D 195 35.79 12.72 2.05
C ALA D 195 35.96 14.23 2.01
N GLU D 196 35.31 14.93 2.95
CA GLU D 196 35.25 16.38 2.94
C GLU D 196 36.61 16.94 3.20
N VAL D 197 37.20 16.54 4.33
CA VAL D 197 38.49 17.09 4.75
C VAL D 197 39.75 16.34 4.24
N GLY D 198 39.55 15.15 3.68
CA GLY D 198 40.65 14.32 3.24
C GLY D 198 41.44 13.70 4.37
N LEU D 199 40.72 13.04 5.28
CA LEU D 199 41.38 12.30 6.34
C LEU D 199 41.99 11.00 5.82
N SER D 200 43.05 10.52 6.48
CA SER D 200 43.53 9.19 6.16
C SER D 200 42.76 8.25 7.05
N PHE D 201 42.90 6.94 6.80
CA PHE D 201 42.19 5.92 7.59
C PHE D 201 42.57 6.03 9.04
N THR D 202 43.88 6.17 9.25
CA THR D 202 44.41 6.28 10.60
C THR D 202 44.24 7.71 11.11
N ASP D 203 44.18 8.66 10.18
CA ASP D 203 43.91 10.05 10.54
C ASP D 203 42.62 10.10 11.36
N TRP D 204 41.49 9.72 10.76
CA TRP D 204 40.22 9.55 11.49
C TRP D 204 40.42 8.60 12.69
N MSE D 205 41.00 7.42 12.46
CA MSE D 205 41.21 6.44 13.55
C MSE D 205 41.83 7.06 14.78
O MSE D 205 41.48 6.70 15.90
CB MSE D 205 42.04 5.22 13.10
CG MSE D 205 42.37 4.24 14.25
SE MSE D 205 43.15 2.51 13.67
CE MSE D 205 43.00 1.46 15.30
N LYS D 206 42.78 7.98 14.59
CA LYS D 206 43.43 8.66 15.70
C LYS D 206 42.38 9.26 16.67
N PHE D 207 41.31 9.83 16.11
CA PHE D 207 40.22 10.46 16.88
C PHE D 207 39.18 9.47 17.44
N GLY D 208 38.52 8.79 16.51
CA GLY D 208 37.46 7.89 16.89
C GLY D 208 37.95 6.82 17.82
N LEU D 209 38.96 6.06 17.39
CA LEU D 209 39.29 4.84 18.09
C LEU D 209 39.30 5.04 19.61
N PRO D 210 40.03 6.04 20.11
CA PRO D 210 39.98 6.32 21.56
C PRO D 210 38.64 6.86 22.07
N THR D 211 38.05 7.83 21.37
CA THR D 211 36.74 8.34 21.78
C THR D 211 35.77 7.17 21.99
N ALA D 212 35.83 6.19 21.09
CA ALA D 212 35.01 5.01 21.16
C ALA D 212 35.29 4.22 22.43
N MSE D 213 36.57 4.03 22.75
CA MSE D 213 36.92 3.09 23.80
C MSE D 213 36.81 3.73 25.17
O MSE D 213 37.10 3.10 26.18
CB MSE D 213 38.30 2.44 23.59
CG MSE D 213 39.38 3.35 23.02
SE MSE D 213 41.01 2.38 22.60
CE MSE D 213 40.23 0.72 21.90
N MSE D 214 36.38 4.98 25.19
CA MSE D 214 35.96 5.63 26.42
C MSE D 214 34.44 5.69 26.51
O MSE D 214 33.83 5.22 27.48
CB MSE D 214 36.59 7.01 26.52
CG MSE D 214 37.84 7.05 27.36
SE MSE D 214 38.34 8.90 27.38
CE MSE D 214 38.52 9.18 25.44
N MSE D 215 33.83 6.33 25.52
CA MSE D 215 32.38 6.44 25.42
C MSE D 215 31.73 5.08 25.66
O MSE D 215 30.67 5.01 26.26
CB MSE D 215 31.99 6.99 24.05
CG MSE D 215 30.51 7.00 23.78
SE MSE D 215 29.98 7.90 22.12
CE MSE D 215 30.71 6.62 20.80
N LEU D 216 32.37 3.99 25.24
CA LEU D 216 31.77 2.66 25.46
C LEU D 216 31.48 2.33 26.93
N PRO D 217 32.53 2.29 27.78
CA PRO D 217 32.33 2.04 29.21
C PRO D 217 31.38 3.07 29.85
N MSE D 218 31.63 4.33 29.55
CA MSE D 218 30.81 5.43 30.03
C MSE D 218 29.33 5.11 29.74
O MSE D 218 28.48 5.23 30.61
CB MSE D 218 31.25 6.72 29.34
CG MSE D 218 30.81 7.99 30.04
SE MSE D 218 30.67 9.45 28.76
CE MSE D 218 29.17 8.77 27.68
N ALA D 219 29.05 4.69 28.51
CA ALA D 219 27.69 4.35 28.11
C ALA D 219 27.15 3.17 28.89
N ILE D 220 27.84 2.03 28.81
CA ILE D 220 27.39 0.83 29.53
C ILE D 220 27.24 1.08 31.03
N ALA D 221 28.14 1.84 31.61
CA ALA D 221 28.06 2.14 33.04
C ALA D 221 26.86 3.03 33.37
N ILE D 222 26.68 4.13 32.63
CA ILE D 222 25.48 4.95 32.77
C ILE D 222 24.34 4.00 32.72
N LEU D 223 24.33 3.20 31.66
CA LEU D 223 23.29 2.22 31.40
C LEU D 223 23.08 1.36 32.63
N TYR D 224 24.15 0.73 33.10
CA TYR D 224 24.07 -0.10 34.28
C TYR D 224 23.28 0.55 35.43
N PHE D 225 23.73 1.68 35.95
CA PHE D 225 23.12 2.27 37.15
C PHE D 225 21.65 2.72 37.03
N LEU D 226 21.16 2.90 35.80
CA LEU D 226 19.77 3.28 35.58
C LEU D 226 18.86 2.04 35.40
N LEU D 227 19.48 0.88 35.53
CA LEU D 227 18.82 -0.40 35.33
C LEU D 227 19.55 -1.38 36.24
N LYS D 228 19.28 -2.67 36.03
CA LYS D 228 20.18 -3.73 36.44
C LYS D 228 20.04 -4.22 37.89
N PRO D 229 20.72 -5.31 38.22
CA PRO D 229 21.18 -6.41 37.38
C PRO D 229 20.34 -7.68 37.43
N THR D 230 20.82 -8.65 36.64
CA THR D 230 20.65 -10.07 36.91
C THR D 230 21.94 -10.47 37.66
N LYS D 246 39.37 -23.63 10.45
CA LYS D 246 38.37 -24.03 9.44
C LYS D 246 38.69 -23.58 8.00
N GLY D 247 39.96 -23.21 7.76
CA GLY D 247 40.48 -22.96 6.42
C GLY D 247 40.46 -21.54 5.87
N LYS D 248 39.62 -20.69 6.46
CA LYS D 248 39.43 -19.30 6.01
C LYS D 248 40.32 -18.31 6.76
N VAL D 249 41.23 -18.81 7.59
CA VAL D 249 42.14 -17.94 8.30
C VAL D 249 42.74 -16.99 7.29
N VAL D 250 42.84 -17.44 6.04
CA VAL D 250 43.29 -16.59 4.96
C VAL D 250 42.50 -15.29 4.95
N THR D 251 41.17 -15.41 5.08
CA THR D 251 40.34 -14.22 5.18
C THR D 251 40.83 -13.40 6.35
N LEU D 252 40.84 -14.02 7.53
CA LEU D 252 41.31 -13.37 8.75
C LEU D 252 42.65 -12.63 8.51
N GLY D 253 43.59 -13.34 7.88
CA GLY D 253 44.89 -12.81 7.54
C GLY D 253 44.87 -11.70 6.51
N ILE D 254 44.14 -11.90 5.41
CA ILE D 254 43.95 -10.87 4.41
C ILE D 254 43.36 -9.62 5.06
N PHE D 255 42.44 -9.85 6.00
CA PHE D 255 41.87 -8.77 6.78
C PHE D 255 42.99 -8.00 7.46
N GLY D 256 43.78 -8.69 8.29
CA GLY D 256 44.82 -8.05 9.09
C GLY D 256 45.86 -7.24 8.31
N LEU D 257 46.37 -7.84 7.25
CA LEU D 257 47.27 -7.15 6.36
C LEU D 257 46.65 -5.85 5.84
N THR D 258 45.37 -5.89 5.47
CA THR D 258 44.73 -4.72 4.89
C THR D 258 44.64 -3.61 5.92
N VAL D 259 44.43 -4.03 7.16
CA VAL D 259 44.32 -3.11 8.27
C VAL D 259 45.70 -2.67 8.72
N PHE D 260 46.66 -3.58 8.67
CA PHE D 260 48.03 -3.18 8.93
C PHE D 260 48.49 -2.13 7.89
N LEU D 261 48.23 -2.44 6.63
CA LEU D 261 48.58 -1.57 5.53
C LEU D 261 47.97 -0.17 5.70
N TRP D 262 46.80 -0.11 6.36
CA TRP D 262 46.03 1.14 6.53
C TRP D 262 46.61 2.06 7.62
N ILE D 263 46.91 1.44 8.75
CA ILE D 263 47.48 2.16 9.89
C ILE D 263 48.83 2.75 9.53
N PHE D 264 49.71 1.90 9.02
CA PHE D 264 51.06 2.28 8.66
C PHE D 264 51.16 2.81 7.24
N SER D 265 50.02 3.08 6.62
CA SER D 265 49.98 3.59 5.26
C SER D 265 51.03 4.67 5.04
N SER D 266 51.21 5.57 6.02
CA SER D 266 52.11 6.72 5.82
C SER D 266 53.56 6.39 5.43
N PRO D 267 54.30 5.65 6.29
CA PRO D 267 55.68 5.25 5.96
C PRO D 267 55.73 4.38 4.72
N ILE D 268 54.86 3.39 4.70
CA ILE D 268 54.71 2.49 3.55
C ILE D 268 54.50 3.26 2.24
N ASN D 269 53.50 4.15 2.19
CA ASN D 269 53.29 4.99 1.02
C ASN D 269 54.52 5.87 0.79
N ALA D 270 54.92 6.56 1.84
CA ALA D 270 56.11 7.39 1.80
C ALA D 270 57.23 6.58 1.15
N ALA D 271 57.41 5.36 1.63
CA ALA D 271 58.53 4.53 1.22
C ALA D 271 58.43 4.00 -0.22
N LEU D 272 57.27 4.07 -0.85
CA LEU D 272 57.15 3.68 -2.26
C LEU D 272 57.11 4.88 -3.23
N GLY D 273 57.22 6.10 -2.68
CA GLY D 273 56.93 7.32 -3.40
C GLY D 273 55.43 7.64 -3.36
N GLY D 274 54.93 8.43 -4.32
CA GLY D 274 53.50 8.60 -4.46
C GLY D 274 52.86 8.87 -3.11
N PHE D 275 51.85 8.09 -2.78
CA PHE D 275 51.05 7.45 -3.79
C PHE D 275 49.71 8.13 -4.02
N LYS D 276 49.40 9.15 -3.22
CA LYS D 276 48.16 9.90 -3.46
C LYS D 276 46.86 9.13 -3.19
N SER D 277 46.41 9.16 -1.93
CA SER D 277 45.20 8.44 -1.54
C SER D 277 45.49 6.96 -1.43
N PHE D 278 46.61 6.65 -0.80
CA PHE D 278 47.02 5.28 -0.55
C PHE D 278 45.88 4.40 0.02
N ASP D 279 45.19 4.93 1.03
CA ASP D 279 44.25 4.14 1.84
C ASP D 279 43.19 3.45 1.00
N THR D 280 42.86 4.07 -0.12
CA THR D 280 41.93 3.56 -1.12
C THR D 280 42.50 2.36 -1.90
N LEU D 281 43.73 2.52 -2.37
CA LEU D 281 44.45 1.46 -3.03
C LEU D 281 44.59 0.28 -2.08
N VAL D 282 45.00 0.57 -0.84
CA VAL D 282 44.96 -0.46 0.20
C VAL D 282 43.60 -1.17 0.24
N ALA D 283 42.54 -0.39 0.14
CA ALA D 283 41.19 -0.92 0.20
C ALA D 283 40.82 -1.64 -1.11
N LEU D 284 40.87 -0.90 -2.23
CA LEU D 284 40.72 -1.55 -3.54
C LEU D 284 41.65 -2.78 -3.61
N GLY D 285 42.78 -2.70 -2.92
CA GLY D 285 43.71 -3.80 -2.81
C GLY D 285 43.17 -4.99 -2.03
N ALA D 286 42.32 -4.71 -1.05
CA ALA D 286 41.64 -5.81 -0.36
C ALA D 286 40.67 -6.58 -1.30
N ILE D 287 39.78 -5.88 -2.00
CA ILE D 287 38.80 -6.63 -2.78
C ILE D 287 39.61 -7.49 -3.70
N LEU D 288 40.74 -6.97 -4.16
CA LEU D 288 41.63 -7.73 -5.07
C LEU D 288 42.20 -9.03 -4.48
N MSE D 289 42.77 -8.95 -3.28
CA MSE D 289 43.37 -10.11 -2.63
C MSE D 289 42.33 -11.05 -2.12
O MSE D 289 42.58 -12.23 -1.97
CB MSE D 289 44.23 -9.68 -1.44
CG MSE D 289 45.68 -9.41 -1.76
SE MSE D 289 46.57 -8.83 -0.14
CE MSE D 289 45.39 -7.35 0.33
N LEU D 290 41.17 -10.51 -1.79
CA LEU D 290 40.06 -11.30 -1.33
C LEU D 290 39.48 -12.17 -2.44
N SER D 291 39.30 -11.57 -3.61
CA SER D 291 38.72 -12.29 -4.73
C SER D 291 39.73 -13.19 -5.45
N PHE D 292 41.01 -12.85 -5.38
CA PHE D 292 42.06 -13.68 -5.95
C PHE D 292 42.28 -14.88 -5.05
N ALA D 293 42.08 -14.67 -3.75
CA ALA D 293 42.31 -15.71 -2.76
C ALA D 293 41.13 -16.65 -2.73
N ARG D 294 40.12 -16.37 -3.55
CA ARG D 294 38.94 -17.21 -3.68
C ARG D 294 38.10 -17.33 -2.38
N VAL D 295 38.25 -16.36 -1.49
CA VAL D 295 37.61 -16.42 -0.17
C VAL D 295 36.29 -15.64 -0.09
N VAL D 296 35.94 -14.97 -1.18
CA VAL D 296 34.63 -14.34 -1.31
C VAL D 296 34.25 -14.24 -2.78
N HIS D 297 32.96 -14.32 -3.09
CA HIS D 297 32.52 -14.19 -4.48
C HIS D 297 32.00 -12.77 -4.65
N TRP D 298 32.15 -12.22 -5.85
CA TRP D 298 31.68 -10.86 -6.09
C TRP D 298 30.18 -10.68 -5.90
N LYS D 299 29.40 -11.74 -6.12
CA LYS D 299 27.96 -11.68 -5.83
C LYS D 299 27.80 -11.16 -4.39
N GLU D 300 28.48 -11.82 -3.45
CA GLU D 300 28.37 -11.49 -2.05
C GLU D 300 28.94 -10.10 -1.71
N ILE D 301 29.83 -9.58 -2.55
CA ILE D 301 30.32 -8.21 -2.39
C ILE D 301 29.19 -7.30 -2.82
N GLN D 302 28.76 -7.47 -4.08
CA GLN D 302 27.65 -6.71 -4.63
C GLN D 302 26.37 -6.66 -3.77
N LYS D 303 26.06 -7.74 -3.06
CA LYS D 303 24.91 -7.74 -2.15
C LYS D 303 25.20 -6.93 -0.87
N THR D 304 26.15 -7.40 -0.07
CA THR D 304 26.58 -6.70 1.15
C THR D 304 26.86 -5.18 1.01
N ALA D 305 27.30 -4.76 -0.17
CA ALA D 305 27.63 -3.36 -0.43
C ALA D 305 26.39 -2.46 -0.43
N ASP D 306 26.33 -1.42 0.39
CA ASP D 306 25.17 -0.58 0.22
C ASP D 306 25.50 0.44 -0.83
N TRP D 307 25.00 0.18 -2.02
CA TRP D 307 25.27 1.02 -3.17
C TRP D 307 24.70 2.47 -3.07
N GLY D 308 23.74 2.68 -2.19
CA GLY D 308 23.06 3.96 -2.13
C GLY D 308 23.68 4.89 -1.09
N VAL D 309 24.52 4.34 -0.23
CA VAL D 309 25.30 5.14 0.69
C VAL D 309 26.49 5.71 -0.08
N LEU D 310 27.09 4.85 -0.90
CA LEU D 310 28.18 5.24 -1.77
C LEU D 310 27.68 6.29 -2.72
N LEU D 311 26.44 6.15 -3.13
CA LEU D 311 25.86 7.14 -4.01
C LEU D 311 25.69 8.43 -3.23
N LEU D 312 25.30 8.27 -1.97
CA LEU D 312 25.00 9.38 -1.06
C LEU D 312 26.22 10.23 -0.77
N PHE D 313 27.35 9.55 -0.57
CA PHE D 313 28.63 10.18 -0.35
C PHE D 313 28.80 11.26 -1.39
N GLY D 314 28.82 10.85 -2.65
CA GLY D 314 28.88 11.76 -3.77
C GLY D 314 27.83 12.86 -3.79
N GLY D 315 26.63 12.57 -3.29
CA GLY D 315 25.61 13.59 -3.24
C GLY D 315 26.11 14.74 -2.40
N GLY D 316 26.62 14.39 -1.22
CA GLY D 316 27.06 15.35 -0.22
C GLY D 316 28.31 16.05 -0.68
N LEU D 317 29.16 15.33 -1.40
CA LEU D 317 30.32 15.99 -1.99
C LEU D 317 29.83 17.06 -2.98
N CYS D 318 28.92 16.70 -3.88
CA CYS D 318 28.42 17.68 -4.84
C CYS D 318 27.79 18.88 -4.12
N LEU D 319 27.08 18.61 -3.03
CA LEU D 319 26.42 19.67 -2.28
C LEU D 319 27.45 20.70 -1.91
N SER D 320 28.55 20.22 -1.32
CA SER D 320 29.64 21.07 -0.83
C SER D 320 30.14 22.00 -1.95
N ASN D 321 30.51 21.42 -3.07
CA ASN D 321 30.96 22.21 -4.18
C ASN D 321 29.90 23.19 -4.65
N VAL D 322 28.64 22.91 -4.33
CA VAL D 322 27.60 23.85 -4.71
C VAL D 322 27.70 25.03 -3.77
N LEU D 323 27.76 24.72 -2.47
CA LEU D 323 27.80 25.75 -1.46
C LEU D 323 28.97 26.67 -1.77
N LYS D 324 30.01 26.10 -2.37
CA LYS D 324 31.22 26.84 -2.73
C LYS D 324 31.07 27.67 -4.00
N GLN D 325 30.93 27.02 -5.13
CA GLN D 325 30.85 27.76 -6.37
C GLN D 325 29.86 28.90 -6.29
N THR D 326 28.75 28.65 -5.60
CA THR D 326 27.67 29.61 -5.48
C THR D 326 28.06 30.84 -4.69
N GLY D 327 28.91 30.66 -3.68
CA GLY D 327 29.38 31.75 -2.85
C GLY D 327 28.68 31.76 -1.52
N THR D 328 27.73 30.83 -1.39
CA THR D 328 26.93 30.65 -0.18
C THR D 328 27.82 30.41 1.04
N SER D 329 28.80 29.52 0.91
CA SER D 329 29.61 29.09 2.06
C SER D 329 30.38 30.23 2.67
N VAL D 330 30.76 31.19 1.84
CA VAL D 330 31.44 32.43 2.27
C VAL D 330 30.46 33.46 2.86
N PHE D 331 29.36 33.67 2.15
CA PHE D 331 28.24 34.51 2.59
C PHE D 331 27.80 34.12 3.99
N LEU D 332 27.53 32.84 4.20
CA LEU D 332 27.17 32.34 5.52
C LEU D 332 28.14 32.84 6.59
N ALA D 333 29.44 32.57 6.37
CA ALA D 333 30.52 32.93 7.30
C ALA D 333 30.62 34.44 7.53
N ASN D 334 30.39 35.21 6.48
CA ASN D 334 30.22 36.64 6.60
C ASN D 334 29.12 36.99 7.60
N ALA D 335 27.91 36.53 7.34
CA ALA D 335 26.81 36.77 8.26
C ALA D 335 27.08 36.11 9.62
N LEU D 336 27.68 34.92 9.60
CA LEU D 336 27.98 34.22 10.84
C LEU D 336 29.01 34.97 11.71
N SER D 337 29.82 35.82 11.08
CA SER D 337 31.06 36.39 11.66
C SER D 337 30.99 37.05 13.03
N ASP D 338 30.34 38.19 13.10
CA ASP D 338 30.28 38.94 14.35
C ASP D 338 29.90 38.02 15.50
N MSE D 339 28.89 37.20 15.25
CA MSE D 339 28.35 36.26 16.23
C MSE D 339 29.42 35.30 16.75
O MSE D 339 29.57 35.13 17.95
CB MSE D 339 27.20 35.47 15.60
CG MSE D 339 26.58 34.39 16.49
SE MSE D 339 24.97 33.61 15.69
CE MSE D 339 23.83 35.20 15.63
N VAL D 340 30.14 34.68 15.83
CA VAL D 340 31.06 33.60 16.21
C VAL D 340 32.30 34.10 16.97
N SER D 341 32.85 35.23 16.52
CA SER D 341 34.02 35.83 17.16
C SER D 341 33.82 36.06 18.66
N HIS D 342 32.57 36.25 19.08
CA HIS D 342 32.25 36.42 20.49
C HIS D 342 32.20 35.10 21.27
N MSE D 343 31.77 34.02 20.61
CA MSE D 343 31.43 32.80 21.34
C MSE D 343 32.55 31.77 21.54
O MSE D 343 33.04 31.59 22.66
CB MSE D 343 30.13 32.13 20.79
CG MSE D 343 29.97 31.95 19.26
SE MSE D 343 28.17 31.28 18.66
CE MSE D 343 28.29 29.42 19.23
N GLY D 344 32.96 31.12 20.45
CA GLY D 344 33.77 29.91 20.53
C GLY D 344 35.26 30.07 20.77
N ILE D 345 36.01 29.00 20.51
CA ILE D 345 35.43 27.76 20.00
C ILE D 345 34.67 26.94 21.02
N PHE D 346 34.94 27.15 22.31
CA PHE D 346 34.34 26.28 23.31
C PHE D 346 32.81 26.34 23.38
N VAL D 347 32.23 27.50 23.13
CA VAL D 347 30.78 27.53 23.06
C VAL D 347 30.35 26.98 21.72
N VAL D 348 31.02 27.42 20.67
CA VAL D 348 30.74 26.90 19.34
C VAL D 348 30.68 25.35 19.25
N ILE D 349 31.63 24.66 19.88
CA ILE D 349 31.65 23.20 19.80
C ILE D 349 30.77 22.57 20.86
N LEU D 350 30.44 23.28 21.91
CA LEU D 350 29.43 22.76 22.82
C LEU D 350 28.14 22.70 22.01
N VAL D 351 27.87 23.79 21.30
CA VAL D 351 26.64 24.00 20.56
C VAL D 351 26.47 23.08 19.37
N VAL D 352 27.54 22.83 18.63
CA VAL D 352 27.41 21.94 17.49
C VAL D 352 27.28 20.54 18.04
N ALA D 353 27.97 20.28 19.14
CA ALA D 353 27.93 18.96 19.75
C ALA D 353 26.57 18.70 20.37
N THR D 354 25.72 19.72 20.34
CA THR D 354 24.34 19.62 20.82
C THR D 354 23.38 19.27 19.67
N PHE D 355 23.92 18.94 18.52
CA PHE D 355 23.14 18.19 17.52
C PHE D 355 23.35 16.65 17.63
N VAL D 356 24.05 16.25 18.69
CA VAL D 356 23.94 14.90 19.24
C VAL D 356 22.49 14.56 19.66
N VAL D 357 21.77 15.53 20.20
CA VAL D 357 20.34 15.36 20.51
C VAL D 357 19.61 15.20 19.15
N PHE D 358 20.13 15.82 18.09
CA PHE D 358 19.43 15.92 16.80
C PHE D 358 19.42 14.72 15.83
N LEU D 359 20.34 13.77 15.99
CA LEU D 359 20.26 12.52 15.24
C LEU D 359 19.17 11.59 15.83
N THR D 360 18.61 11.91 17.00
CA THR D 360 17.61 11.04 17.63
C THR D 360 16.21 11.26 17.02
N GLU D 361 15.90 12.51 16.66
CA GLU D 361 14.68 12.86 15.94
C GLU D 361 14.98 12.35 14.59
N PHE D 362 14.22 12.72 13.56
CA PHE D 362 14.48 12.04 12.30
C PHE D 362 15.98 12.16 12.02
N ALA D 363 16.66 11.02 11.93
CA ALA D 363 18.10 11.07 11.75
C ALA D 363 18.50 10.60 10.38
N SER D 364 18.66 9.30 10.24
CA SER D 364 19.58 8.87 9.23
C SER D 364 20.84 9.65 9.60
N ASN D 365 21.54 9.19 10.63
CA ASN D 365 22.76 9.84 11.03
C ASN D 365 23.53 10.18 9.77
N THR D 366 23.59 9.24 8.86
CA THR D 366 24.08 9.46 7.51
C THR D 366 23.57 10.75 6.92
N ALA D 367 22.26 10.83 6.69
CA ALA D 367 21.67 12.03 6.09
C ALA D 367 21.90 13.30 6.90
N SER D 368 21.93 13.15 8.23
CA SER D 368 22.33 14.25 9.13
C SER D 368 23.73 14.74 8.80
N ALA D 369 24.71 13.85 8.99
CA ALA D 369 26.09 14.09 8.55
C ALA D 369 26.15 14.61 7.10
N ALA D 370 25.47 13.90 6.19
CA ALA D 370 25.42 14.34 4.80
C ALA D 370 25.05 15.83 4.65
N LEU D 371 24.08 16.31 5.42
CA LEU D 371 23.64 17.72 5.35
C LEU D 371 24.65 18.70 5.95
N LEU D 372 25.04 18.43 7.21
CA LEU D 372 25.76 19.40 8.05
C LEU D 372 27.27 19.56 7.77
N ILE D 373 27.98 18.45 7.59
CA ILE D 373 29.42 18.50 7.43
C ILE D 373 29.85 19.40 6.29
N PRO D 374 29.13 19.35 5.18
CA PRO D 374 29.56 20.25 4.09
C PRO D 374 29.40 21.73 4.47
N VAL D 375 28.38 22.01 5.27
CA VAL D 375 28.02 23.36 5.63
C VAL D 375 29.04 23.85 6.63
N PHE D 376 29.32 23.03 7.64
CA PHE D 376 30.19 23.48 8.71
C PHE D 376 31.66 23.46 8.34
N ALA D 377 32.07 22.48 7.56
CA ALA D 377 33.46 22.42 7.08
C ALA D 377 33.76 23.55 6.11
N THR D 378 32.88 23.82 5.17
CA THR D 378 33.15 24.85 4.19
C THR D 378 32.98 26.26 4.71
N VAL D 379 32.33 26.44 5.87
CA VAL D 379 32.36 27.77 6.48
C VAL D 379 33.66 27.97 7.26
N ALA D 380 34.06 26.94 7.99
CA ALA D 380 35.29 26.99 8.75
C ALA D 380 36.42 27.28 7.76
N GLU D 381 36.13 27.10 6.49
CA GLU D 381 37.13 27.35 5.44
C GLU D 381 37.25 28.83 5.05
N ALA D 382 36.16 29.57 5.16
CA ALA D 382 36.20 30.99 4.86
C ALA D 382 36.57 31.77 6.11
N PHE D 383 36.65 31.07 7.24
CA PHE D 383 37.23 31.63 8.44
C PHE D 383 38.70 31.24 8.46
N GLY D 384 39.05 30.31 7.59
CA GLY D 384 40.43 29.86 7.51
C GLY D 384 40.88 29.09 8.74
N MSE D 385 39.96 28.32 9.32
CA MSE D 385 40.34 27.31 10.31
C MSE D 385 40.25 25.95 9.63
O MSE D 385 39.86 25.86 8.47
CB MSE D 385 39.44 27.38 11.54
CG MSE D 385 38.21 26.48 11.47
SE MSE D 385 37.50 26.00 13.23
CE MSE D 385 36.22 27.47 13.47
N SER D 386 40.59 24.89 10.36
CA SER D 386 40.55 23.57 9.75
C SER D 386 39.17 22.96 9.77
N PRO D 387 38.68 22.58 8.59
CA PRO D 387 37.38 21.94 8.44
C PRO D 387 37.37 20.66 9.24
N VAL D 388 38.54 20.23 9.71
CA VAL D 388 38.61 18.96 10.41
C VAL D 388 37.87 18.83 11.73
N LEU D 389 38.07 19.78 12.65
CA LEU D 389 37.48 19.64 13.97
C LEU D 389 35.98 19.53 13.92
N LEU D 390 35.34 20.53 13.34
CA LEU D 390 33.89 20.48 13.22
C LEU D 390 33.44 19.24 12.47
N SER D 391 34.03 19.04 11.29
CA SER D 391 33.68 17.89 10.44
C SER D 391 33.81 16.54 11.15
N VAL D 392 34.85 16.33 11.92
CA VAL D 392 34.88 15.11 12.72
C VAL D 392 33.73 15.11 13.74
N LEU D 393 33.67 16.14 14.58
CA LEU D 393 32.71 16.18 15.67
C LEU D 393 31.33 15.92 15.12
N ILE D 394 30.90 16.73 14.14
CA ILE D 394 29.55 16.59 13.61
C ILE D 394 29.32 15.11 13.31
N ALA D 395 30.24 14.51 12.57
CA ALA D 395 30.15 13.09 12.24
C ALA D 395 30.20 12.16 13.46
N VAL D 396 31.11 12.39 14.39
CA VAL D 396 31.12 11.55 15.60
C VAL D 396 29.82 11.68 16.43
N ALA D 397 29.22 12.86 16.40
CA ALA D 397 28.02 13.11 17.16
C ALA D 397 26.83 12.36 16.53
N ALA D 398 26.73 12.42 15.21
CA ALA D 398 25.61 11.78 14.51
C ALA D 398 25.48 10.29 14.84
N SER D 399 26.57 9.66 15.28
CA SER D 399 26.54 8.23 15.59
C SER D 399 26.05 8.03 17.02
N CYS D 400 25.89 9.13 17.74
CA CYS D 400 25.58 9.05 19.15
C CYS D 400 24.11 8.81 19.40
N ALA D 401 23.35 8.63 18.32
CA ALA D 401 21.89 8.47 18.44
C ALA D 401 21.46 7.27 19.31
N PHE D 402 20.80 7.64 20.40
CA PHE D 402 20.29 6.71 21.39
C PHE D 402 18.96 7.34 21.72
N MSE D 403 18.29 6.72 22.69
CA MSE D 403 17.11 7.27 23.34
C MSE D 403 15.81 7.10 22.62
O MSE D 403 14.75 7.25 23.22
CB MSE D 403 17.32 8.76 23.56
CG MSE D 403 16.57 9.37 24.72
SE MSE D 403 17.00 11.25 24.69
CE MSE D 403 16.25 11.63 22.94
N LEU D 404 15.84 6.84 21.32
CA LEU D 404 14.63 6.32 20.71
C LEU D 404 14.82 5.44 19.47
N PRO D 405 14.05 4.37 19.37
CA PRO D 405 13.90 3.92 18.00
C PRO D 405 12.90 4.90 17.39
N VAL D 406 13.15 5.37 16.17
CA VAL D 406 14.37 5.10 15.47
C VAL D 406 14.38 6.25 14.47
N ALA D 407 15.51 6.57 13.81
CA ALA D 407 16.76 5.80 13.83
C ALA D 407 17.58 6.06 15.11
N THR D 408 18.81 5.52 15.22
CA THR D 408 19.41 4.52 14.33
C THR D 408 18.89 3.07 14.52
N PRO D 409 18.78 2.31 13.40
CA PRO D 409 18.29 0.93 13.37
C PRO D 409 18.76 -0.03 14.48
N PRO D 410 20.04 -0.02 14.89
CA PRO D 410 20.24 -1.00 15.97
C PRO D 410 19.17 -0.86 17.07
N ASN D 411 18.82 0.37 17.37
CA ASN D 411 17.71 0.61 18.29
C ASN D 411 16.47 -0.13 17.82
N ALA D 412 16.01 0.16 16.61
CA ALA D 412 14.86 -0.54 16.02
C ALA D 412 15.05 -2.04 16.19
N ILE D 413 16.19 -2.56 15.78
CA ILE D 413 16.47 -3.98 15.90
C ILE D 413 16.15 -4.51 17.30
N VAL D 414 16.72 -3.89 18.30
CA VAL D 414 16.49 -4.35 19.67
C VAL D 414 15.08 -4.05 20.17
N PHE D 415 14.41 -3.06 19.58
CA PHE D 415 13.12 -2.63 20.10
C PHE D 415 12.04 -3.69 19.93
N ALA D 416 12.12 -4.42 18.81
CA ALA D 416 11.25 -5.57 18.64
C ALA D 416 11.59 -6.63 19.68
N SER D 417 10.62 -7.48 19.96
CA SER D 417 10.72 -8.51 20.98
C SER D 417 10.96 -8.12 22.44
N GLY D 418 11.75 -8.95 23.14
CA GLY D 418 11.47 -9.25 24.54
C GLY D 418 11.59 -8.12 25.53
N HIS D 419 10.48 -7.79 26.18
CA HIS D 419 10.43 -6.65 27.10
C HIS D 419 11.26 -5.45 26.59
N ILE D 420 10.79 -4.86 25.49
CA ILE D 420 11.31 -3.58 25.00
C ILE D 420 10.90 -2.52 26.01
N LYS D 421 11.05 -1.24 25.69
CA LYS D 421 10.71 -0.22 26.69
C LYS D 421 9.87 0.94 26.18
N GLN D 422 10.47 1.64 25.23
CA GLN D 422 10.02 2.81 24.49
C GLN D 422 10.10 4.15 25.24
N SER D 423 9.98 4.11 26.57
CA SER D 423 10.28 5.26 27.40
C SER D 423 11.49 4.98 28.25
N GLU D 424 11.93 3.73 28.25
CA GLU D 424 13.14 3.36 28.97
C GLU D 424 14.39 3.64 28.08
N MSE D 425 14.21 3.45 26.77
CA MSE D 425 15.13 4.03 25.83
C MSE D 425 15.12 5.54 26.12
O MSE D 425 16.16 6.14 26.42
CB MSE D 425 14.70 3.75 24.39
CG MSE D 425 15.55 2.72 23.65
SE MSE D 425 15.51 2.95 21.68
CE MSE D 425 17.10 4.04 21.48
N MSE D 426 13.93 6.14 26.05
CA MSE D 426 13.78 7.60 26.21
C MSE D 426 14.54 8.20 27.42
O MSE D 426 15.31 9.15 27.28
CB MSE D 426 12.29 7.95 26.33
CG MSE D 426 11.49 7.66 25.10
SE MSE D 426 10.88 9.32 24.34
CE MSE D 426 12.05 10.52 25.36
N ARG D 427 14.29 7.64 28.61
CA ARG D 427 14.99 8.07 29.81
C ARG D 427 16.46 7.85 29.61
N VAL D 428 16.86 6.59 29.59
CA VAL D 428 18.27 6.20 29.53
C VAL D 428 19.09 6.91 28.44
N GLY D 429 18.52 7.02 27.24
CA GLY D 429 19.23 7.65 26.16
C GLY D 429 19.50 9.12 26.40
N LEU D 430 18.82 9.70 27.37
CA LEU D 430 18.97 11.12 27.67
C LEU D 430 20.23 11.37 28.51
N TYR D 431 20.46 10.52 29.49
CA TYR D 431 21.62 10.67 30.35
C TYR D 431 22.90 10.32 29.60
N LEU D 432 22.77 9.41 28.64
CA LEU D 432 23.90 9.04 27.81
C LEU D 432 24.22 10.14 26.79
N ASN D 433 23.19 10.53 26.04
CA ASN D 433 23.28 11.58 25.04
C ASN D 433 23.91 12.85 25.60
N ILE D 434 23.70 13.09 26.89
CA ILE D 434 24.27 14.25 27.57
C ILE D 434 25.72 14.00 27.96
N ALA D 435 25.98 12.85 28.57
CA ALA D 435 27.36 12.52 28.93
C ALA D 435 28.19 12.41 27.63
N CYS D 436 27.48 12.29 26.51
CA CYS D 436 28.12 12.33 25.20
C CYS D 436 28.48 13.76 24.87
N ILE D 437 27.46 14.59 24.72
CA ILE D 437 27.61 16.02 24.40
C ILE D 437 28.65 16.65 25.32
N GLY D 438 28.70 16.18 26.56
CA GLY D 438 29.81 16.53 27.44
C GLY D 438 31.16 15.94 27.03
N LEU D 439 31.23 14.62 26.98
CA LEU D 439 32.48 13.92 26.69
C LEU D 439 33.11 14.38 25.37
N LEU D 440 32.27 14.59 24.36
CA LEU D 440 32.77 15.05 23.06
C LEU D 440 33.36 16.43 23.19
N THR D 441 32.58 17.37 23.73
CA THR D 441 33.10 18.71 23.97
C THR D 441 34.47 18.61 24.64
N ALA D 442 34.58 17.72 25.63
CA ALA D 442 35.82 17.53 26.38
C ALA D 442 37.02 17.19 25.50
N ILE D 443 36.89 16.11 24.75
CA ILE D 443 37.94 15.61 23.86
C ILE D 443 38.26 16.62 22.78
N ALA D 444 37.21 17.12 22.10
CA ALA D 444 37.36 18.09 21.04
C ALA D 444 38.31 19.20 21.47
N MSE D 445 38.10 19.67 22.70
CA MSE D 445 38.96 20.67 23.34
C MSE D 445 40.42 20.20 23.48
O MSE D 445 41.34 20.99 23.27
CB MSE D 445 38.39 21.06 24.71
CG MSE D 445 38.19 22.56 24.92
SE MSE D 445 37.87 23.59 23.29
CE MSE D 445 36.34 22.57 22.59
N LEU D 446 40.64 18.94 23.86
CA LEU D 446 42.01 18.47 24.06
C LEU D 446 42.80 18.46 22.77
N PHE D 447 42.30 17.79 21.74
CA PHE D 447 42.96 17.74 20.43
C PHE D 447 43.11 19.15 19.84
N TRP D 448 42.45 20.12 20.45
CA TRP D 448 42.56 21.51 20.04
C TRP D 448 43.85 22.06 20.69
N GLN D 449 44.58 21.18 21.36
CA GLN D 449 45.85 21.52 21.98
C GLN D 449 46.96 20.56 21.56
NA NA E . 18.39 -5.69 -23.56
C1 BNG F . 57.67 1.09 -12.42
C2 BNG F . 57.51 2.56 -12.74
C3 BNG F . 58.61 3.22 -13.34
C4 BNG F . 59.95 2.70 -13.03
C5 BNG F . 60.02 1.19 -12.97
C6 BNG F . 61.37 0.70 -12.47
C1' BNG F . 56.73 -0.66 -11.00
C2' BNG F . 55.71 -1.09 -9.95
C3' BNG F . 54.49 -1.80 -10.41
C4' BNG F . 53.72 -2.71 -9.46
C5' BNG F . 52.29 -3.10 -9.87
C6' BNG F . 51.45 -4.01 -8.92
C7' BNG F . 49.93 -3.85 -8.88
C8' BNG F . 49.08 -5.10 -8.60
C9' BNG F . 48.20 -5.17 -7.35
O1 BNG F . 56.85 0.71 -11.34
O2 BNG F . 56.50 2.70 -13.70
O3 BNG F . 58.56 4.57 -12.92
O4 BNG F . 60.84 3.18 -13.99
O5 BNG F . 59.04 0.64 -12.14
O6 BNG F . 61.49 -0.56 -11.87
C1 CIT G . -28.10 17.68 8.82
O1 CIT G . -27.73 17.72 10.01
O2 CIT G . -28.24 18.75 8.19
C2 CIT G . -28.40 16.35 8.15
C3 CIT G . -27.27 15.92 7.21
O7 CIT G . -27.70 14.80 6.40
C4 CIT G . -26.89 17.06 6.29
C5 CIT G . -27.71 16.99 5.03
O3 CIT G . -28.96 17.03 5.06
O4 CIT G . -27.14 16.88 3.93
C6 CIT G . -26.05 15.48 8.00
O5 CIT G . -26.20 15.00 9.16
O6 CIT G . -24.90 15.57 7.50
NA NA H . -31.74 17.65 1.35
C1 BNG I . -34.28 -1.95 37.00
C2 BNG I . -34.06 -1.94 38.49
C3 BNG I . -35.18 -2.39 39.23
C4 BNG I . -36.44 -1.80 38.81
C5 BNG I . -36.61 -1.91 37.31
C6 BNG I . -37.92 -1.29 36.83
C1' BNG I . -31.85 -1.77 36.47
C2' BNG I . -30.85 -1.83 35.32
C3' BNG I . -30.37 -0.56 34.68
C4' BNG I . -28.98 -0.01 35.00
C5' BNG I . -28.89 1.50 35.33
C6' BNG I . -27.51 2.23 35.46
C7' BNG I . -27.38 3.62 34.83
C8' BNG I . -26.42 3.84 33.64
C9' BNG I . -26.63 5.06 32.75
O1 BNG I . -33.20 -1.38 36.27
O2 BNG I . -33.04 -2.85 38.84
O3 BNG I . -34.99 -1.99 40.58
O4 BNG I . -37.49 -2.48 39.46
O5 BNG I . -35.55 -1.31 36.64
O6 BNG I . -39.09 -1.88 37.27
C1 CIT J . -18.62 -15.72 0.61
O1 CIT J . -18.67 -15.61 -0.64
O2 CIT J . -17.88 -16.61 1.11
C2 CIT J . -19.43 -14.84 1.53
C3 CIT J . -18.89 -13.42 1.66
O7 CIT J . -19.45 -12.84 2.86
C4 CIT J . -17.38 -13.41 1.80
C5 CIT J . -17.00 -13.47 3.26
O3 CIT J . -17.19 -14.50 3.95
O4 CIT J . -16.49 -12.47 3.81
C6 CIT J . -19.31 -12.57 0.47
O5 CIT J . -20.43 -12.71 -0.07
O6 CIT J . -18.53 -11.68 0.06
NA NA K . -15.56 -14.55 8.14
C1 CIT L . 22.55 5.23 9.47
O1 CIT L . 21.77 6.08 8.99
O2 CIT L . 22.42 4.94 10.68
C2 CIT L . 23.65 4.61 8.63
C3 CIT L . 23.20 3.47 7.69
O7 CIT L . 24.36 3.03 6.90
C4 CIT L . 22.64 2.27 8.47
C5 CIT L . 23.62 1.87 9.55
O3 CIT L . 23.83 2.63 10.53
O4 CIT L . 24.24 0.79 9.51
C6 CIT L . 22.19 3.98 6.67
O5 CIT L . 22.51 4.87 5.84
O6 CIT L . 21.03 3.49 6.65
NA NA M . 29.82 0.12 11.99
C1 BNG N . 20.38 31.12 -13.95
C2 BNG N . 20.02 32.52 -14.40
C3 BNG N . 21.16 33.24 -14.84
C4 BNG N . 22.19 33.28 -13.80
C5 BNG N . 22.59 31.88 -13.40
C6 BNG N . 23.65 31.88 -12.31
C1' BNG N . 18.57 29.70 -14.59
C2' BNG N . 17.33 28.90 -14.25
C3' BNG N . 17.37 27.43 -14.43
C4' BNG N . 16.28 26.63 -13.73
C5' BNG N . 16.28 25.10 -13.88
C6' BNG N . 15.89 24.24 -12.65
C7' BNG N . 15.55 22.77 -12.88
C8' BNG N . 15.50 21.86 -11.64
C9' BNG N . 15.36 20.35 -11.85
O1 BNG N . 19.25 30.37 -13.56
O2 BNG N . 19.09 32.42 -15.46
O3 BNG N . 20.82 34.60 -15.11
O4 BNG N . 23.30 34.01 -14.27
O5 BNG N . 21.50 31.11 -12.96
O6 BNG N . 24.20 30.66 -11.94
#